data_4M03
# 
_entry.id   4M03 
# 
_audit_conform.dict_name       mmcif_pdbx.dic 
_audit_conform.dict_version    5.381 
_audit_conform.dict_location   http://mmcif.pdb.org/dictionaries/ascii/mmcif_pdbx.dic 
# 
loop_
_database_2.database_id 
_database_2.database_code 
_database_2.pdbx_database_accession 
_database_2.pdbx_DOI 
PDB   4M03         pdb_00004m03 10.2210/pdb4m03/pdb 
RCSB  RCSB081296   ?            ?                   
WWPDB D_1000081296 ?            ?                   
# 
loop_
_pdbx_database_related.db_name 
_pdbx_database_related.db_id 
_pdbx_database_related.details 
_pdbx_database_related.content_type 
PDB 4M00 . unspecified 
PDB 4M01 . unspecified 
PDB 4M02 . unspecified 
# 
_pdbx_database_status.status_code                     REL 
_pdbx_database_status.entry_id                        4M03 
_pdbx_database_status.recvd_initial_deposition_date   2013-08-01 
_pdbx_database_status.deposit_site                    RCSB 
_pdbx_database_status.process_site                    PDBJ 
_pdbx_database_status.methods_development_category    ? 
_pdbx_database_status.status_code_sf                  REL 
_pdbx_database_status.status_code_mr                  ? 
_pdbx_database_status.SG_entry                        ? 
_pdbx_database_status.status_code_cs                  ? 
_pdbx_database_status.pdb_format_compatible           Y 
_pdbx_database_status.status_code_nmr_data            ? 
# 
loop_
_audit_author.name 
_audit_author.pdbx_ordinal 
'Yang, Y.H.'  1 
'Jiang, Y.L.' 2 
'Zhang, J.'   3 
'Wang, L.'    4 
'Chen, Y.'    5 
'Zhou, C.Z.'  6 
# 
_citation.id                        primary 
_citation.title                     'Structural Insights into SraP-Mediated Staphylococcus aureus Adhesion to Host Cells' 
_citation.journal_abbrev            'Plos Pathog.' 
_citation.journal_volume            10 
_citation.page_first                e1004169 
_citation.page_last                 e1004169 
_citation.year                      2014 
_citation.journal_id_ASTM           ? 
_citation.country                   US 
_citation.journal_id_ISSN           1553-7366 
_citation.journal_id_CSD            ? 
_citation.book_publisher            ? 
_citation.pdbx_database_id_PubMed   24901708 
_citation.pdbx_database_id_DOI      10.1371/journal.ppat.1004169 
# 
loop_
_citation_author.citation_id 
_citation_author.name 
_citation_author.ordinal 
_citation_author.identifier_ORCID 
primary 'Yang, Y.H.'  1  ? 
primary 'Jiang, Y.L.' 2  ? 
primary 'Zhang, J.'   3  ? 
primary 'Wang, L.'    4  ? 
primary 'Bai, X.H.'   5  ? 
primary 'Zhang, S.J.' 6  ? 
primary 'Ren, Y.M.'   7  ? 
primary 'Li, N.'      8  ? 
primary 'Zhang, Y.H.' 9  ? 
primary 'Zhang, Z.'   10 ? 
primary 'Gong, Q.'    11 ? 
primary 'Mei, Y.'     12 ? 
primary 'Xue, T.'     13 ? 
primary 'Zhang, J.R.' 14 ? 
primary 'Chen, Y.'    15 ? 
primary 'Zhou, C.Z.'  16 ? 
# 
_cell.entry_id           4M03 
_cell.length_a           34.756 
_cell.length_b           34.756 
_cell.length_c           237.725 
_cell.angle_alpha        90.00 
_cell.angle_beta         90.00 
_cell.angle_gamma        120.00 
_cell.Z_PDB              6 
_cell.pdbx_unique_axis   ? 
_cell.length_a_esd       ? 
_cell.length_b_esd       ? 
_cell.length_c_esd       ? 
_cell.angle_alpha_esd    ? 
_cell.angle_beta_esd     ? 
_cell.angle_gamma_esd    ? 
# 
_symmetry.entry_id                         4M03 
_symmetry.space_group_name_H-M             'P 31 2 1' 
_symmetry.pdbx_full_space_group_name_H-M   ? 
_symmetry.cell_setting                     ? 
_symmetry.Int_Tables_number                152 
_symmetry.space_group_name_Hall            ? 
# 
loop_
_entity.id 
_entity.type 
_entity.src_method 
_entity.pdbx_description 
_entity.formula_weight 
_entity.pdbx_number_of_molecules 
_entity.pdbx_ec 
_entity.pdbx_mutation 
_entity.pdbx_fragment 
_entity.details 
1 polymer     man 'Serine-rich adhesin for platelets' 21501.463 1 ? ? 
'C-terminal fragment of binding region, UNP residues 576-751' ? 
2 non-polymer syn 'CALCIUM ION'                       40.078    1 ? ? ? ? 
3 water       nat water                               18.015    8 ? ? ? ? 
# 
_entity_name_com.entity_id   1 
_entity_name_com.name        'Staphylococcus aureus surface protein A' 
# 
_entity_poly.entity_id                      1 
_entity_poly.type                           'polypeptide(L)' 
_entity_poly.nstd_linkage                   no 
_entity_poly.nstd_monomer                   no 
_entity_poly.pdbx_seq_one_letter_code       
;MGSSHHHHHHSSGLVPRGSHMASMTGGQQMGRGSAPTVTVGNQTIEVGKTMNPIVLTTTDNGTGTVTNTVTGLPSGLSYD
SATNSIIGTPTKIGQSTVTVVSTDQANNKSTTTFTINVVDTTAPTVTPIGDQSSEVYSPISPIKIATQDNSGNAVTNTVT
GLPSGLTFDSTNNTISGTPTNIGTSTISIVSTDASGNKTTTTFKYEVTRN
;
_entity_poly.pdbx_seq_one_letter_code_can   
;MGSSHHHHHHSSGLVPRGSHMASMTGGQQMGRGSAPTVTVGNQTIEVGKTMNPIVLTTTDNGTGTVTNTVTGLPSGLSYD
SATNSIIGTPTKIGQSTVTVVSTDQANNKSTTTFTINVVDTTAPTVTPIGDQSSEVYSPISPIKIATQDNSGNAVTNTVT
GLPSGLTFDSTNNTISGTPTNIGTSTISIVSTDASGNKTTTTFKYEVTRN
;
_entity_poly.pdbx_strand_id                 A 
_entity_poly.pdbx_target_identifier         ? 
# 
loop_
_entity_poly_seq.entity_id 
_entity_poly_seq.num 
_entity_poly_seq.mon_id 
_entity_poly_seq.hetero 
1 1   MET n 
1 2   GLY n 
1 3   SER n 
1 4   SER n 
1 5   HIS n 
1 6   HIS n 
1 7   HIS n 
1 8   HIS n 
1 9   HIS n 
1 10  HIS n 
1 11  SER n 
1 12  SER n 
1 13  GLY n 
1 14  LEU n 
1 15  VAL n 
1 16  PRO n 
1 17  ARG n 
1 18  GLY n 
1 19  SER n 
1 20  HIS n 
1 21  MET n 
1 22  ALA n 
1 23  SER n 
1 24  MET n 
1 25  THR n 
1 26  GLY n 
1 27  GLY n 
1 28  GLN n 
1 29  GLN n 
1 30  MET n 
1 31  GLY n 
1 32  ARG n 
1 33  GLY n 
1 34  SER n 
1 35  ALA n 
1 36  PRO n 
1 37  THR n 
1 38  VAL n 
1 39  THR n 
1 40  VAL n 
1 41  GLY n 
1 42  ASN n 
1 43  GLN n 
1 44  THR n 
1 45  ILE n 
1 46  GLU n 
1 47  VAL n 
1 48  GLY n 
1 49  LYS n 
1 50  THR n 
1 51  MET n 
1 52  ASN n 
1 53  PRO n 
1 54  ILE n 
1 55  VAL n 
1 56  LEU n 
1 57  THR n 
1 58  THR n 
1 59  THR n 
1 60  ASP n 
1 61  ASN n 
1 62  GLY n 
1 63  THR n 
1 64  GLY n 
1 65  THR n 
1 66  VAL n 
1 67  THR n 
1 68  ASN n 
1 69  THR n 
1 70  VAL n 
1 71  THR n 
1 72  GLY n 
1 73  LEU n 
1 74  PRO n 
1 75  SER n 
1 76  GLY n 
1 77  LEU n 
1 78  SER n 
1 79  TYR n 
1 80  ASP n 
1 81  SER n 
1 82  ALA n 
1 83  THR n 
1 84  ASN n 
1 85  SER n 
1 86  ILE n 
1 87  ILE n 
1 88  GLY n 
1 89  THR n 
1 90  PRO n 
1 91  THR n 
1 92  LYS n 
1 93  ILE n 
1 94  GLY n 
1 95  GLN n 
1 96  SER n 
1 97  THR n 
1 98  VAL n 
1 99  THR n 
1 100 VAL n 
1 101 VAL n 
1 102 SER n 
1 103 THR n 
1 104 ASP n 
1 105 GLN n 
1 106 ALA n 
1 107 ASN n 
1 108 ASN n 
1 109 LYS n 
1 110 SER n 
1 111 THR n 
1 112 THR n 
1 113 THR n 
1 114 PHE n 
1 115 THR n 
1 116 ILE n 
1 117 ASN n 
1 118 VAL n 
1 119 VAL n 
1 120 ASP n 
1 121 THR n 
1 122 THR n 
1 123 ALA n 
1 124 PRO n 
1 125 THR n 
1 126 VAL n 
1 127 THR n 
1 128 PRO n 
1 129 ILE n 
1 130 GLY n 
1 131 ASP n 
1 132 GLN n 
1 133 SER n 
1 134 SER n 
1 135 GLU n 
1 136 VAL n 
1 137 TYR n 
1 138 SER n 
1 139 PRO n 
1 140 ILE n 
1 141 SER n 
1 142 PRO n 
1 143 ILE n 
1 144 LYS n 
1 145 ILE n 
1 146 ALA n 
1 147 THR n 
1 148 GLN n 
1 149 ASP n 
1 150 ASN n 
1 151 SER n 
1 152 GLY n 
1 153 ASN n 
1 154 ALA n 
1 155 VAL n 
1 156 THR n 
1 157 ASN n 
1 158 THR n 
1 159 VAL n 
1 160 THR n 
1 161 GLY n 
1 162 LEU n 
1 163 PRO n 
1 164 SER n 
1 165 GLY n 
1 166 LEU n 
1 167 THR n 
1 168 PHE n 
1 169 ASP n 
1 170 SER n 
1 171 THR n 
1 172 ASN n 
1 173 ASN n 
1 174 THR n 
1 175 ILE n 
1 176 SER n 
1 177 GLY n 
1 178 THR n 
1 179 PRO n 
1 180 THR n 
1 181 ASN n 
1 182 ILE n 
1 183 GLY n 
1 184 THR n 
1 185 SER n 
1 186 THR n 
1 187 ILE n 
1 188 SER n 
1 189 ILE n 
1 190 VAL n 
1 191 SER n 
1 192 THR n 
1 193 ASP n 
1 194 ALA n 
1 195 SER n 
1 196 GLY n 
1 197 ASN n 
1 198 LYS n 
1 199 THR n 
1 200 THR n 
1 201 THR n 
1 202 THR n 
1 203 PHE n 
1 204 LYS n 
1 205 TYR n 
1 206 GLU n 
1 207 VAL n 
1 208 THR n 
1 209 ARG n 
1 210 ASN n 
# 
_entity_src_gen.entity_id                          1 
_entity_src_gen.pdbx_src_id                        1 
_entity_src_gen.pdbx_alt_source_flag               sample 
_entity_src_gen.pdbx_seq_type                      ? 
_entity_src_gen.pdbx_beg_seq_num                   ? 
_entity_src_gen.pdbx_end_seq_num                   ? 
_entity_src_gen.gene_src_common_name               ? 
_entity_src_gen.gene_src_genus                     ? 
_entity_src_gen.pdbx_gene_src_gene                 sraP 
_entity_src_gen.gene_src_species                   ? 
_entity_src_gen.gene_src_strain                    'NCTC 8325' 
_entity_src_gen.gene_src_tissue                    ? 
_entity_src_gen.gene_src_tissue_fraction           ? 
_entity_src_gen.gene_src_details                   ? 
_entity_src_gen.pdbx_gene_src_fragment             ? 
_entity_src_gen.pdbx_gene_src_scientific_name      'Staphylococcus aureus' 
_entity_src_gen.pdbx_gene_src_ncbi_taxonomy_id     93061 
_entity_src_gen.pdbx_gene_src_variant              ? 
_entity_src_gen.pdbx_gene_src_cell_line            ? 
_entity_src_gen.pdbx_gene_src_atcc                 ? 
_entity_src_gen.pdbx_gene_src_organ                ? 
_entity_src_gen.pdbx_gene_src_organelle            ? 
_entity_src_gen.pdbx_gene_src_cell                 ? 
_entity_src_gen.pdbx_gene_src_cellular_location    ? 
_entity_src_gen.host_org_common_name               ? 
_entity_src_gen.pdbx_host_org_scientific_name      'Escherichia coli' 
_entity_src_gen.pdbx_host_org_ncbi_taxonomy_id     562 
_entity_src_gen.host_org_genus                     ? 
_entity_src_gen.pdbx_host_org_gene                 ? 
_entity_src_gen.pdbx_host_org_organ                ? 
_entity_src_gen.host_org_species                   ? 
_entity_src_gen.pdbx_host_org_tissue               ? 
_entity_src_gen.pdbx_host_org_tissue_fraction      ? 
_entity_src_gen.pdbx_host_org_strain               BL21 
_entity_src_gen.pdbx_host_org_variant              ? 
_entity_src_gen.pdbx_host_org_cell_line            ? 
_entity_src_gen.pdbx_host_org_atcc                 ? 
_entity_src_gen.pdbx_host_org_culture_collection   ? 
_entity_src_gen.pdbx_host_org_cell                 ? 
_entity_src_gen.pdbx_host_org_organelle            ? 
_entity_src_gen.pdbx_host_org_cellular_location    ? 
_entity_src_gen.pdbx_host_org_vector_type          PLASMID 
_entity_src_gen.pdbx_host_org_vector               ? 
_entity_src_gen.host_org_details                   ? 
_entity_src_gen.expression_system_id               ? 
_entity_src_gen.plasmid_name                       pET28a 
_entity_src_gen.plasmid_details                    ? 
_entity_src_gen.pdbx_description                   ? 
# 
_struct_ref.id                         1 
_struct_ref.db_name                    UNP 
_struct_ref.db_code                    SRAP_STAA8 
_struct_ref.pdbx_db_accession          Q2FUW1 
_struct_ref.entity_id                  1 
_struct_ref.pdbx_seq_one_letter_code   
;APTVTVGNQTIEVGKTMNPIVLTTTDNGTGTVTNTVTGLPSGLSYDSATNSIIGTPTKIGQSTVTVVSTDQANNKSTTTF
TINVVDTTAPTVTPIGDQSSEVYSPISPIKIATQDNSGNAVTNTVTGLPSGLTFDSTNNTISGTPTNIGTSTISIVSTDA
SGNKTTTTFKYEVTRN
;
_struct_ref.pdbx_align_begin           576 
_struct_ref.pdbx_db_isoform            ? 
# 
_struct_ref_seq.align_id                      1 
_struct_ref_seq.ref_id                        1 
_struct_ref_seq.pdbx_PDB_id_code              4M03 
_struct_ref_seq.pdbx_strand_id                A 
_struct_ref_seq.seq_align_beg                 35 
_struct_ref_seq.pdbx_seq_align_beg_ins_code   ? 
_struct_ref_seq.seq_align_end                 210 
_struct_ref_seq.pdbx_seq_align_end_ins_code   ? 
_struct_ref_seq.pdbx_db_accession             Q2FUW1 
_struct_ref_seq.db_align_beg                  576 
_struct_ref_seq.pdbx_db_align_beg_ins_code    ? 
_struct_ref_seq.db_align_end                  751 
_struct_ref_seq.pdbx_db_align_end_ins_code    ? 
_struct_ref_seq.pdbx_auth_seq_align_beg       118 
_struct_ref_seq.pdbx_auth_seq_align_end       293 
# 
loop_
_struct_ref_seq_dif.align_id 
_struct_ref_seq_dif.pdbx_pdb_id_code 
_struct_ref_seq_dif.mon_id 
_struct_ref_seq_dif.pdbx_pdb_strand_id 
_struct_ref_seq_dif.seq_num 
_struct_ref_seq_dif.pdbx_pdb_ins_code 
_struct_ref_seq_dif.pdbx_seq_db_name 
_struct_ref_seq_dif.pdbx_seq_db_accession_code 
_struct_ref_seq_dif.db_mon_id 
_struct_ref_seq_dif.pdbx_seq_db_seq_num 
_struct_ref_seq_dif.details 
_struct_ref_seq_dif.pdbx_auth_seq_num 
_struct_ref_seq_dif.pdbx_ordinal 
1 4M03 MET A 1  ? UNP Q2FUW1 ? ? 'expression tag' 84  1  
1 4M03 GLY A 2  ? UNP Q2FUW1 ? ? 'expression tag' 85  2  
1 4M03 SER A 3  ? UNP Q2FUW1 ? ? 'expression tag' 86  3  
1 4M03 SER A 4  ? UNP Q2FUW1 ? ? 'expression tag' 87  4  
1 4M03 HIS A 5  ? UNP Q2FUW1 ? ? 'expression tag' 88  5  
1 4M03 HIS A 6  ? UNP Q2FUW1 ? ? 'expression tag' 89  6  
1 4M03 HIS A 7  ? UNP Q2FUW1 ? ? 'expression tag' 90  7  
1 4M03 HIS A 8  ? UNP Q2FUW1 ? ? 'expression tag' 91  8  
1 4M03 HIS A 9  ? UNP Q2FUW1 ? ? 'expression tag' 92  9  
1 4M03 HIS A 10 ? UNP Q2FUW1 ? ? 'expression tag' 93  10 
1 4M03 SER A 11 ? UNP Q2FUW1 ? ? 'expression tag' 94  11 
1 4M03 SER A 12 ? UNP Q2FUW1 ? ? 'expression tag' 95  12 
1 4M03 GLY A 13 ? UNP Q2FUW1 ? ? 'expression tag' 96  13 
1 4M03 LEU A 14 ? UNP Q2FUW1 ? ? 'expression tag' 97  14 
1 4M03 VAL A 15 ? UNP Q2FUW1 ? ? 'expression tag' 98  15 
1 4M03 PRO A 16 ? UNP Q2FUW1 ? ? 'expression tag' 99  16 
1 4M03 ARG A 17 ? UNP Q2FUW1 ? ? 'expression tag' 100 17 
1 4M03 GLY A 18 ? UNP Q2FUW1 ? ? 'expression tag' 101 18 
1 4M03 SER A 19 ? UNP Q2FUW1 ? ? 'expression tag' 102 19 
1 4M03 HIS A 20 ? UNP Q2FUW1 ? ? 'expression tag' 103 20 
1 4M03 MET A 21 ? UNP Q2FUW1 ? ? 'expression tag' 104 21 
1 4M03 ALA A 22 ? UNP Q2FUW1 ? ? 'expression tag' 105 22 
1 4M03 SER A 23 ? UNP Q2FUW1 ? ? 'expression tag' 106 23 
1 4M03 MET A 24 ? UNP Q2FUW1 ? ? 'expression tag' 107 24 
1 4M03 THR A 25 ? UNP Q2FUW1 ? ? 'expression tag' 108 25 
1 4M03 GLY A 26 ? UNP Q2FUW1 ? ? 'expression tag' 109 26 
1 4M03 GLY A 27 ? UNP Q2FUW1 ? ? 'expression tag' 110 27 
1 4M03 GLN A 28 ? UNP Q2FUW1 ? ? 'expression tag' 111 28 
1 4M03 GLN A 29 ? UNP Q2FUW1 ? ? 'expression tag' 112 29 
1 4M03 MET A 30 ? UNP Q2FUW1 ? ? 'expression tag' 113 30 
1 4M03 GLY A 31 ? UNP Q2FUW1 ? ? 'expression tag' 114 31 
1 4M03 ARG A 32 ? UNP Q2FUW1 ? ? 'expression tag' 115 32 
1 4M03 GLY A 33 ? UNP Q2FUW1 ? ? 'expression tag' 116 33 
1 4M03 SER A 34 ? UNP Q2FUW1 ? ? 'expression tag' 117 34 
# 
loop_
_chem_comp.id 
_chem_comp.type 
_chem_comp.mon_nstd_flag 
_chem_comp.name 
_chem_comp.pdbx_synonyms 
_chem_comp.formula 
_chem_comp.formula_weight 
ALA 'L-peptide linking' y ALANINE         ? 'C3 H7 N O2'     89.093  
ARG 'L-peptide linking' y ARGININE        ? 'C6 H15 N4 O2 1' 175.209 
ASN 'L-peptide linking' y ASPARAGINE      ? 'C4 H8 N2 O3'    132.118 
ASP 'L-peptide linking' y 'ASPARTIC ACID' ? 'C4 H7 N O4'     133.103 
CA  non-polymer         . 'CALCIUM ION'   ? 'Ca 2'           40.078  
GLN 'L-peptide linking' y GLUTAMINE       ? 'C5 H10 N2 O3'   146.144 
GLU 'L-peptide linking' y 'GLUTAMIC ACID' ? 'C5 H9 N O4'     147.129 
GLY 'peptide linking'   y GLYCINE         ? 'C2 H5 N O2'     75.067  
HIS 'L-peptide linking' y HISTIDINE       ? 'C6 H10 N3 O2 1' 156.162 
HOH non-polymer         . WATER           ? 'H2 O'           18.015  
ILE 'L-peptide linking' y ISOLEUCINE      ? 'C6 H13 N O2'    131.173 
LEU 'L-peptide linking' y LEUCINE         ? 'C6 H13 N O2'    131.173 
LYS 'L-peptide linking' y LYSINE          ? 'C6 H15 N2 O2 1' 147.195 
MET 'L-peptide linking' y METHIONINE      ? 'C5 H11 N O2 S'  149.211 
PHE 'L-peptide linking' y PHENYLALANINE   ? 'C9 H11 N O2'    165.189 
PRO 'L-peptide linking' y PROLINE         ? 'C5 H9 N O2'     115.130 
SER 'L-peptide linking' y SERINE          ? 'C3 H7 N O3'     105.093 
THR 'L-peptide linking' y THREONINE       ? 'C4 H9 N O3'     119.119 
TYR 'L-peptide linking' y TYROSINE        ? 'C9 H11 N O3'    181.189 
VAL 'L-peptide linking' y VALINE          ? 'C5 H11 N O2'    117.146 
# 
_exptl.entry_id          4M03 
_exptl.method            'X-RAY DIFFRACTION' 
_exptl.crystals_number   1 
# 
_exptl_crystal.id                    1 
_exptl_crystal.density_meas          ? 
_exptl_crystal.density_Matthews      1.93 
_exptl_crystal.density_percent_sol   36.19 
_exptl_crystal.description           ? 
_exptl_crystal.F_000                 ? 
_exptl_crystal.preparation           ? 
# 
_exptl_crystal_grow.crystal_id      1 
_exptl_crystal_grow.method          'VAPOR DIFFUSION, HANGING DROP' 
_exptl_crystal_grow.temp            289 
_exptl_crystal_grow.temp_details    ? 
_exptl_crystal_grow.pH              7.0 
_exptl_crystal_grow.pdbx_details    '1.5M NaKPO4, pH 7.0, VAPOR DIFFUSION, HANGING DROP, temperature 289K' 
_exptl_crystal_grow.pdbx_pH_range   . 
# 
_diffrn.id                     1 
_diffrn.ambient_temp           100 
_diffrn.ambient_temp_details   ? 
_diffrn.crystal_id             1 
# 
_diffrn_detector.diffrn_id              1 
_diffrn_detector.detector               CCD 
_diffrn_detector.type                   'ADSC QUANTUM 315r' 
_diffrn_detector.pdbx_collection_date   2011-10-20 
_diffrn_detector.details                ? 
# 
_diffrn_radiation.diffrn_id                        1 
_diffrn_radiation.wavelength_id                    1 
_diffrn_radiation.pdbx_monochromatic_or_laue_m_l   M 
_diffrn_radiation.monochromator                    'Si 111' 
_diffrn_radiation.pdbx_diffrn_protocol             'SINGLE WAVELENGTH' 
_diffrn_radiation.pdbx_scattering_type             x-ray 
# 
_diffrn_radiation_wavelength.id           1 
_diffrn_radiation_wavelength.wavelength   1.07138 
_diffrn_radiation_wavelength.wt           1.0 
# 
_diffrn_source.diffrn_id                   1 
_diffrn_source.source                      SYNCHROTRON 
_diffrn_source.type                        'SSRF BEAMLINE BL17U' 
_diffrn_source.pdbx_synchrotron_site       SSRF 
_diffrn_source.pdbx_synchrotron_beamline   BL17U 
_diffrn_source.pdbx_wavelength             ? 
_diffrn_source.pdbx_wavelength_list        1.07138 
# 
_reflns.entry_id                     4M03 
_reflns.observed_criterion_sigma_I   0.0 
_reflns.observed_criterion_sigma_F   -3.0 
_reflns.d_resolution_low             50.0 
_reflns.d_resolution_high            2.24 
_reflns.number_obs                   8890 
_reflns.number_all                   8890 
_reflns.percent_possible_obs         99.6 
_reflns.pdbx_Rmerge_I_obs            0.131 
_reflns.pdbx_Rsym_value              0.131 
_reflns.pdbx_netI_over_sigmaI        16.732 
_reflns.B_iso_Wilson_estimate        ? 
_reflns.pdbx_redundancy              8.6 
_reflns.R_free_details               ? 
_reflns.limit_h_max                  ? 
_reflns.limit_h_min                  ? 
_reflns.limit_k_max                  ? 
_reflns.limit_k_min                  ? 
_reflns.limit_l_max                  ? 
_reflns.limit_l_min                  ? 
_reflns.observed_criterion_F_max     ? 
_reflns.observed_criterion_F_min     ? 
_reflns.pdbx_chi_squared             ? 
_reflns.pdbx_scaling_rejects         ? 
_reflns.pdbx_ordinal                 1 
_reflns.pdbx_diffrn_id               1 
# 
_reflns_shell.d_res_high                  2.24 
_reflns_shell.d_res_low                   2.32 
_reflns_shell.percent_possible_all        96.7 
_reflns_shell.Rmerge_I_obs                0.389 
_reflns_shell.pdbx_Rsym_value             0.389 
_reflns_shell.meanI_over_sigI_obs         8.775 
_reflns_shell.pdbx_redundancy             5.7 
_reflns_shell.percent_possible_obs        ? 
_reflns_shell.number_unique_all           ? 
_reflns_shell.number_measured_all         ? 
_reflns_shell.number_measured_obs         ? 
_reflns_shell.number_unique_obs           ? 
_reflns_shell.pdbx_chi_squared            ? 
_reflns_shell.pdbx_rejects                ? 
_reflns_shell.pdbx_netI_over_sigmaI_obs   ? 
_reflns_shell.number_possible             ? 
_reflns_shell.Rmerge_F_all                ? 
_reflns_shell.Rmerge_F_obs                ? 
_reflns_shell.Rmerge_I_all                ? 
_reflns_shell.meanI_over_sigI_all         ? 
_reflns_shell.pdbx_Rrim_I_all             ? 
_reflns_shell.pdbx_Rpim_I_all             ? 
_reflns_shell.pdbx_ordinal                1 
_reflns_shell.pdbx_diffrn_id              1 
# 
_refine.entry_id                                 4M03 
_refine.ls_number_reflns_obs                     8405 
_refine.ls_number_reflns_all                     ? 
_refine.pdbx_ls_sigma_I                          ? 
_refine.pdbx_ls_sigma_F                          ? 
_refine.pdbx_data_cutoff_high_absF               ? 
_refine.pdbx_data_cutoff_low_absF                ? 
_refine.pdbx_data_cutoff_high_rms_absF           ? 
_refine.ls_d_res_low                             30.1 
_refine.ls_d_res_high                            2.24 
_refine.ls_percent_reflns_obs                    99.68 
_refine.ls_R_factor_obs                          0.28155 
_refine.ls_R_factor_all                          ? 
_refine.ls_R_factor_R_work                       0.27933 
_refine.ls_R_factor_R_free                       0.32630 
_refine.ls_R_factor_R_free_error                 ? 
_refine.ls_R_factor_R_free_error_details         ? 
_refine.ls_percent_reflns_R_free                 4.8 
_refine.ls_number_reflns_R_free                  420 
_refine.ls_number_parameters                     ? 
_refine.ls_number_restraints                     ? 
_refine.occupancy_min                            ? 
_refine.occupancy_max                            ? 
_refine.correlation_coeff_Fo_to_Fc               0.913 
_refine.correlation_coeff_Fo_to_Fc_free          0.873 
_refine.B_iso_mean                               51.922 
_refine.aniso_B[1][1]                            3.46 
_refine.aniso_B[2][2]                            3.46 
_refine.aniso_B[3][3]                            -5.19 
_refine.aniso_B[1][2]                            1.73 
_refine.aniso_B[1][3]                            0.00 
_refine.aniso_B[2][3]                            0.00 
_refine.solvent_model_details                    MASK 
_refine.solvent_model_param_ksol                 ? 
_refine.solvent_model_param_bsol                 ? 
_refine.pdbx_solvent_vdw_probe_radii             1.20 
_refine.pdbx_solvent_ion_probe_radii             0.80 
_refine.pdbx_solvent_shrinkage_radii             0.80 
_refine.pdbx_ls_cross_valid_method               THROUGHOUT 
_refine.details                                  'HYDROGENS HAVE BEEN USED IF PRESENT IN THE INPUT' 
_refine.pdbx_starting_model                      4M02 
_refine.pdbx_method_to_determine_struct          'MOLECULAR REPLACEMENT' 
_refine.pdbx_isotropic_thermal_model             ? 
_refine.pdbx_stereochemistry_target_values       'MAXIMUM LIKELIHOOD' 
_refine.pdbx_stereochem_target_val_spec_case     ? 
_refine.pdbx_R_Free_selection_details            RANDOM 
_refine.pdbx_overall_ESU_R                       0.356 
_refine.pdbx_overall_ESU_R_Free                  0.277 
_refine.overall_SU_ML                            0.229 
_refine.pdbx_overall_phase_error                 ? 
_refine.overall_SU_B                             9.306 
_refine.overall_SU_R_Cruickshank_DPI             ? 
_refine.ls_redundancy_reflns_obs                 ? 
_refine.B_iso_min                                ? 
_refine.B_iso_max                                ? 
_refine.overall_SU_R_free                        ? 
_refine.ls_wR_factor_R_free                      ? 
_refine.ls_wR_factor_R_work                      ? 
_refine.overall_FOM_free_R_set                   ? 
_refine.overall_FOM_work_R_set                   ? 
_refine.pdbx_diffrn_id                           1 
_refine.pdbx_refine_id                           'X-RAY DIFFRACTION' 
_refine.pdbx_TLS_residual_ADP_flag               ? 
_refine.pdbx_overall_SU_R_free_Cruickshank_DPI   ? 
_refine.pdbx_overall_SU_R_Blow_DPI               ? 
_refine.pdbx_overall_SU_R_free_Blow_DPI          ? 
# 
_refine_hist.pdbx_refine_id                   'X-RAY DIFFRACTION' 
_refine_hist.cycle_id                         LAST 
_refine_hist.pdbx_number_atoms_protein        1181 
_refine_hist.pdbx_number_atoms_nucleic_acid   0 
_refine_hist.pdbx_number_atoms_ligand         1 
_refine_hist.number_atoms_solvent             8 
_refine_hist.number_atoms_total               1190 
_refine_hist.d_res_high                       2.24 
_refine_hist.d_res_low                        30.1 
# 
loop_
_refine_ls_restr.type 
_refine_ls_restr.dev_ideal 
_refine_ls_restr.dev_ideal_target 
_refine_ls_restr.weight 
_refine_ls_restr.number 
_refine_ls_restr.pdbx_restraint_function 
_refine_ls_restr.pdbx_refine_id 
r_bond_refined_d       0.012  0.020  ? 1180 ? 'X-RAY DIFFRACTION' 
r_angle_refined_deg    1.569  1.953  ? 1625 ? 'X-RAY DIFFRACTION' 
r_dihedral_angle_1_deg 7.550  5.000  ? 161  ? 'X-RAY DIFFRACTION' 
r_dihedral_angle_2_deg 38.956 28.286 ? 35   ? 'X-RAY DIFFRACTION' 
r_dihedral_angle_3_deg 15.239 15.000 ? 182  ? 'X-RAY DIFFRACTION' 
r_chiral_restr         0.094  0.200  ? 224  ? 'X-RAY DIFFRACTION' 
r_gen_planes_refined   0.008  0.021  ? 841  ? 'X-RAY DIFFRACTION' 
# 
_refine_ls_shell.pdbx_refine_id                   'X-RAY DIFFRACTION' 
_refine_ls_shell.pdbx_total_number_of_bins_used   20 
_refine_ls_shell.d_res_high                       2.237 
_refine_ls_shell.d_res_low                        2.295 
_refine_ls_shell.number_reflns_R_work             481 
_refine_ls_shell.R_factor_R_work                  0.334 
_refine_ls_shell.percent_reflns_obs               95.50 
_refine_ls_shell.R_factor_R_free                  0.256 
_refine_ls_shell.R_factor_R_free_error            ? 
_refine_ls_shell.percent_reflns_R_free            ? 
_refine_ls_shell.number_reflns_R_free             28 
_refine_ls_shell.number_reflns_all                ? 
_refine_ls_shell.R_factor_all                     ? 
_refine_ls_shell.number_reflns_obs                ? 
_refine_ls_shell.redundancy_reflns_obs            ? 
# 
_struct.entry_id                  4M03 
_struct.title                     'C-terminal fragment(residues 576-751) of binding region of SraP' 
_struct.pdbx_model_details        ? 
_struct.pdbx_CASP_flag            ? 
_struct.pdbx_model_type_details   ? 
# 
_struct_keywords.entry_id        4M03 
_struct_keywords.pdbx_keywords   'Calcium Binding protein' 
_struct_keywords.text            'All beta, Unknown Function, Calcium Binding protein' 
# 
loop_
_struct_asym.id 
_struct_asym.pdbx_blank_PDB_chainid_flag 
_struct_asym.pdbx_modified 
_struct_asym.entity_id 
_struct_asym.details 
A N N 1 ? 
B N N 2 ? 
C N N 3 ? 
# 
_struct_biol.id        1 
_struct_biol.details   ? 
# 
_struct_conf.conf_type_id            HELX_P 
_struct_conf.id                      HELX_P1 
_struct_conf.pdbx_PDB_helix_id       1 
_struct_conf.beg_label_comp_id       SER 
_struct_conf.beg_label_asym_id       A 
_struct_conf.beg_label_seq_id        81 
_struct_conf.pdbx_beg_PDB_ins_code   ? 
_struct_conf.end_label_comp_id       THR 
_struct_conf.end_label_asym_id       A 
_struct_conf.end_label_seq_id        83 
_struct_conf.pdbx_end_PDB_ins_code   ? 
_struct_conf.beg_auth_comp_id        SER 
_struct_conf.beg_auth_asym_id        A 
_struct_conf.beg_auth_seq_id         164 
_struct_conf.end_auth_comp_id        THR 
_struct_conf.end_auth_asym_id        A 
_struct_conf.end_auth_seq_id         166 
_struct_conf.pdbx_PDB_helix_class    5 
_struct_conf.details                 ? 
_struct_conf.pdbx_PDB_helix_length   3 
# 
_struct_conf_type.id          HELX_P 
_struct_conf_type.criteria    ? 
_struct_conf_type.reference   ? 
# 
loop_
_struct_conn.id 
_struct_conn.conn_type_id 
_struct_conn.pdbx_leaving_atom_flag 
_struct_conn.pdbx_PDB_id 
_struct_conn.ptnr1_label_asym_id 
_struct_conn.ptnr1_label_comp_id 
_struct_conn.ptnr1_label_seq_id 
_struct_conn.ptnr1_label_atom_id 
_struct_conn.pdbx_ptnr1_label_alt_id 
_struct_conn.pdbx_ptnr1_PDB_ins_code 
_struct_conn.pdbx_ptnr1_standard_comp_id 
_struct_conn.ptnr1_symmetry 
_struct_conn.ptnr2_label_asym_id 
_struct_conn.ptnr2_label_comp_id 
_struct_conn.ptnr2_label_seq_id 
_struct_conn.ptnr2_label_atom_id 
_struct_conn.pdbx_ptnr2_label_alt_id 
_struct_conn.pdbx_ptnr2_PDB_ins_code 
_struct_conn.ptnr1_auth_asym_id 
_struct_conn.ptnr1_auth_comp_id 
_struct_conn.ptnr1_auth_seq_id 
_struct_conn.ptnr2_auth_asym_id 
_struct_conn.ptnr2_auth_comp_id 
_struct_conn.ptnr2_auth_seq_id 
_struct_conn.ptnr2_symmetry 
_struct_conn.pdbx_ptnr3_label_atom_id 
_struct_conn.pdbx_ptnr3_label_seq_id 
_struct_conn.pdbx_ptnr3_label_comp_id 
_struct_conn.pdbx_ptnr3_label_asym_id 
_struct_conn.pdbx_ptnr3_label_alt_id 
_struct_conn.pdbx_ptnr3_PDB_ins_code 
_struct_conn.details 
_struct_conn.pdbx_dist_value 
_struct_conn.pdbx_value_order 
_struct_conn.pdbx_role 
metalc1 metalc ? ? A ASP 120 OD2 ? ? ? 1_555 B CA . CA ? ? A ASP 203 A CA 301 1_555 ? ? ? ? ? ? ? 2.423 ? ? 
metalc2 metalc ? ? A ASP 120 OD1 ? ? ? 1_555 B CA . CA ? ? A ASP 203 A CA 301 1_555 ? ? ? ? ? ? ? 2.516 ? ? 
metalc3 metalc ? ? A THR 122 O   ? ? ? 1_555 B CA . CA ? ? A THR 205 A CA 301 1_555 ? ? ? ? ? ? ? 2.285 ? ? 
metalc4 metalc ? ? A ASP 149 OD2 ? ? ? 1_555 B CA . CA ? ? A ASP 232 A CA 301 1_555 ? ? ? ? ? ? ? 2.466 ? ? 
metalc5 metalc ? ? A ASP 149 OD1 ? ? ? 1_555 B CA . CA ? ? A ASP 232 A CA 301 1_555 ? ? ? ? ? ? ? 2.613 ? ? 
metalc6 metalc ? ? A ASN 150 OD1 ? ? ? 1_555 B CA . CA ? ? A ASN 233 A CA 301 1_555 ? ? ? ? ? ? ? 2.339 ? ? 
metalc7 metalc ? ? A ASP 193 OD2 ? ? ? 1_555 B CA . CA ? ? A ASP 276 A CA 301 1_555 ? ? ? ? ? ? ? 2.379 ? ? 
# 
_struct_conn_type.id          metalc 
_struct_conn_type.criteria    ? 
_struct_conn_type.reference   ? 
# 
loop_
_struct_sheet.id 
_struct_sheet.type 
_struct_sheet.number_strands 
_struct_sheet.details 
A ? 4 ? 
B ? 3 ? 
C ? 2 ? 
D ? 4 ? 
E ? 3 ? 
# 
loop_
_struct_sheet_order.sheet_id 
_struct_sheet_order.range_id_1 
_struct_sheet_order.range_id_2 
_struct_sheet_order.offset 
_struct_sheet_order.sense 
A 1 2 ? parallel      
A 2 3 ? anti-parallel 
A 3 4 ? anti-parallel 
B 1 2 ? anti-parallel 
B 2 3 ? anti-parallel 
C 1 2 ? anti-parallel 
D 1 2 ? parallel      
D 2 3 ? anti-parallel 
D 3 4 ? anti-parallel 
E 1 2 ? anti-parallel 
E 2 3 ? anti-parallel 
# 
loop_
_struct_sheet_range.sheet_id 
_struct_sheet_range.id 
_struct_sheet_range.beg_label_comp_id 
_struct_sheet_range.beg_label_asym_id 
_struct_sheet_range.beg_label_seq_id 
_struct_sheet_range.pdbx_beg_PDB_ins_code 
_struct_sheet_range.end_label_comp_id 
_struct_sheet_range.end_label_asym_id 
_struct_sheet_range.end_label_seq_id 
_struct_sheet_range.pdbx_end_PDB_ins_code 
_struct_sheet_range.beg_auth_comp_id 
_struct_sheet_range.beg_auth_asym_id 
_struct_sheet_range.beg_auth_seq_id 
_struct_sheet_range.end_auth_comp_id 
_struct_sheet_range.end_auth_asym_id 
_struct_sheet_range.end_auth_seq_id 
A 1 ASN A 42  ? GLU A 46  ? ASN A 125 GLU A 129 
A 2 LYS A 109 ? VAL A 119 ? LYS A 192 VAL A 202 
A 3 GLY A 94  ? THR A 103 ? GLY A 177 THR A 186 
A 4 THR A 67  ? THR A 71  ? THR A 150 THR A 154 
B 1 ILE A 54  ? VAL A 55  ? ILE A 137 VAL A 138 
B 2 SER A 85  ? GLY A 88  ? SER A 168 GLY A 171 
B 3 LEU A 77  ? ASP A 80  ? LEU A 160 ASP A 163 
C 1 THR A 125 ? VAL A 126 ? THR A 208 VAL A 209 
C 2 THR A 147 ? GLN A 148 ? THR A 230 GLN A 231 
D 1 GLN A 132 ? GLU A 135 ? GLN A 215 GLU A 218 
D 2 LYS A 198 ? THR A 208 ? LYS A 281 THR A 291 
D 3 GLY A 183 ? THR A 192 ? GLY A 266 THR A 275 
D 4 THR A 156 ? THR A 160 ? THR A 239 THR A 243 
E 1 ILE A 143 ? LYS A 144 ? ILE A 226 LYS A 227 
E 2 THR A 174 ? GLY A 177 ? THR A 257 GLY A 260 
E 3 LEU A 166 ? ASP A 169 ? LEU A 249 ASP A 252 
# 
loop_
_pdbx_struct_sheet_hbond.sheet_id 
_pdbx_struct_sheet_hbond.range_id_1 
_pdbx_struct_sheet_hbond.range_id_2 
_pdbx_struct_sheet_hbond.range_1_label_atom_id 
_pdbx_struct_sheet_hbond.range_1_label_comp_id 
_pdbx_struct_sheet_hbond.range_1_label_asym_id 
_pdbx_struct_sheet_hbond.range_1_label_seq_id 
_pdbx_struct_sheet_hbond.range_1_PDB_ins_code 
_pdbx_struct_sheet_hbond.range_1_auth_atom_id 
_pdbx_struct_sheet_hbond.range_1_auth_comp_id 
_pdbx_struct_sheet_hbond.range_1_auth_asym_id 
_pdbx_struct_sheet_hbond.range_1_auth_seq_id 
_pdbx_struct_sheet_hbond.range_2_label_atom_id 
_pdbx_struct_sheet_hbond.range_2_label_comp_id 
_pdbx_struct_sheet_hbond.range_2_label_asym_id 
_pdbx_struct_sheet_hbond.range_2_label_seq_id 
_pdbx_struct_sheet_hbond.range_2_PDB_ins_code 
_pdbx_struct_sheet_hbond.range_2_auth_atom_id 
_pdbx_struct_sheet_hbond.range_2_auth_comp_id 
_pdbx_struct_sheet_hbond.range_2_auth_asym_id 
_pdbx_struct_sheet_hbond.range_2_auth_seq_id 
A 1 2 N GLN A 43  ? N GLN A 126 O ASN A 117 ? O ASN A 200 
A 2 3 O VAL A 118 ? O VAL A 201 N GLY A 94  ? N GLY A 177 
A 3 4 O THR A 103 ? O THR A 186 N THR A 67  ? N THR A 150 
B 1 2 N ILE A 54  ? N ILE A 137 O ILE A 86  ? O ILE A 169 
B 2 3 O SER A 85  ? O SER A 168 N ASP A 80  ? N ASP A 163 
C 1 2 N THR A 125 ? N THR A 208 O GLN A 148 ? O GLN A 231 
D 1 2 N GLN A 132 ? N GLN A 215 O LYS A 204 ? O LYS A 287 
D 2 3 O PHE A 203 ? O PHE A 286 N ILE A 187 ? N ILE A 270 
D 3 4 O VAL A 190 ? O VAL A 273 N THR A 158 ? N THR A 241 
E 1 2 N ILE A 143 ? N ILE A 226 O ILE A 175 ? O ILE A 258 
E 2 3 O SER A 176 ? O SER A 259 N THR A 167 ? N THR A 250 
# 
_struct_site.id                   AC1 
_struct_site.pdbx_evidence_code   Software 
_struct_site.pdbx_auth_asym_id    A 
_struct_site.pdbx_auth_comp_id    CA 
_struct_site.pdbx_auth_seq_id     301 
_struct_site.pdbx_auth_ins_code   ? 
_struct_site.pdbx_num_residues    5 
_struct_site.details              'BINDING SITE FOR RESIDUE CA A 301' 
# 
loop_
_struct_site_gen.id 
_struct_site_gen.site_id 
_struct_site_gen.pdbx_num_res 
_struct_site_gen.label_comp_id 
_struct_site_gen.label_asym_id 
_struct_site_gen.label_seq_id 
_struct_site_gen.pdbx_auth_ins_code 
_struct_site_gen.auth_comp_id 
_struct_site_gen.auth_asym_id 
_struct_site_gen.auth_seq_id 
_struct_site_gen.label_atom_id 
_struct_site_gen.label_alt_id 
_struct_site_gen.symmetry 
_struct_site_gen.details 
1 AC1 5 ASP A 120 ? ASP A 203 . ? 1_555 ? 
2 AC1 5 THR A 122 ? THR A 205 . ? 1_555 ? 
3 AC1 5 ASP A 149 ? ASP A 232 . ? 1_555 ? 
4 AC1 5 ASN A 150 ? ASN A 233 . ? 1_555 ? 
5 AC1 5 ASP A 193 ? ASP A 276 . ? 1_555 ? 
# 
_atom_sites.entry_id                    4M03 
_atom_sites.fract_transf_matrix[1][1]   0.02147256 
_atom_sites.fract_transf_matrix[1][2]   0.02527040 
_atom_sites.fract_transf_matrix[1][3]   0.00203033 
_atom_sites.fract_transf_matrix[2][1]   0.00940110 
_atom_sites.fract_transf_matrix[2][2]   0.01606268 
_atom_sites.fract_transf_matrix[2][3]   -0.02752049 
_atom_sites.fract_transf_matrix[3][1]   -0.00320431 
_atom_sites.fract_transf_matrix[3][2]   0.00268479 
_atom_sites.fract_transf_matrix[3][3]   0.00047241 
_atom_sites.fract_transf_vector[1]      0.422089 
_atom_sites.fract_transf_vector[2]      0.296031 
_atom_sites.fract_transf_vector[3]      0.120138 
# 
loop_
_atom_type.symbol 
C  
CA 
N  
O  
S  
# 
loop_
_atom_site.group_PDB 
_atom_site.id 
_atom_site.type_symbol 
_atom_site.label_atom_id 
_atom_site.label_alt_id 
_atom_site.label_comp_id 
_atom_site.label_asym_id 
_atom_site.label_entity_id 
_atom_site.label_seq_id 
_atom_site.pdbx_PDB_ins_code 
_atom_site.Cartn_x 
_atom_site.Cartn_y 
_atom_site.Cartn_z 
_atom_site.occupancy 
_atom_site.B_iso_or_equiv 
_atom_site.pdbx_formal_charge 
_atom_site.auth_seq_id 
_atom_site.auth_comp_id 
_atom_site.auth_asym_id 
_atom_site.auth_atom_id 
_atom_site.pdbx_PDB_model_num 
ATOM   1    N  N   . THR A 1 37  ? 19.000  -29.115 -8.106  1.00 30.00  ?  120 THR A N   1 
ATOM   2    C  CA  . THR A 1 37  ? 18.239  -27.940 -8.513  1.00 30.00  ?  120 THR A CA  1 
ATOM   3    C  C   . THR A 1 37  ? 18.884  -26.680 -8.028  1.00 30.00  ?  120 THR A C   1 
ATOM   4    O  O   . THR A 1 37  ? 19.397  -26.617 -6.941  1.00 30.00  ?  120 THR A O   1 
ATOM   5    C  CB  . THR A 1 37  ? 16.800  -27.896 -7.938  1.00 20.00  ?  120 THR A CB  1 
ATOM   6    O  OG1 . THR A 1 37  ? 16.854  -27.941 -6.520  1.00 20.00  ?  120 THR A OG1 1 
ATOM   7    C  CG2 . THR A 1 37  ? 15.944  -29.029 -8.434  1.00 20.00  ?  120 THR A CG2 1 
ATOM   8    N  N   . VAL A 1 38  ? 18.809  -25.662 -8.854  1.00 30.00  ?  121 VAL A N   1 
ATOM   9    C  CA  . VAL A 1 38  ? 19.178  -24.337 -8.473  1.00 30.00  ?  121 VAL A CA  1 
ATOM   10   C  C   . VAL A 1 38  ? 17.905  -23.540 -8.643  1.00 30.00  ?  121 VAL A C   1 
ATOM   11   O  O   . VAL A 1 38  ? 17.134  -23.765 -9.565  1.00 30.00  ?  121 VAL A O   1 
ATOM   12   C  CB  . VAL A 1 38  ? 20.321  -23.828 -9.342  1.00 20.00  ?  121 VAL A CB  1 
ATOM   13   C  CG1 . VAL A 1 38  ? 20.388  -22.326 -9.370  1.00 20.00  ?  121 VAL A CG1 1 
ATOM   14   C  CG2 . VAL A 1 38  ? 21.614  -24.370 -8.810  1.00 20.00  ?  121 VAL A CG2 1 
ATOM   15   N  N   . THR A 1 39  ? 17.662  -22.640 -7.709  1.00 72.22  ?  122 THR A N   1 
ATOM   16   C  CA  . THR A 1 39  ? 16.448  -21.878 -7.732  1.00 62.12  ?  122 THR A CA  1 
ATOM   17   C  C   . THR A 1 39  ? 16.653  -20.737 -8.622  1.00 58.85  ?  122 THR A C   1 
ATOM   18   O  O   . THR A 1 39  ? 17.508  -19.921 -8.412  1.00 60.52  ?  122 THR A O   1 
ATOM   19   C  CB  . THR A 1 39  ? 16.086  -21.307 -6.369  1.00 59.21  ?  122 THR A CB  1 
ATOM   20   O  OG1 . THR A 1 39  ? 17.270  -21.197 -5.576  1.00 57.99  ?  122 THR A OG1 1 
ATOM   21   C  CG2 . THR A 1 39  ? 15.098  -22.205 -5.698  1.00 57.41  ?  122 THR A CG2 1 
ATOM   22   N  N   . VAL A 1 40  ? 15.837  -20.689 -9.632  1.00 52.79  ?  123 VAL A N   1 
ATOM   23   C  CA  . VAL A 1 40  ? 15.764  -19.462 -10.471 1.00 57.71  ?  123 VAL A CA  1 
ATOM   24   C  C   . VAL A 1 40  ? 14.427  -18.686 -10.413 1.00 58.13  ?  123 VAL A C   1 
ATOM   25   O  O   . VAL A 1 40  ? 13.412  -19.241 -9.973  1.00 54.15  ?  123 VAL A O   1 
ATOM   26   C  CB  . VAL A 1 40  ? 16.149  -19.715 -11.958 1.00 54.01  ?  123 VAL A CB  1 
ATOM   27   C  CG1 . VAL A 1 40  ? 17.538  -20.342 -12.041 1.00 54.36  ?  123 VAL A CG1 1 
ATOM   28   C  CG2 . VAL A 1 40  ? 15.093  -20.566 -12.684 1.00 51.33  ?  123 VAL A CG2 1 
ATOM   29   N  N   . GLY A 1 41  ? 14.446  -17.424 -10.872 1.00 58.11  ?  124 GLY A N   1 
ATOM   30   C  CA  . GLY A 1 41  ? 13.269  -16.542 -10.852 1.00 64.86  ?  124 GLY A CA  1 
ATOM   31   C  C   . GLY A 1 41  ? 13.230  -15.469 -9.753  1.00 69.60  ?  124 GLY A C   1 
ATOM   32   O  O   . GLY A 1 41  ? 14.190  -15.292 -9.001  1.00 70.17  ?  124 GLY A O   1 
ATOM   33   N  N   . ASN A 1 42  ? 12.110  -14.750 -9.669  1.00 66.04  ?  125 ASN A N   1 
ATOM   34   C  CA  . ASN A 1 42  ? 11.924  -13.690 -8.675  1.00 59.18  ?  125 ASN A CA  1 
ATOM   35   C  C   . ASN A 1 42  ? 11.680  -14.244 -7.332  1.00 53.06  ?  125 ASN A C   1 
ATOM   36   O  O   . ASN A 1 42  ? 10.912  -15.203 -7.169  1.00 52.52  ?  125 ASN A O   1 
ATOM   37   C  CB  . ASN A 1 42  ? 10.679  -12.847 -8.988  1.00 51.49  ?  125 ASN A CB  1 
ATOM   38   C  CG  . ASN A 1 42  ? 10.829  -12.063 -10.246 1.00 54.50  ?  125 ASN A CG  1 
ATOM   39   O  OD1 . ASN A 1 42  ? 11.807  -11.340 -10.422 1.00 56.92  ?  125 ASN A OD1 1 
ATOM   40   N  ND2 . ASN A 1 42  ? 9.876   -12.218 -11.152 1.00 60.36  ?  125 ASN A ND2 1 
ATOM   41   N  N   . GLN A 1 43  ? 12.288  -13.595 -6.359  1.00 51.43  ?  126 GLN A N   1 
ATOM   42   C  CA  . GLN A 1 43  ? 11.802  -13.687 -5.008  1.00 51.33  ?  126 GLN A CA  1 
ATOM   43   C  C   . GLN A 1 43  ? 10.809  -12.537 -4.817  1.00 53.97  ?  126 GLN A C   1 
ATOM   44   O  O   . GLN A 1 43  ? 11.231  -11.380 -4.737  1.00 53.66  ?  126 GLN A O   1 
ATOM   45   C  CB  . GLN A 1 43  ? 12.969  -13.501 -4.067  1.00 59.70  ?  126 GLN A CB  1 
ATOM   46   C  CG  . GLN A 1 43  ? 12.820  -14.306 -2.799  1.00 72.87  ?  126 GLN A CG  1 
ATOM   47   C  CD  . GLN A 1 43  ? 13.079  -15.782 -3.029  1.00 71.57  ?  126 GLN A CD  1 
ATOM   48   O  OE1 . GLN A 1 43  ? 12.418  -16.419 -3.842  1.00 71.39  ?  126 GLN A OE1 1 
ATOM   49   N  NE2 . GLN A 1 43  ? 14.050  -16.329 -2.307  1.00 80.40  ?  126 GLN A NE2 1 
ATOM   50   N  N   . THR A 1 44  ? 9.508   -12.831 -4.744  1.00 48.44  ?  127 THR A N   1 
ATOM   51   C  CA  . THR A 1 44  ? 8.489   -11.764 -4.724  1.00 48.86  ?  127 THR A CA  1 
ATOM   52   C  C   . THR A 1 44  ? 8.085   -11.405 -3.304  1.00 47.34  ?  127 THR A C   1 
ATOM   53   O  O   . THR A 1 44  ? 7.704   -12.290 -2.554  1.00 54.49  ?  127 THR A O   1 
ATOM   54   C  CB  . THR A 1 44  ? 7.243   -12.146 -5.552  1.00 53.19  ?  127 THR A CB  1 
ATOM   55   O  OG1 . THR A 1 44  ? 7.645   -12.403 -6.899  1.00 53.75  ?  127 THR A OG1 1 
ATOM   56   C  CG2 . THR A 1 44  ? 6.205   -10.997 -5.571  1.00 53.22  ?  127 THR A CG2 1 
ATOM   57   N  N   . ILE A 1 45  ? 8.202   -10.123 -2.938  1.00 41.97  ?  128 ILE A N   1 
ATOM   58   C  CA  . ILE A 1 45  ? 7.709   -9.608  -1.645  1.00 48.34  ?  128 ILE A CA  1 
ATOM   59   C  C   . ILE A 1 45  ? 6.842   -8.308  -1.724  1.00 47.37  ?  128 ILE A C   1 
ATOM   60   O  O   . ILE A 1 45  ? 6.889   -7.557  -2.716  1.00 39.51  ?  128 ILE A O   1 
ATOM   61   C  CB  . ILE A 1 45  ? 8.867   -9.379  -0.636  1.00 48.53  ?  128 ILE A CB  1 
ATOM   62   C  CG1 . ILE A 1 45  ? 9.859   -8.369  -1.190  1.00 40.71  ?  128 ILE A CG1 1 
ATOM   63   C  CG2 . ILE A 1 45  ? 9.566   -10.692 -0.325  1.00 52.62  ?  128 ILE A CG2 1 
ATOM   64   C  CD1 . ILE A 1 45  ? 10.965  -7.994  -0.235  1.00 44.11  ?  128 ILE A CD1 1 
ATOM   65   N  N   . GLU A 1 46  ? 6.067   -8.071  -0.665  1.00 46.00  ?  129 GLU A N   1 
ATOM   66   C  CA  . GLU A 1 46  ? 4.981   -7.083  -0.640  1.00 45.78  ?  129 GLU A CA  1 
ATOM   67   C  C   . GLU A 1 46  ? 5.468   -5.754  -0.064  1.00 42.94  ?  129 GLU A C   1 
ATOM   68   O  O   . GLU A 1 46  ? 5.988   -5.716  1.043   1.00 37.77  ?  129 GLU A O   1 
ATOM   69   C  CB  . GLU A 1 46  ? 3.820   -7.628  0.198   1.00 45.20  ?  129 GLU A CB  1 
ATOM   70   C  CG  . GLU A 1 46  ? 2.563   -6.757  0.151   1.00 51.49  ?  129 GLU A CG  1 
ATOM   71   C  CD  . GLU A 1 46  ? 2.038   -6.550  -1.255  1.00 48.72  ?  129 GLU A CD  1 
ATOM   72   O  OE1 . GLU A 1 46  ? 2.357   -7.367  -2.138  1.00 50.41  ?  129 GLU A OE1 1 
ATOM   73   O  OE2 . GLU A 1 46  ? 1.298   -5.574  -1.487  1.00 50.58  -1 129 GLU A OE2 1 
ATOM   74   N  N   . VAL A 1 47  ? 5.331   -4.671  -0.817  1.00 36.79  ?  130 VAL A N   1 
ATOM   75   C  CA  . VAL A 1 47  ? 5.890   -3.385  -0.377  1.00 37.07  ?  130 VAL A CA  1 
ATOM   76   C  C   . VAL A 1 47  ? 5.157   -2.954  0.899   1.00 38.14  ?  130 VAL A C   1 
ATOM   77   O  O   . VAL A 1 47  ? 3.988   -3.281  1.063   1.00 37.44  ?  130 VAL A O   1 
ATOM   78   C  CB  . VAL A 1 47  ? 5.805   -2.330  -1.508  1.00 37.41  ?  130 VAL A CB  1 
ATOM   79   C  CG1 . VAL A 1 47  ? 4.349   -1.997  -1.814  1.00 41.40  ?  130 VAL A CG1 1 
ATOM   80   C  CG2 . VAL A 1 47  ? 6.604   -1.085  -1.158  1.00 35.02  ?  130 VAL A CG2 1 
ATOM   81   N  N   . GLY A 1 48  ? 5.878   -2.319  1.823   1.00 37.50  ?  131 GLY A N   1 
ATOM   82   C  CA  . GLY A 1 48  ? 5.325   -1.841  3.069   1.00 38.89  ?  131 GLY A CA  1 
ATOM   83   C  C   . GLY A 1 48  ? 4.907   -2.888  4.087   1.00 37.44  ?  131 GLY A C   1 
ATOM   84   O  O   . GLY A 1 48  ? 4.411   -2.528  5.142   1.00 34.69  ?  131 GLY A O   1 
ATOM   85   N  N   . LYS A 1 49  ? 5.108   -4.174  3.783   1.00 42.52  ?  132 LYS A N   1 
ATOM   86   C  CA  . LYS A 1 49  ? 4.948   -5.241  4.784   1.00 41.44  ?  132 LYS A CA  1 
ATOM   87   C  C   . LYS A 1 49  ? 6.286   -5.817  5.259   1.00 44.19  ?  132 LYS A C   1 
ATOM   88   O  O   . LYS A 1 49  ? 7.241   -5.906  4.485   1.00 43.07  ?  132 LYS A O   1 
ATOM   89   C  CB  . LYS A 1 49  ? 4.065   -6.378  4.248   1.00 41.96  ?  132 LYS A CB  1 
ATOM   90   C  CG  . LYS A 1 49  ? 2.675   -5.936  3.822   1.00 50.32  ?  132 LYS A CG  1 
ATOM   91   C  CD  . LYS A 1 49  ? 1.773   -5.557  4.991   1.00 50.39  ?  132 LYS A CD  1 
ATOM   92   C  CE  . LYS A 1 49  ? 0.493   -4.879  4.502   1.00 50.48  ?  132 LYS A CE  1 
ATOM   93   N  NZ  . LYS A 1 49  ? -0.286  -5.717  3.538   1.00 56.15  1  132 LYS A NZ  1 
ATOM   94   N  N   . THR A 1 50  ? 6.336   -6.225  6.532   1.00 45.85  ?  133 THR A N   1 
ATOM   95   C  CA  . THR A 1 50  ? 7.448   -7.030  7.067   1.00 50.63  ?  133 THR A CA  1 
ATOM   96   C  C   . THR A 1 50  ? 7.540   -8.420  6.438   1.00 49.42  ?  133 THR A C   1 
ATOM   97   O  O   . THR A 1 50  ? 6.702   -9.291  6.681   1.00 48.67  ?  133 THR A O   1 
ATOM   98   C  CB  . THR A 1 50  ? 7.386   -7.167  8.597   1.00 50.74  ?  133 THR A CB  1 
ATOM   99   O  OG1 . THR A 1 50  ? 7.328   -5.849  9.151   1.00 51.57  ?  133 THR A OG1 1 
ATOM   100  C  CG2 . THR A 1 50  ? 8.662   -7.880  9.093   1.00 42.57  ?  133 THR A CG2 1 
ATOM   101  N  N   . MET A 1 51  ? 8.565   -8.609  5.612   1.00 51.17  ?  134 MET A N   1 
ATOM   102  C  CA  . MET A 1 51  ? 8.741   -9.852  4.843   1.00 50.14  ?  134 MET A CA  1 
ATOM   103  C  C   . MET A 1 51  ? 8.922   -11.108 5.735   1.00 50.83  ?  134 MET A C   1 
ATOM   104  O  O   . MET A 1 51  ? 9.456   -11.025 6.853   1.00 48.76  ?  134 MET A O   1 
ATOM   105  C  CB  . MET A 1 51  ? 9.932   -9.694  3.864   1.00 47.85  ?  134 MET A CB  1 
ATOM   106  C  CG  . MET A 1 51  ? 11.323  -9.569  4.521   1.00 38.57  ?  134 MET A CG  1 
ATOM   107  S  SD  . MET A 1 51  ? 12.691  -9.256  3.379   1.00 34.81  ?  134 MET A SD  1 
ATOM   108  C  CE  . MET A 1 51  ? 12.664  -10.867 2.604   1.00 37.53  ?  134 MET A CE  1 
ATOM   109  N  N   . ASN A 1 52  ? 8.455   -12.264 5.249   1.00 56.97  ?  135 ASN A N   1 
ATOM   110  C  CA  . ASN A 1 52  ? 9.014   -13.553 5.701   1.00 59.48  ?  135 ASN A CA  1 
ATOM   111  C  C   . ASN A 1 52  ? 10.535  -13.472 5.397   1.00 58.17  ?  135 ASN A C   1 
ATOM   112  O  O   . ASN A 1 52  ? 10.920  -13.120 4.270   1.00 53.19  ?  135 ASN A O   1 
ATOM   113  C  CB  . ASN A 1 52  ? 8.393   -14.757 4.959   1.00 62.18  ?  135 ASN A CB  1 
ATOM   114  C  CG  . ASN A 1 52  ? 6.858   -14.729 4.908   1.00 66.41  ?  135 ASN A CG  1 
ATOM   115  O  OD1 . ASN A 1 52  ? 6.248   -13.756 4.450   1.00 76.63  ?  135 ASN A OD1 1 
ATOM   116  N  ND2 . ASN A 1 52  ? 6.233   -15.828 5.338   1.00 68.12  ?  135 ASN A ND2 1 
ATOM   117  N  N   . PRO A 1 53  ? 11.396  -13.733 6.407   1.00 57.40  ?  136 PRO A N   1 
ATOM   118  C  CA  . PRO A 1 53  ? 12.837  -13.711 6.180   1.00 60.18  ?  136 PRO A CA  1 
ATOM   119  C  C   . PRO A 1 53  ? 13.210  -14.694 5.076   1.00 62.89  ?  136 PRO A C   1 
ATOM   120  O  O   . PRO A 1 53  ? 12.670  -15.801 5.031   1.00 54.22  ?  136 PRO A O   1 
ATOM   121  C  CB  . PRO A 1 53  ? 13.420  -14.205 7.509   1.00 55.54  ?  136 PRO A CB  1 
ATOM   122  C  CG  . PRO A 1 53  ? 12.383  -13.860 8.524   1.00 62.80  ?  136 PRO A CG  1 
ATOM   123  C  CD  . PRO A 1 53  ? 11.073  -14.062 7.807   1.00 62.53  ?  136 PRO A CD  1 
ATOM   124  N  N   . ILE A 1 54  ? 14.106  -14.289 4.181   1.00 62.87  ?  137 ILE A N   1 
ATOM   125  C  CA  . ILE A 1 54  ? 14.693  -15.243 3.257   1.00 61.30  ?  137 ILE A CA  1 
ATOM   126  C  C   . ILE A 1 54  ? 15.957  -15.786 3.901   1.00 62.11  ?  137 ILE A C   1 
ATOM   127  O  O   . ILE A 1 54  ? 16.902  -15.031 4.182   1.00 67.80  ?  137 ILE A O   1 
ATOM   128  C  CB  . ILE A 1 54  ? 15.026  -14.606 1.911   1.00 58.25  ?  137 ILE A CB  1 
ATOM   129  C  CG1 . ILE A 1 54  ? 13.773  -13.985 1.312   1.00 65.31  ?  137 ILE A CG1 1 
ATOM   130  C  CG2 . ILE A 1 54  ? 15.611  -15.649 0.978   1.00 65.52  ?  137 ILE A CG2 1 
ATOM   131  C  CD1 . ILE A 1 54  ? 14.073  -12.967 0.236   1.00 65.68  ?  137 ILE A CD1 1 
ATOM   132  N  N   . VAL A 1 55  ? 15.950  -17.097 4.146   1.00 63.28  ?  138 VAL A N   1 
ATOM   133  C  CA  . VAL A 1 55  ? 17.111  -17.865 4.651   1.00 57.73  ?  138 VAL A CA  1 
ATOM   134  C  C   . VAL A 1 55  ? 18.127  -18.165 3.522   1.00 59.61  ?  138 VAL A C   1 
ATOM   135  O  O   . VAL A 1 55  ? 17.772  -18.694 2.458   1.00 52.75  ?  138 VAL A O   1 
ATOM   136  C  CB  . VAL A 1 55  ? 16.643  -19.188 5.315   1.00 59.53  ?  138 VAL A CB  1 
ATOM   137  C  CG1 . VAL A 1 55  ? 17.802  -19.919 5.981   1.00 64.47  ?  138 VAL A CG1 1 
ATOM   138  C  CG2 . VAL A 1 55  ? 15.565  -18.915 6.361   1.00 58.60  ?  138 VAL A CG2 1 
ATOM   139  N  N   . LEU A 1 56  ? 19.384  -17.789 3.743   1.00 57.08  ?  139 LEU A N   1 
ATOM   140  C  CA  . LEU A 1 56  ? 20.484  -18.209 2.875   1.00 56.78  ?  139 LEU A CA  1 
ATOM   141  C  C   . LEU A 1 56  ? 21.084  -19.530 3.371   1.00 61.51  ?  139 LEU A C   1 
ATOM   142  O  O   . LEU A 1 56  ? 21.581  -19.598 4.502   1.00 66.22  ?  139 LEU A O   1 
ATOM   143  C  CB  . LEU A 1 56  ? 21.566  -17.145 2.864   1.00 53.58  ?  139 LEU A CB  1 
ATOM   144  C  CG  . LEU A 1 56  ? 21.212  -15.827 2.198   1.00 53.15  ?  139 LEU A CG  1 
ATOM   145  C  CD1 . LEU A 1 56  ? 22.483  -15.010 2.135   1.00 50.63  ?  139 LEU A CD1 1 
ATOM   146  C  CD2 . LEU A 1 56  ? 20.627  -16.044 0.802   1.00 51.73  ?  139 LEU A CD2 1 
ATOM   147  N  N   . THR A 1 57  ? 21.022  -20.568 2.534   1.00 63.92  ?  140 THR A N   1 
ATOM   148  C  CA  . THR A 1 57  ? 21.461  -21.929 2.923   1.00 66.07  ?  140 THR A CA  1 
ATOM   149  C  C   . THR A 1 57  ? 22.323  -22.621 1.879   1.00 62.12  ?  140 THR A C   1 
ATOM   150  O  O   . THR A 1 57  ? 22.186  -22.361 0.674   1.00 70.86  ?  140 THR A O   1 
ATOM   151  C  CB  . THR A 1 57  ? 20.276  -22.881 3.196   1.00 63.32  ?  140 THR A CB  1 
ATOM   152  O  OG1 . THR A 1 57  ? 19.314  -22.751 2.145   1.00 59.67  ?  140 THR A OG1 1 
ATOM   153  C  CG2 . THR A 1 57  ? 19.629  -22.591 4.548   1.00 59.82  ?  140 THR A CG2 1 
ATOM   154  N  N   . THR A 1 58  ? 23.191  -23.509 2.362   1.00 71.56  ?  141 THR A N   1 
ATOM   155  C  CA  . THR A 1 58  ? 24.106  -24.322 1.534   1.00 77.26  ?  141 THR A CA  1 
ATOM   156  C  C   . THR A 1 58  ? 23.732  -25.801 1.621   1.00 74.67  ?  141 THR A C   1 
ATOM   157  O  O   . THR A 1 58  ? 24.151  -26.611 0.789   1.00 83.34  ?  141 THR A O   1 
ATOM   158  C  CB  . THR A 1 58  ? 25.566  -24.171 2.005   1.00 76.74  ?  141 THR A CB  1 
ATOM   159  O  OG1 . THR A 1 58  ? 25.630  -24.431 3.408   1.00 81.76  ?  141 THR A OG1 1 
ATOM   160  C  CG2 . THR A 1 58  ? 26.092  -22.770 1.754   1.00 76.76  ?  141 THR A CG2 1 
ATOM   161  N  N   . VAL A 1 66  ? 30.719  -20.715 7.298   1.00 79.09  ?  149 VAL A N   1 
ATOM   162  C  CA  . VAL A 1 66  ? 30.409  -19.970 6.071   1.00 75.92  ?  149 VAL A CA  1 
ATOM   163  C  C   . VAL A 1 66  ? 30.133  -18.477 6.355   1.00 74.75  ?  149 VAL A C   1 
ATOM   164  O  O   . VAL A 1 66  ? 29.521  -18.129 7.361   1.00 69.62  ?  149 VAL A O   1 
ATOM   165  C  CB  . VAL A 1 66  ? 29.245  -20.624 5.298   1.00 73.06  ?  149 VAL A CB  1 
ATOM   166  C  CG1 . VAL A 1 66  ? 28.952  -19.869 4.002   1.00 70.48  ?  149 VAL A CG1 1 
ATOM   167  C  CG2 . VAL A 1 66  ? 29.559  -22.092 5.012   1.00 68.02  ?  149 VAL A CG2 1 
ATOM   168  N  N   . THR A 1 67  ? 30.611  -17.597 5.483   1.00 70.44  ?  150 THR A N   1 
ATOM   169  C  CA  . THR A 1 67  ? 30.462  -16.172 5.686   1.00 67.85  ?  150 THR A CA  1 
ATOM   170  C  C   . THR A 1 67  ? 29.830  -15.596 4.446   1.00 70.14  ?  150 THR A C   1 
ATOM   171  O  O   . THR A 1 67  ? 30.429  -15.629 3.375   1.00 74.65  ?  150 THR A O   1 
ATOM   172  C  CB  . THR A 1 67  ? 31.821  -15.495 5.928   1.00 68.76  ?  150 THR A CB  1 
ATOM   173  O  OG1 . THR A 1 67  ? 32.256  -15.810 7.245   1.00 76.41  ?  150 THR A OG1 1 
ATOM   174  C  CG2 . THR A 1 67  ? 31.737  -13.963 5.796   1.00 64.18  ?  150 THR A CG2 1 
ATOM   175  N  N   . ASN A 1 68  ? 28.626  -15.054 4.594   1.00 65.96  ?  151 ASN A N   1 
ATOM   176  C  CA  . ASN A 1 68  ? 27.946  -14.442 3.469   1.00 58.26  ?  151 ASN A CA  1 
ATOM   177  C  C   . ASN A 1 68  ? 28.129  -12.948 3.446   1.00 57.38  ?  151 ASN A C   1 
ATOM   178  O  O   . ASN A 1 68  ? 28.153  -12.334 4.498   1.00 58.66  ?  151 ASN A O   1 
ATOM   179  C  CB  . ASN A 1 68  ? 26.499  -14.818 3.531   1.00 59.84  ?  151 ASN A CB  1 
ATOM   180  C  CG  . ASN A 1 68  ? 26.301  -16.281 3.279   1.00 61.42  ?  151 ASN A CG  1 
ATOM   181  O  OD1 . ASN A 1 68  ? 26.713  -16.799 2.237   1.00 57.85  ?  151 ASN A OD1 1 
ATOM   182  N  ND2 . ASN A 1 68  ? 25.685  -16.967 4.228   1.00 56.79  ?  151 ASN A ND2 1 
ATOM   183  N  N   . THR A 1 69  ? 28.320  -12.388 2.246   1.00 59.01  ?  152 THR A N   1 
ATOM   184  C  CA  . THR A 1 69  ? 28.459  -10.933 2.027   1.00 60.98  ?  152 THR A CA  1 
ATOM   185  C  C   . THR A 1 69  ? 27.412  -10.460 1.036   1.00 63.26  ?  152 THR A C   1 
ATOM   186  O  O   . THR A 1 69  ? 27.537  -10.680 -0.183  1.00 64.50  ?  152 THR A O   1 
ATOM   187  C  CB  . THR A 1 69  ? 29.862  -10.523 1.520   1.00 58.08  ?  152 THR A CB  1 
ATOM   188  O  OG1 . THR A 1 69  ? 30.771  -10.571 2.616   1.00 58.21  ?  152 THR A OG1 1 
ATOM   189  C  CG2 . THR A 1 69  ? 29.874  -9.078  0.922   1.00 58.87  ?  152 THR A CG2 1 
ATOM   190  N  N   . VAL A 1 70  ? 26.394  -9.795  1.571   1.00 54.25  ?  153 VAL A N   1 
ATOM   191  C  CA  . VAL A 1 70  ? 25.210  -9.471  0.802   1.00 51.54  ?  153 VAL A CA  1 
ATOM   192  C  C   . VAL A 1 70  ? 25.192  -7.993  0.355   1.00 53.51  ?  153 VAL A C   1 
ATOM   193  O  O   . VAL A 1 70  ? 25.532  -7.080  1.124   1.00 51.41  ?  153 VAL A O   1 
ATOM   194  C  CB  . VAL A 1 70  ? 23.955  -9.839  1.612   1.00 54.29  ?  153 VAL A CB  1 
ATOM   195  C  CG1 . VAL A 1 70  ? 22.709  -9.753  0.739   1.00 46.56  ?  153 VAL A CG1 1 
ATOM   196  C  CG2 . VAL A 1 70  ? 24.097  -11.244 2.196   1.00 44.30  ?  153 VAL A CG2 1 
ATOM   197  N  N   . THR A 1 71  ? 24.832  -7.763  -0.901  1.00 48.05  ?  154 THR A N   1 
ATOM   198  C  CA  . THR A 1 71  ? 24.811  -6.423  -1.444  1.00 50.61  ?  154 THR A CA  1 
ATOM   199  C  C   . THR A 1 71  ? 23.674  -6.275  -2.440  1.00 47.83  ?  154 THR A C   1 
ATOM   200  O  O   . THR A 1 71  ? 23.113  -7.275  -2.935  1.00 50.43  ?  154 THR A O   1 
ATOM   201  C  CB  . THR A 1 71  ? 26.125  -6.070  -2.170  1.00 51.65  ?  154 THR A CB  1 
ATOM   202  O  OG1 . THR A 1 71  ? 26.150  -6.720  -3.449  1.00 53.55  ?  154 THR A OG1 1 
ATOM   203  C  CG2 . THR A 1 71  ? 27.351  -6.482  -1.346  1.00 58.55  ?  154 THR A CG2 1 
ATOM   204  N  N   . GLY A 1 72  ? 23.351  -5.023  -2.749  1.00 45.14  ?  155 GLY A N   1 
ATOM   205  C  CA  . GLY A 1 72  ? 22.290  -4.717  -3.705  1.00 47.38  ?  155 GLY A CA  1 
ATOM   206  C  C   . GLY A 1 72  ? 20.885  -4.833  -3.120  1.00 48.71  ?  155 GLY A C   1 
ATOM   207  O  O   . GLY A 1 72  ? 19.904  -4.761  -3.858  1.00 53.61  ?  155 GLY A O   1 
ATOM   208  N  N   . LEU A 1 73  ? 20.774  -5.032  -1.810  1.00 45.80  ?  156 LEU A N   1 
ATOM   209  C  CA  . LEU A 1 73  ? 19.462  -5.031  -1.143  1.00 48.10  ?  156 LEU A CA  1 
ATOM   210  C  C   . LEU A 1 73  ? 18.658  -3.715  -1.321  1.00 47.63  ?  156 LEU A C   1 
ATOM   211  O  O   . LEU A 1 73  ? 19.238  -2.632  -1.205  1.00 46.92  ?  156 LEU A O   1 
ATOM   212  C  CB  . LEU A 1 73  ? 19.631  -5.343  0.350   1.00 44.72  ?  156 LEU A CB  1 
ATOM   213  C  CG  . LEU A 1 73  ? 19.955  -6.801  0.694   1.00 49.02  ?  156 LEU A CG  1 
ATOM   214  C  CD1 . LEU A 1 73  ? 20.250  -6.972  2.177   1.00 48.73  ?  156 LEU A CD1 1 
ATOM   215  C  CD2 . LEU A 1 73  ? 18.856  -7.763  0.271   1.00 45.21  ?  156 LEU A CD2 1 
ATOM   216  N  N   . PRO A 1 74  ? 17.317  -3.810  -1.586  1.00 47.96  ?  157 PRO A N   1 
ATOM   217  C  CA  . PRO A 1 74  ? 16.445  -2.624  -1.616  1.00 48.03  ?  157 PRO A CA  1 
ATOM   218  C  C   . PRO A 1 74  ? 16.430  -1.936  -0.267  1.00 46.47  ?  157 PRO A C   1 
ATOM   219  O  O   . PRO A 1 74  ? 16.768  -2.557  0.756   1.00 47.27  ?  157 PRO A O   1 
ATOM   220  C  CB  . PRO A 1 74  ? 15.043  -3.210  -1.879  1.00 49.37  ?  157 PRO A CB  1 
ATOM   221  C  CG  . PRO A 1 74  ? 15.267  -4.580  -2.421  1.00 53.70  ?  157 PRO A CG  1 
ATOM   222  C  CD  . PRO A 1 74  ? 16.550  -5.054  -1.812  1.00 50.18  ?  157 PRO A CD  1 
ATOM   223  N  N   . SER A 1 75  ? 16.021  -0.672  -0.244  1.00 46.01  ?  158 SER A N   1 
ATOM   224  C  CA  . SER A 1 75  ? 15.931  0.052   1.029   1.00 45.14  ?  158 SER A CA  1 
ATOM   225  C  C   . SER A 1 75  ? 14.908  -0.674  1.852   1.00 38.69  ?  158 SER A C   1 
ATOM   226  O  O   . SER A 1 75  ? 13.944  -1.212  1.320   1.00 38.05  ?  158 SER A O   1 
ATOM   227  C  CB  . SER A 1 75  ? 15.449  1.455   0.767   1.00 47.11  ?  158 SER A CB  1 
ATOM   228  O  OG  . SER A 1 75  ? 15.814  1.809   -0.555  1.00 61.84  ?  158 SER A OG  1 
ATOM   229  N  N   . GLY A 1 76  ? 15.126  -0.719  3.144   1.00 38.43  ?  159 GLY A N   1 
ATOM   230  C  CA  . GLY A 1 76  ? 14.182  -1.361  4.027   1.00 39.47  ?  159 GLY A CA  1 
ATOM   231  C  C   . GLY A 1 76  ? 14.569  -2.769  4.435   1.00 42.90  ?  159 GLY A C   1 
ATOM   232  O  O   . GLY A 1 76  ? 14.038  -3.276  5.412   1.00 44.24  ?  159 GLY A O   1 
ATOM   233  N  N   . LEU A 1 77  ? 15.491  -3.397  3.706   1.00 43.48  ?  160 LEU A N   1 
ATOM   234  C  CA  . LEU A 1 77  ? 15.905  -4.767  4.000   1.00 42.68  ?  160 LEU A CA  1 
ATOM   235  C  C   . LEU A 1 77  ? 17.360  -4.766  4.331   1.00 45.86  ?  160 LEU A C   1 
ATOM   236  O  O   . LEU A 1 77  ? 18.079  -3.922  3.835   1.00 46.28  ?  160 LEU A O   1 
ATOM   237  C  CB  . LEU A 1 77  ? 15.785  -5.625  2.766   1.00 44.14  ?  160 LEU A CB  1 
ATOM   238  C  CG  . LEU A 1 77  ? 14.492  -5.906  2.045   1.00 43.49  ?  160 LEU A CG  1 
ATOM   239  C  CD1 . LEU A 1 77  ? 14.874  -7.097  1.203   1.00 44.58  ?  160 LEU A CD1 1 
ATOM   240  C  CD2 . LEU A 1 77  ? 13.360  -6.295  2.978   1.00 43.90  ?  160 LEU A CD2 1 
ATOM   241  N  N   . SER A 1 78  ? 17.806  -5.715  5.151   1.00 48.88  ?  161 SER A N   1 
ATOM   242  C  CA  . SER A 1 78  ? 19.244  -6.022  5.235   1.00 48.55  ?  161 SER A CA  1 
ATOM   243  C  C   . SER A 1 78  ? 19.459  -7.498  5.613   1.00 52.43  ?  161 SER A C   1 
ATOM   244  O  O   . SER A 1 78  ? 18.491  -8.278  5.682   1.00 51.97  ?  161 SER A O   1 
ATOM   245  C  CB  . SER A 1 78  ? 19.985  -5.085  6.189   1.00 45.11  ?  161 SER A CB  1 
ATOM   246  O  OG  . SER A 1 78  ? 19.784  -5.532  7.508   1.00 56.33  ?  161 SER A OG  1 
ATOM   247  N  N   . TYR A 1 79  ? 20.726  -7.873  5.828   1.00 53.39  ?  162 TYR A N   1 
ATOM   248  C  CA  . TYR A 1 79  ? 21.125  -9.259  6.069   1.00 46.35  ?  162 TYR A CA  1 
ATOM   249  C  C   . TYR A 1 79  ? 21.481  -9.534  7.530   1.00 43.17  ?  162 TYR A C   1 
ATOM   250  O  O   . TYR A 1 79  ? 22.356  -8.873  8.102   1.00 40.24  ?  162 TYR A O   1 
ATOM   251  C  CB  . TYR A 1 79  ? 22.306  -9.638  5.161   1.00 53.39  ?  162 TYR A CB  1 
ATOM   252  C  CG  . TYR A 1 79  ? 22.912  -11.009 5.459   1.00 52.76  ?  162 TYR A CG  1 
ATOM   253  C  CD1 . TYR A 1 79  ? 22.174  -12.159 5.255   1.00 48.62  ?  162 TYR A CD1 1 
ATOM   254  C  CD2 . TYR A 1 79  ? 24.221  -11.143 5.942   1.00 49.78  ?  162 TYR A CD2 1 
ATOM   255  C  CE1 . TYR A 1 79  ? 22.706  -13.414 5.523   1.00 54.13  ?  162 TYR A CE1 1 
ATOM   256  C  CE2 . TYR A 1 79  ? 24.768  -12.407 6.203   1.00 53.63  ?  162 TYR A CE2 1 
ATOM   257  C  CZ  . TYR A 1 79  ? 23.993  -13.538 5.985   1.00 54.99  ?  162 TYR A CZ  1 
ATOM   258  O  OH  . TYR A 1 79  ? 24.466  -14.814 6.215   1.00 61.44  ?  162 TYR A OH  1 
ATOM   259  N  N   . ASP A 1 80  ? 20.790  -10.508 8.115   1.00 41.70  ?  163 ASP A N   1 
ATOM   260  C  CA  . ASP A 1 80  ? 21.066  -10.926 9.477   1.00 51.38  ?  163 ASP A CA  1 
ATOM   261  C  C   . ASP A 1 80  ? 22.017  -12.109 9.489   1.00 50.50  ?  163 ASP A C   1 
ATOM   262  O  O   . ASP A 1 80  ? 21.599  -13.248 9.273   1.00 47.44  ?  163 ASP A O   1 
ATOM   263  C  CB  . ASP A 1 80  ? 19.795  -11.360 10.183  1.00 51.17  ?  163 ASP A CB  1 
ATOM   264  C  CG  . ASP A 1 80  ? 20.025  -11.637 11.665  1.00 59.11  ?  163 ASP A CG  1 
ATOM   265  O  OD1 . ASP A 1 80  ? 21.134  -11.342 12.197  1.00 57.27  ?  163 ASP A OD1 1 
ATOM   266  O  OD2 . ASP A 1 80  ? 19.083  -12.146 12.299  1.00 60.95  -1 163 ASP A OD2 1 
ATOM   267  N  N   . SER A 1 81  ? 23.289  -11.820 9.730   1.00 53.70  ?  164 SER A N   1 
ATOM   268  C  CA  . SER A 1 81  ? 24.297  -12.863 9.927   1.00 56.71  ?  164 SER A CA  1 
ATOM   269  C  C   . SER A 1 81  ? 23.785  -14.024 10.741  1.00 56.34  ?  164 SER A C   1 
ATOM   270  O  O   . SER A 1 81  ? 23.762  -15.134 10.263  1.00 63.70  ?  164 SER A O   1 
ATOM   271  C  CB  . SER A 1 81  ? 25.491  -12.281 10.635  1.00 51.78  ?  164 SER A CB  1 
ATOM   272  O  OG  . SER A 1 81  ? 26.352  -11.744 9.674   1.00 57.77  ?  164 SER A OG  1 
ATOM   273  N  N   . ALA A 1 82  ? 23.334  -13.751 11.961  1.00 55.74  ?  165 ALA A N   1 
ATOM   274  C  CA  . ALA A 1 82  ? 23.039  -14.805 12.927  1.00 49.91  ?  165 ALA A CA  1 
ATOM   275  C  C   . ALA A 1 82  ? 21.963  -15.782 12.477  1.00 55.29  ?  165 ALA A C   1 
ATOM   276  O  O   . ALA A 1 82  ? 21.825  -16.889 13.028  1.00 56.71  ?  165 ALA A O   1 
ATOM   277  C  CB  . ALA A 1 82  ? 22.655  -14.183 14.244  1.00 55.36  ?  165 ALA A CB  1 
ATOM   278  N  N   . THR A 1 83  ? 21.188  -15.388 11.472  1.00 53.65  ?  166 THR A N   1 
ATOM   279  C  CA  . THR A 1 83  ? 20.160  -16.282 10.975  1.00 55.27  ?  166 THR A CA  1 
ATOM   280  C  C   . THR A 1 83  ? 20.379  -16.529 9.518   1.00 53.84  ?  166 THR A C   1 
ATOM   281  O  O   . THR A 1 83  ? 19.600  -17.248 8.925   1.00 50.51  ?  166 THR A O   1 
ATOM   282  C  CB  . THR A 1 83  ? 18.732  -15.713 11.165  1.00 54.40  ?  166 THR A CB  1 
ATOM   283  O  OG1 . THR A 1 83  ? 18.626  -14.442 10.507  1.00 55.12  ?  166 THR A OG1 1 
ATOM   284  C  CG2 . THR A 1 83  ? 18.412  -15.567 12.644  1.00 50.38  ?  166 THR A CG2 1 
ATOM   285  N  N   . ASN A 1 84  ? 21.446  -15.956 8.954   1.00 57.03  ?  167 ASN A N   1 
ATOM   286  C  CA  . ASN A 1 84  ? 21.681  -15.993 7.501   1.00 61.28  ?  167 ASN A CA  1 
ATOM   287  C  C   . ASN A 1 84  ? 20.388  -15.686 6.786   1.00 61.36  ?  167 ASN A C   1 
ATOM   288  O  O   . ASN A 1 84  ? 20.005  -16.377 5.838   1.00 58.17  ?  167 ASN A O   1 
ATOM   289  C  CB  . ASN A 1 84  ? 22.218  -17.341 7.017   1.00 70.79  ?  167 ASN A CB  1 
ATOM   290  C  CG  . ASN A 1 84  ? 23.432  -17.798 7.790   1.00 75.53  ?  167 ASN A CG  1 
ATOM   291  O  OD1 . ASN A 1 84  ? 24.282  -16.990 8.172   1.00 81.88  ?  167 ASN A OD1 1 
ATOM   292  N  ND2 . ASN A 1 84  ? 23.519  -19.096 8.029   1.00 68.22  ?  167 ASN A ND2 1 
ATOM   293  N  N   . SER A 1 85  ? 19.706  -14.655 7.279   1.00 57.68  ?  168 SER A N   1 
ATOM   294  C  CA  . SER A 1 85  ? 18.430  -14.240 6.726   1.00 54.69  ?  168 SER A CA  1 
ATOM   295  C  C   . SER A 1 85  ? 18.452  -12.794 6.298   1.00 49.46  ?  168 SER A C   1 
ATOM   296  O  O   . SER A 1 85  ? 19.097  -11.914 6.921   1.00 48.13  ?  168 SER A O   1 
ATOM   297  C  CB  . SER A 1 85  ? 17.289  -14.469 7.717   1.00 56.15  ?  168 SER A CB  1 
ATOM   298  O  OG  . SER A 1 85  ? 16.862  -15.822 7.692   1.00 58.07  ?  168 SER A OG  1 
ATOM   299  N  N   . ILE A 1 86  ? 17.768  -12.584 5.189   1.00 47.30  ?  169 ILE A N   1 
ATOM   300  C  CA  . ILE A 1 86  ? 17.456  -11.285 4.676   1.00 45.24  ?  169 ILE A CA  1 
ATOM   301  C  C   . ILE A 1 86  ? 16.077  -10.991 5.272   1.00 49.72  ?  169 ILE A C   1 
ATOM   302  O  O   . ILE A 1 86  ? 15.129  -11.773 5.096   1.00 47.75  ?  169 ILE A O   1 
ATOM   303  C  CB  . ILE A 1 86  ? 17.350  -11.332 3.161   1.00 47.19  ?  169 ILE A CB  1 
ATOM   304  C  CG1 . ILE A 1 86  ? 18.661  -11.880 2.586   1.00 48.19  ?  169 ILE A CG1 1 
ATOM   305  C  CG2 . ILE A 1 86  ? 16.984  -9.960  2.606   1.00 40.85  ?  169 ILE A CG2 1 
ATOM   306  C  CD1 . ILE A 1 86  ? 18.752  -11.764 1.083   1.00 51.12  ?  169 ILE A CD1 1 
ATOM   307  N  N   . ILE A 1 87  ? 16.007  -9.878  5.999   1.00 47.89  ?  170 ILE A N   1 
ATOM   308  C  CA  . ILE A 1 87  ? 14.802  -9.430  6.696   1.00 48.11  ?  170 ILE A CA  1 
ATOM   309  C  C   . ILE A 1 87  ? 14.593  -7.931  6.489   1.00 46.18  ?  170 ILE A C   1 
ATOM   310  O  O   . ILE A 1 87  ? 15.446  -7.228  5.887   1.00 43.93  ?  170 ILE A O   1 
ATOM   311  C  CB  . ILE A 1 87  ? 14.920  -9.664  8.224   1.00 50.93  ?  170 ILE A CB  1 
ATOM   312  C  CG1 . ILE A 1 87  ? 16.069  -8.821  8.798   1.00 51.47  ?  170 ILE A CG1 1 
ATOM   313  C  CG2 . ILE A 1 87  ? 15.013  -11.161 8.548   1.00 49.17  ?  170 ILE A CG2 1 
ATOM   314  C  CD1 . ILE A 1 87  ? 16.240  -8.969  10.289  1.00 64.21  ?  170 ILE A CD1 1 
ATOM   315  N  N   . GLY A 1 88  ? 13.489  -7.438  7.049   1.00 41.78  ?  171 GLY A N   1 
ATOM   316  C  CA  . GLY A 1 88  ? 13.144  -6.029  6.985   1.00 41.62  ?  171 GLY A CA  1 
ATOM   317  C  C   . GLY A 1 88  ? 11.793  -5.821  6.329   1.00 44.04  ?  171 GLY A C   1 
ATOM   318  O  O   . GLY A 1 88  ? 11.023  -6.766  6.176   1.00 41.51  ?  171 GLY A O   1 
ATOM   319  N  N   . THR A 1 89  ? 11.510  -4.570  5.949   1.00 43.21  ?  172 THR A N   1 
ATOM   320  C  CA  . THR A 1 89  ? 10.280  -4.222  5.248   1.00 41.17  ?  172 THR A CA  1 
ATOM   321  C  C   . THR A 1 89  ? 10.722  -3.333  4.072   1.00 37.14  ?  172 THR A C   1 
ATOM   322  O  O   . THR A 1 89  ? 11.283  -2.253  4.257   1.00 38.53  ?  172 THR A O   1 
ATOM   323  C  CB  . THR A 1 89  ? 9.253   -3.474  6.157   1.00 44.13  ?  172 THR A CB  1 
ATOM   324  O  OG1 . THR A 1 89  ? 9.797   -2.224  6.508   1.00 58.55  ?  172 THR A OG1 1 
ATOM   325  C  CG2 . THR A 1 89  ? 9.024   -4.153  7.462   1.00 44.04  ?  172 THR A CG2 1 
ATOM   326  N  N   . PRO A 1 90  ? 10.515  -3.801  2.843   1.00 34.75  ?  173 PRO A N   1 
ATOM   327  C  CA  . PRO A 1 90  ? 10.858  -2.964  1.684   1.00 33.04  ?  173 PRO A CA  1 
ATOM   328  C  C   . PRO A 1 90  ? 9.888   -1.753  1.492   1.00 41.34  ?  173 PRO A C   1 
ATOM   329  O  O   . PRO A 1 90  ? 8.677   -1.886  1.715   1.00 40.47  ?  173 PRO A O   1 
ATOM   330  C  CB  . PRO A 1 90  ? 10.669  -3.910  0.545   1.00 27.60  ?  173 PRO A CB  1 
ATOM   331  C  CG  . PRO A 1 90  ? 9.631   -4.930  0.989   1.00 25.96  ?  173 PRO A CG  1 
ATOM   332  C  CD  . PRO A 1 90  ? 9.657   -4.947  2.500   1.00 31.98  ?  173 PRO A CD  1 
ATOM   333  N  N   . THR A 1 91  ? 10.391  -0.609  1.047   1.00 40.99  ?  174 THR A N   1 
ATOM   334  C  CA  . THR A 1 91  ? 9.545   0.556   0.891   1.00 48.14  ?  174 THR A CA  1 
ATOM   335  C  C   . THR A 1 91  ? 9.263   0.975   -0.543  1.00 49.80  ?  174 THR A C   1 
ATOM   336  O  O   . THR A 1 91  ? 8.349   1.757   -0.771  1.00 51.78  ?  174 THR A O   1 
ATOM   337  C  CB  . THR A 1 91  ? 10.127  1.770   1.649   1.00 48.57  ?  174 THR A CB  1 
ATOM   338  O  OG1 . THR A 1 91  ? 11.484  1.941   1.261   1.00 44.16  ?  174 THR A OG1 1 
ATOM   339  C  CG2 . THR A 1 91  ? 10.037  1.551   3.169   1.00 51.34  ?  174 THR A CG2 1 
ATOM   340  N  N   . LYS A 1 92  ? 10.045  0.480   -1.501  1.00 55.25  ?  175 LYS A N   1 
ATOM   341  C  CA  . LYS A 1 92  ? 9.920   0.881   -2.916  1.00 47.48  ?  175 LYS A CA  1 
ATOM   342  C  C   . LYS A 1 92  ? 9.504   -0.291  -3.727  1.00 46.69  ?  175 LYS A C   1 
ATOM   343  O  O   . LYS A 1 92  ? 10.023  -1.383  -3.514  1.00 45.27  ?  175 LYS A O   1 
ATOM   344  C  CB  . LYS A 1 92  ? 11.252  1.375   -3.464  1.00 48.98  ?  175 LYS A CB  1 
ATOM   345  C  CG  . LYS A 1 92  ? 11.555  2.800   -3.050  1.00 62.33  ?  175 LYS A CG  1 
ATOM   346  C  CD  . LYS A 1 92  ? 13.036  3.017   -2.819  1.00 60.89  ?  175 LYS A CD  1 
ATOM   347  C  CE  . LYS A 1 92  ? 13.269  4.039   -1.700  1.00 58.63  ?  175 LYS A CE  1 
ATOM   348  N  NZ  . LYS A 1 92  ? 14.699  4.467   -1.719  1.00 60.98  1  175 LYS A NZ  1 
ATOM   349  N  N   . ILE A 1 93  ? 8.572   -0.070  -4.657  1.00 40.85  ?  176 ILE A N   1 
ATOM   350  C  CA  . ILE A 1 93  ? 8.171   -1.086  -5.581  1.00 44.47  ?  176 ILE A CA  1 
ATOM   351  C  C   . ILE A 1 93  ? 9.243   -1.216  -6.656  1.00 52.90  ?  176 ILE A C   1 
ATOM   352  O  O   . ILE A 1 93  ? 9.757   -0.202  -7.155  1.00 47.57  ?  176 ILE A O   1 
ATOM   353  C  CB  . ILE A 1 93  ? 6.834   -0.748  -6.255  1.00 51.19  ?  176 ILE A CB  1 
ATOM   354  C  CG1 . ILE A 1 93  ? 5.690   -0.870  -5.235  1.00 51.53  ?  176 ILE A CG1 1 
ATOM   355  C  CG2 . ILE A 1 93  ? 6.602   -1.612  -7.520  1.00 41.68  ?  176 ILE A CG2 1 
ATOM   356  C  CD1 . ILE A 1 93  ? 4.474   -0.050  -5.647  1.00 55.12  ?  176 ILE A CD1 1 
ATOM   357  N  N   . GLY A 1 94  ? 9.548   -2.464  -7.025  1.00 52.75  ?  177 GLY A N   1 
ATOM   358  C  CA  . GLY A 1 94  ? 10.546  -2.728  -8.074  1.00 53.67  ?  177 GLY A CA  1 
ATOM   359  C  C   . GLY A 1 94  ? 11.408  -3.960  -7.851  1.00 51.59  ?  177 GLY A C   1 
ATOM   360  O  O   . GLY A 1 94  ? 11.261  -4.684  -6.855  1.00 49.93  ?  177 GLY A O   1 
ATOM   361  N  N   . GLN A 1 95  ? 12.301  -4.198  -8.802  1.00 52.18  ?  178 GLN A N   1 
ATOM   362  C  CA  . GLN A 1 95  ? 13.194  -5.343  -8.790  1.00 51.45  ?  178 GLN A CA  1 
ATOM   363  C  C   . GLN A 1 95  ? 14.574  -4.912  -8.356  1.00 50.88  ?  178 GLN A C   1 
ATOM   364  O  O   . GLN A 1 95  ? 15.103  -3.880  -8.804  1.00 47.53  ?  178 GLN A O   1 
ATOM   365  C  CB  . GLN A 1 95  ? 13.295  -5.972  -10.192 1.00 53.36  ?  178 GLN A CB  1 
ATOM   366  C  CG  . GLN A 1 95  ? 12.197  -6.946  -10.568 1.00 57.93  ?  178 GLN A CG  1 
ATOM   367  C  CD  . GLN A 1 95  ? 12.371  -7.507  -11.963 1.00 62.08  ?  178 GLN A CD  1 
ATOM   368  O  OE1 . GLN A 1 95  ? 13.161  -6.993  -12.748 1.00 74.09  ?  178 GLN A OE1 1 
ATOM   369  N  NE2 . GLN A 1 95  ? 11.627  -8.566  -12.280 1.00 66.36  ?  178 GLN A NE2 1 
ATOM   370  N  N   . SER A 1 96  ? 15.177  -5.744  -7.520  1.00 49.68  ?  179 SER A N   1 
ATOM   371  C  CA  . SER A 1 96  ? 16.564  -5.566  -7.165  1.00 56.04  ?  179 SER A CA  1 
ATOM   372  C  C   . SER A 1 96  ? 17.381  -6.849  -7.379  1.00 57.35  ?  179 SER A C   1 
ATOM   373  O  O   . SER A 1 96  ? 16.889  -7.980  -7.223  1.00 58.47  ?  179 SER A O   1 
ATOM   374  C  CB  . SER A 1 96  ? 16.686  -5.026  -5.746  1.00 58.89  ?  179 SER A CB  1 
ATOM   375  O  OG  . SER A 1 96  ? 16.549  -3.607  -5.753  1.00 63.96  ?  179 SER A OG  1 
ATOM   376  N  N   . THR A 1 97  ? 18.629  -6.666  -7.767  1.00 60.60  ?  180 THR A N   1 
ATOM   377  C  CA  . THR A 1 97  ? 19.503  -7.811  -7.986  1.00 63.94  ?  180 THR A CA  1 
ATOM   378  C  C   . THR A 1 97  ? 20.486  -7.870  -6.827  1.00 53.19  ?  180 THR A C   1 
ATOM   379  O  O   . THR A 1 97  ? 21.258  -6.948  -6.608  1.00 54.34  ?  180 THR A O   1 
ATOM   380  C  CB  . THR A 1 97  ? 20.193  -7.798  -9.382  1.00 67.79  ?  180 THR A CB  1 
ATOM   381  O  OG1 . THR A 1 97  ? 20.576  -9.132  -9.725  1.00 73.40  ?  180 THR A OG1 1 
ATOM   382  C  CG2 . THR A 1 97  ? 21.428  -6.886  -9.410  1.00 65.06  ?  180 THR A CG2 1 
ATOM   383  N  N   . VAL A 1 98  ? 20.413  -8.948  -6.059  1.00 49.46  ?  181 VAL A N   1 
ATOM   384  C  CA  . VAL A 1 98  ? 21.180  -9.015  -4.830  1.00 51.81  ?  181 VAL A CA  1 
ATOM   385  C  C   . VAL A 1 98  ? 22.311  -10.032 -4.984  1.00 49.25  ?  181 VAL A C   1 
ATOM   386  O  O   . VAL A 1 98  ? 22.145  -11.094 -5.580  1.00 49.48  ?  181 VAL A O   1 
ATOM   387  C  CB  . VAL A 1 98  ? 20.254  -9.236  -3.603  1.00 50.40  ?  181 VAL A CB  1 
ATOM   388  C  CG1 . VAL A 1 98  ? 19.027  -10.023 -4.004  1.00 52.19  ?  181 VAL A CG1 1 
ATOM   389  C  CG2 . VAL A 1 98  ? 20.983  -9.888  -2.437  1.00 49.71  ?  181 VAL A CG2 1 
ATOM   390  N  N   . THR A 1 99  ? 23.454  -9.677  -4.436  1.00 50.16  ?  182 THR A N   1 
ATOM   391  C  CA  . THR A 1 99  ? 24.662  -10.480 -4.565  1.00 55.89  ?  182 THR A CA  1 
ATOM   392  C  C   . THR A 1 99  ? 25.153  -11.062 -3.234  1.00 53.21  ?  182 THR A C   1 
ATOM   393  O  O   . THR A 1 99  ? 25.450  -10.331 -2.294  1.00 55.45  ?  182 THR A O   1 
ATOM   394  C  CB  . THR A 1 99  ? 25.769  -9.638  -5.204  1.00 54.41  ?  182 THR A CB  1 
ATOM   395  O  OG1 . THR A 1 99  ? 25.430  -9.419  -6.576  1.00 57.74  ?  182 THR A OG1 1 
ATOM   396  C  CG2 . THR A 1 99  ? 27.112  -10.359 -5.122  1.00 65.72  ?  182 THR A CG2 1 
ATOM   397  N  N   . VAL A 1 100 ? 25.229  -12.386 -3.171  1.00 52.27  ?  183 VAL A N   1 
ATOM   398  C  CA  . VAL A 1 100 ? 25.883  -13.075 -2.061  1.00 51.79  ?  183 VAL A CA  1 
ATOM   399  C  C   . VAL A 1 100 ? 27.240  -13.640 -2.518  1.00 58.01  ?  183 VAL A C   1 
ATOM   400  O  O   . VAL A 1 100 ? 27.310  -14.418 -3.481  1.00 60.03  ?  183 VAL A O   1 
ATOM   401  C  CB  . VAL A 1 100 ? 24.998  -14.213 -1.517  1.00 47.22  ?  183 VAL A CB  1 
ATOM   402  C  CG1 . VAL A 1 100 ? 25.418  -14.614 -0.113  1.00 49.73  ?  183 VAL A CG1 1 
ATOM   403  C  CG2 . VAL A 1 100 ? 23.549  -13.790 -1.533  1.00 45.38  ?  183 VAL A CG2 1 
ATOM   404  N  N   . VAL A 1 101 ? 28.306  -13.189 -1.856  1.00 57.66  ?  184 VAL A N   1 
ATOM   405  C  CA  . VAL A 1 101 ? 29.618  -13.806 -1.934  1.00 50.98  ?  184 VAL A CA  1 
ATOM   406  C  C   . VAL A 1 101 ? 29.813  -14.531 -0.616  1.00 53.63  ?  184 VAL A C   1 
ATOM   407  O  O   . VAL A 1 101 ? 29.724  -13.915 0.454   1.00 53.41  ?  184 VAL A O   1 
ATOM   408  C  CB  . VAL A 1 101 ? 30.734  -12.755 -2.117  1.00 57.56  ?  184 VAL A CB  1 
ATOM   409  C  CG1 . VAL A 1 101 ? 32.100  -13.411 -2.092  1.00 56.28  ?  184 VAL A CG1 1 
ATOM   410  C  CG2 . VAL A 1 101 ? 30.572  -12.038 -3.442  1.00 50.98  ?  184 VAL A CG2 1 
ATOM   411  N  N   . SER A 1 102 ? 30.014  -15.847 -0.688  1.00 53.55  ?  185 SER A N   1 
ATOM   412  C  CA  . SER A 1 102 ? 30.211  -16.680 0.495   1.00 55.13  ?  185 SER A CA  1 
ATOM   413  C  C   . SER A 1 102 ? 31.644  -17.208 0.588   1.00 64.23  ?  185 SER A C   1 
ATOM   414  O  O   . SER A 1 102 ? 32.244  -17.654 -0.398  1.00 56.72  ?  185 SER A O   1 
ATOM   415  C  CB  . SER A 1 102 ? 29.272  -17.892 0.498   1.00 62.30  ?  185 SER A CB  1 
ATOM   416  O  OG  . SER A 1 102 ? 27.938  -17.524 0.225   1.00 68.63  ?  185 SER A OG  1 
ATOM   417  N  N   . THR A 1 103 ? 32.165  -17.189 1.804   1.00 66.45  ?  186 THR A N   1 
ATOM   418  C  CA  . THR A 1 103 ? 33.468  -17.711 2.096   1.00 63.77  ?  186 THR A CA  1 
ATOM   419  C  C   . THR A 1 103 ? 33.301  -18.837 3.080   1.00 66.59  ?  186 THR A C   1 
ATOM   420  O  O   . THR A 1 103 ? 32.584  -18.697 4.071   1.00 63.13  ?  186 THR A O   1 
ATOM   421  C  CB  . THR A 1 103 ? 34.363  -16.587 2.635   1.00 62.99  ?  186 THR A CB  1 
ATOM   422  O  OG1 . THR A 1 103 ? 34.897  -15.895 1.508   1.00 64.29  ?  186 THR A OG1 1 
ATOM   423  C  CG2 . THR A 1 103 ? 35.501  -17.117 3.486   1.00 60.71  ?  186 THR A CG2 1 
ATOM   424  N  N   . ASP A 1 104 ? 33.938  -19.965 2.788   1.00 65.22  ?  187 ASP A N   1 
ATOM   425  C  CA  . ASP A 1 104 ? 33.884  -21.093 3.700   1.00 72.45  ?  187 ASP A CA  1 
ATOM   426  C  C   . ASP A 1 104 ? 35.015  -21.035 4.720   1.00 79.03  ?  187 ASP A C   1 
ATOM   427  O  O   . ASP A 1 104 ? 35.718  -20.015 4.851   1.00 72.95  ?  187 ASP A O   1 
ATOM   428  C  CB  . ASP A 1 104 ? 33.891  -22.434 2.953   1.00 70.31  ?  187 ASP A CB  1 
ATOM   429  C  CG  . ASP A 1 104 ? 35.191  -22.680 2.191   1.00 68.41  ?  187 ASP A CG  1 
ATOM   430  O  OD1 . ASP A 1 104 ? 36.276  -22.297 2.672   1.00 65.47  ?  187 ASP A OD1 1 
ATOM   431  O  OD2 . ASP A 1 104 ? 35.114  -23.247 1.092   1.00 64.16  -1 187 ASP A OD2 1 
ATOM   432  N  N   . GLN A 1 105 ? 35.213  -22.143 5.406   1.00 89.15  ?  188 GLN A N   1 
ATOM   433  C  CA  . GLN A 1 105 ? 36.145  -22.246 6.508   1.00 95.49  ?  188 GLN A CA  1 
ATOM   434  C  C   . GLN A 1 105 ? 37.599  -22.119 6.058   1.00 95.41  ?  188 GLN A C   1 
ATOM   435  O  O   . GLN A 1 105 ? 38.465  -21.664 6.794   1.00 89.03  ?  188 GLN A O   1 
ATOM   436  C  CB  . GLN A 1 105 ? 35.902  -23.582 7.201   1.00 96.66  ?  188 GLN A CB  1 
ATOM   437  C  CG  . GLN A 1 105 ? 34.455  -24.038 7.108   1.00 99.13  ?  188 GLN A CG  1 
ATOM   438  C  CD  . GLN A 1 105 ? 34.119  -24.720 5.792   1.00 102.50 ?  188 GLN A CD  1 
ATOM   439  O  OE1 . GLN A 1 105 ? 33.932  -23.934 4.754   1.00 106.43 ?  188 GLN A OE1 1 
ATOM   440  N  NE2 . GLN A 1 105 ? 34.017  -25.935 5.716   1.00 94.66  ?  188 GLN A NE2 1 
ATOM   441  N  N   . ALA A 1 106 ? 37.859  -22.528 4.831   1.00 94.85  ?  189 ALA A N   1 
ATOM   442  C  CA  . ALA A 1 106 ? 39.207  -22.399 4.274   1.00 88.61  ?  189 ALA A CA  1 
ATOM   443  C  C   . ALA A 1 106 ? 39.355  -21.119 3.448   1.00 85.89  ?  189 ALA A C   1 
ATOM   444  O  O   . ALA A 1 106 ? 40.322  -20.963 2.702   1.00 87.49  ?  189 ALA A O   1 
ATOM   445  C  CB  . ALA A 1 106 ? 39.552  -23.627 3.435   1.00 82.58  ?  189 ALA A CB  1 
ATOM   446  N  N   . ASN A 1 107 ? 38.390  -20.209 3.582   1.00 86.78  ?  190 ASN A N   1 
ATOM   447  C  CA  . ASN A 1 107 ? 38.362  -18.936 2.827   1.00 82.74  ?  190 ASN A CA  1 
ATOM   448  C  C   . ASN A 1 107 ? 38.189  -19.088 1.326   1.00 78.19  ?  190 ASN A C   1 
ATOM   449  O  O   . ASN A 1 107 ? 38.599  -18.221 0.553   1.00 77.02  ?  190 ASN A O   1 
ATOM   450  C  CB  . ASN A 1 107 ? 39.573  -18.046 3.146   1.00 77.95  ?  190 ASN A CB  1 
ATOM   451  C  CG  . ASN A 1 107 ? 39.745  -17.827 4.633   1.00 80.41  ?  190 ASN A CG  1 
ATOM   452  O  OD1 . ASN A 1 107 ? 38.767  -17.703 5.365   1.00 81.16  ?  190 ASN A OD1 1 
ATOM   453  N  ND2 . ASN A 1 107 ? 40.987  -17.798 5.091   1.00 78.55  ?  190 ASN A ND2 1 
ATOM   454  N  N   . ASN A 1 108 ? 37.552  -20.182 0.928   1.00 76.90  ?  191 ASN A N   1 
ATOM   455  C  CA  . ASN A 1 108 ? 37.246  -20.433 -0.464  1.00 71.38  ?  191 ASN A CA  1 
ATOM   456  C  C   . ASN A 1 108 ? 35.984  -19.672 -0.916  1.00 70.96  ?  191 ASN A C   1 
ATOM   457  O  O   . ASN A 1 108 ? 34.924  -19.777 -0.292  1.00 66.35  ?  191 ASN A O   1 
ATOM   458  C  CB  . ASN A 1 108 ? 37.102  -21.938 -0.669  1.00 71.30  ?  191 ASN A CB  1 
ATOM   459  C  CG  . ASN A 1 108 ? 37.047  -22.329 -2.132  1.00 83.67  ?  191 ASN A CG  1 
ATOM   460  O  OD1 . ASN A 1 108 ? 37.116  -21.474 -3.033  1.00 85.76  ?  191 ASN A OD1 1 
ATOM   461  N  ND2 . ASN A 1 108 ? 36.920  -23.635 -2.379  1.00 87.66  ?  191 ASN A ND2 1 
ATOM   462  N  N   . LYS A 1 109 ? 36.118  -18.931 -2.011  1.00 67.13  ?  192 LYS A N   1 
ATOM   463  C  CA  . LYS A 1 109 ? 35.100  -18.000 -2.489  1.00 69.99  ?  192 LYS A CA  1 
ATOM   464  C  C   . LYS A 1 109 ? 34.046  -18.627 -3.390  1.00 71.82  ?  192 LYS A C   1 
ATOM   465  O  O   . LYS A 1 109 ? 34.339  -19.520 -4.195  1.00 71.60  ?  192 LYS A O   1 
ATOM   466  C  CB  . LYS A 1 109 ? 35.743  -16.827 -3.245  1.00 67.33  ?  192 LYS A CB  1 
ATOM   467  C  CG  . LYS A 1 109 ? 35.995  -15.576 -2.418  1.00 64.33  ?  192 LYS A CG  1 
ATOM   468  C  CD  . LYS A 1 109 ? 35.728  -14.311 -3.235  1.00 67.47  ?  192 LYS A CD  1 
ATOM   469  C  CE  . LYS A 1 109 ? 36.730  -14.077 -4.355  1.00 63.39  ?  192 LYS A CE  1 
ATOM   470  N  NZ  . LYS A 1 109 ? 36.405  -12.874 -5.166  1.00 61.50  1  192 LYS A NZ  1 
ATOM   471  N  N   . SER A 1 110 ? 32.828  -18.100 -3.263  1.00 73.86  ?  193 SER A N   1 
ATOM   472  C  CA  . SER A 1 110 ? 31.639  -18.558 -3.988  1.00 70.93  ?  193 SER A CA  1 
ATOM   473  C  C   . SER A 1 110 ? 30.692  -17.378 -4.274  1.00 70.97  ?  193 SER A C   1 
ATOM   474  O  O   . SER A 1 110 ? 30.717  -16.381 -3.558  1.00 68.07  ?  193 SER A O   1 
ATOM   475  C  CB  . SER A 1 110 ? 30.925  -19.605 -3.145  1.00 70.47  ?  193 SER A CB  1 
ATOM   476  O  OG  . SER A 1 110 ? 30.065  -20.367 -3.947  1.00 72.50  ?  193 SER A OG  1 
ATOM   477  N  N   . THR A 1 111 ? 29.856  -17.491 -5.305  1.00 67.67  ?  194 THR A N   1 
ATOM   478  C  CA  . THR A 1 111 ? 28.943  -16.396 -5.684  1.00 65.27  ?  194 THR A CA  1 
ATOM   479  C  C   . THR A 1 111 ? 27.584  -16.858 -6.181  1.00 61.15  ?  194 THR A C   1 
ATOM   480  O  O   . THR A 1 111 ? 27.469  -17.685 -7.085  1.00 61.24  ?  194 THR A O   1 
ATOM   481  C  CB  . THR A 1 111 ? 29.565  -15.441 -6.731  1.00 63.66  ?  194 THR A CB  1 
ATOM   482  O  OG1 . THR A 1 111 ? 30.530  -14.609 -6.085  1.00 61.91  ?  194 THR A OG1 1 
ATOM   483  C  CG2 . THR A 1 111 ? 28.508  -14.530 -7.350  1.00 61.73  ?  194 THR A CG2 1 
ATOM   484  N  N   . THR A 1 112 ? 26.556  -16.324 -5.543  1.00 64.13  ?  195 THR A N   1 
ATOM   485  C  CA  . THR A 1 112 ? 25.195  -16.436 -6.014  1.00 60.84  ?  195 THR A CA  1 
ATOM   486  C  C   . THR A 1 112 ? 24.654  -15.018 -6.178  1.00 63.45  ?  195 THR A C   1 
ATOM   487  O  O   . THR A 1 112 ? 25.118  -14.083 -5.521  1.00 64.18  ?  195 THR A O   1 
ATOM   488  C  CB  . THR A 1 112 ? 24.331  -17.219 -5.022  1.00 58.30  ?  195 THR A CB  1 
ATOM   489  O  OG1 . THR A 1 112 ? 25.153  -18.144 -4.309  1.00 57.75  ?  195 THR A OG1 1 
ATOM   490  C  CG2 . THR A 1 112 ? 23.241  -17.997 -5.741  1.00 60.77  ?  195 THR A CG2 1 
ATOM   491  N  N   . THR A 1 113 ? 23.712  -14.848 -7.094  1.00 60.09  ?  196 THR A N   1 
ATOM   492  C  CA  . THR A 1 113 ? 22.956  -13.608 -7.191  1.00 56.70  ?  196 THR A CA  1 
ATOM   493  C  C   . THR A 1 113 ? 21.525  -14.019 -7.466  1.00 59.36  ?  196 THR A C   1 
ATOM   494  O  O   . THR A 1 113 ? 21.279  -15.068 -8.069  1.00 60.24  ?  196 THR A O   1 
ATOM   495  C  CB  . THR A 1 113 ? 23.413  -12.689 -8.339  1.00 53.44  ?  196 THR A CB  1 
ATOM   496  O  OG1 . THR A 1 113 ? 22.976  -13.247 -9.583  1.00 66.28  ?  196 THR A OG1 1 
ATOM   497  C  CG2 . THR A 1 113 ? 24.919  -12.496 -8.350  1.00 52.47  ?  196 THR A CG2 1 
ATOM   498  N  N   . PHE A 1 114 ? 20.576  -13.208 -7.019  1.00 56.19  ?  197 PHE A N   1 
ATOM   499  C  CA  . PHE A 1 114 ? 19.173  -13.453 -7.339  1.00 52.16  ?  197 PHE A CA  1 
ATOM   500  C  C   . PHE A 1 114 ? 18.398  -12.140 -7.359  1.00 51.49  ?  197 PHE A C   1 
ATOM   501  O  O   . PHE A 1 114 ? 18.927  -11.076 -7.026  1.00 49.04  ?  197 PHE A O   1 
ATOM   502  C  CB  . PHE A 1 114 ? 18.550  -14.471 -6.380  1.00 48.61  ?  197 PHE A CB  1 
ATOM   503  C  CG  . PHE A 1 114 ? 18.482  -13.999 -4.960  1.00 51.43  ?  197 PHE A CG  1 
ATOM   504  C  CD1 . PHE A 1 114 ? 17.264  -13.665 -4.386  1.00 53.50  ?  197 PHE A CD1 1 
ATOM   505  C  CD2 . PHE A 1 114 ? 19.625  -13.879 -4.204  1.00 45.76  ?  197 PHE A CD2 1 
ATOM   506  C  CE1 . PHE A 1 114 ? 17.195  -13.225 -3.074  1.00 50.40  ?  197 PHE A CE1 1 
ATOM   507  C  CE2 . PHE A 1 114 ? 19.571  -13.442 -2.897  1.00 47.84  ?  197 PHE A CE2 1 
ATOM   508  C  CZ  . PHE A 1 114 ? 18.351  -13.109 -2.328  1.00 53.23  ?  197 PHE A CZ  1 
ATOM   509  N  N   . THR A 1 115 ? 17.155  -12.208 -7.803  1.00 52.96  ?  198 THR A N   1 
ATOM   510  C  CA  . THR A 1 115 ? 16.350  -11.002 -7.920  1.00 53.16  ?  198 THR A CA  1 
ATOM   511  C  C   . THR A 1 115 ? 15.246  -11.025 -6.891  1.00 47.20  ?  198 THR A C   1 
ATOM   512  O  O   . THR A 1 115 ? 14.524  -12.041 -6.703  1.00 44.58  ?  198 THR A O   1 
ATOM   513  C  CB  . THR A 1 115 ? 15.743  -10.834 -9.315  1.00 55.90  ?  198 THR A CB  1 
ATOM   514  O  OG1 . THR A 1 115 ? 14.853  -11.919 -9.542  1.00 63.54  ?  198 THR A OG1 1 
ATOM   515  C  CG2 . THR A 1 115 ? 16.835  -10.834 -10.404 1.00 51.49  ?  198 THR A CG2 1 
ATOM   516  N  N   . ILE A 1 116 ? 15.130  -9.911  -6.189  1.00 42.04  ?  199 ILE A N   1 
ATOM   517  C  CA  . ILE A 1 116 ? 13.923  -9.699  -5.422  1.00 43.77  ?  199 ILE A CA  1 
ATOM   518  C  C   . ILE A 1 116 ? 13.003  -8.775  -6.215  1.00 48.77  ?  199 ILE A C   1 
ATOM   519  O  O   . ILE A 1 116 ? 13.437  -7.754  -6.783  1.00 50.70  ?  199 ILE A O   1 
ATOM   520  C  CB  . ILE A 1 116 ? 14.177  -9.073  -4.068  1.00 42.80  ?  199 ILE A CB  1 
ATOM   521  C  CG1 . ILE A 1 116 ? 15.058  -9.947  -3.182  1.00 43.90  ?  199 ILE A CG1 1 
ATOM   522  C  CG2 . ILE A 1 116 ? 12.844  -8.837  -3.385  1.00 46.71  ?  199 ILE A CG2 1 
ATOM   523  C  CD1 . ILE A 1 116 ? 15.587  -9.171  -1.978  1.00 38.27  ?  199 ILE A CD1 1 
ATOM   524  N  N   . ASN A 1 117 ? 11.731  -9.144  -6.232  1.00 50.16  ?  200 ASN A N   1 
ATOM   525  C  CA  . ASN A 1 117 ? 10.683  -8.348  -6.835  1.00 46.29  ?  200 ASN A CA  1 
ATOM   526  C  C   . ASN A 1 117 ? 9.714   -7.814  -5.773  1.00 39.73  ?  200 ASN A C   1 
ATOM   527  O  O   . ASN A 1 117 ? 9.022   -8.593  -5.150  1.00 40.21  ?  200 ASN A O   1 
ATOM   528  C  CB  . ASN A 1 117 ? 9.918   -9.209  -7.807  1.00 49.86  ?  200 ASN A CB  1 
ATOM   529  C  CG  . ASN A 1 117 ? 9.091   -8.387  -8.751  1.00 52.81  ?  200 ASN A CG  1 
ATOM   530  O  OD1 . ASN A 1 117 ? 9.417   -7.233  -9.024  1.00 48.75  ?  200 ASN A OD1 1 
ATOM   531  N  ND2 . ASN A 1 117 ? 8.020   -8.971  -9.254  1.00 54.43  ?  200 ASN A ND2 1 
ATOM   532  N  N   . VAL A 1 118 ? 9.740   -6.504  -5.529  1.00 38.00  ?  201 VAL A N   1 
ATOM   533  C  CA  . VAL A 1 118 ? 8.888   -5.858  -4.509  1.00 39.88  ?  201 VAL A CA  1 
ATOM   534  C  C   . VAL A 1 118 ? 7.658   -5.408  -5.260  1.00 38.30  ?  201 VAL A C   1 
ATOM   535  O  O   . VAL A 1 118 ? 7.774   -4.550  -6.120  1.00 42.82  ?  201 VAL A O   1 
ATOM   536  C  CB  . VAL A 1 118 ? 9.525   -4.596  -3.879  1.00 40.21  ?  201 VAL A CB  1 
ATOM   537  C  CG1 . VAL A 1 118 ? 8.625   -4.033  -2.760  1.00 40.07  ?  201 VAL A CG1 1 
ATOM   538  C  CG2 . VAL A 1 118 ? 10.876  -4.912  -3.278  1.00 35.29  ?  201 VAL A CG2 1 
ATOM   539  N  N   . VAL A 1 119 ? 6.506   -6.016  -4.957  1.00 39.59  ?  202 VAL A N   1 
ATOM   540  C  CA  . VAL A 1 119 ? 5.229   -5.682  -5.627  1.00 41.24  ?  202 VAL A CA  1 
ATOM   541  C  C   . VAL A 1 119 ? 4.230   -4.917  -4.703  1.00 42.99  ?  202 VAL A C   1 
ATOM   542  O  O   . VAL A 1 119 ? 4.417   -4.860  -3.459  1.00 46.54  ?  202 VAL A O   1 
ATOM   543  C  CB  . VAL A 1 119 ? 4.554   -6.965  -6.240  1.00 42.71  ?  202 VAL A CB  1 
ATOM   544  C  CG1 . VAL A 1 119 ? 5.413   -7.578  -7.331  1.00 43.51  ?  202 VAL A CG1 1 
ATOM   545  C  CG2 . VAL A 1 119 ? 4.258   -8.034  -5.184  1.00 37.56  ?  202 VAL A CG2 1 
ATOM   546  N  N   . ASP A 1 120 ? 3.164   -4.356  -5.296  1.00 40.73  ?  203 ASP A N   1 
ATOM   547  C  CA  . ASP A 1 120 ? 1.974   -3.910  -4.533  1.00 43.50  ?  203 ASP A CA  1 
ATOM   548  C  C   . ASP A 1 120 ? 0.750   -4.669  -5.017  1.00 42.72  ?  203 ASP A C   1 
ATOM   549  O  O   . ASP A 1 120 ? 0.327   -4.476  -6.148  1.00 45.23  ?  203 ASP A O   1 
ATOM   550  C  CB  . ASP A 1 120 ? 1.738   -2.378  -4.669  1.00 45.43  ?  203 ASP A CB  1 
ATOM   551  C  CG  . ASP A 1 120 ? 0.755   -1.820  -3.610  1.00 42.06  ?  203 ASP A CG  1 
ATOM   552  O  OD1 . ASP A 1 120 ? 0.048   -2.602  -2.940  1.00 47.55  ?  203 ASP A OD1 1 
ATOM   553  O  OD2 . ASP A 1 120 ? 0.695   -0.584  -3.421  1.00 48.35  -1 203 ASP A OD2 1 
ATOM   554  N  N   . THR A 1 121 ? 0.179   -5.518  -4.161  1.00 39.84  ?  204 THR A N   1 
ATOM   555  C  CA  . THR A 1 121 ? -1.058  -6.234  -4.472  1.00 41.56  ?  204 THR A CA  1 
ATOM   556  C  C   . THR A 1 121 ? -2.054  -5.985  -3.326  1.00 42.08  ?  204 THR A C   1 
ATOM   557  O  O   . THR A 1 121 ? -3.036  -6.710  -3.168  1.00 42.81  ?  204 THR A O   1 
ATOM   558  C  CB  . THR A 1 121 ? -0.831  -7.766  -4.475  1.00 46.74  ?  204 THR A CB  1 
ATOM   559  O  OG1 . THR A 1 121 ? -0.237  -8.120  -3.218  1.00 53.91  ?  204 THR A OG1 1 
ATOM   560  C  CG2 . THR A 1 121 ? 0.101   -8.208  -5.620  1.00 47.40  ?  204 THR A CG2 1 
ATOM   561  N  N   . THR A 1 122 ? -1.789  -4.995  -2.490  1.00 41.74  ?  205 THR A N   1 
ATOM   562  C  CA  . THR A 1 122 ? -2.737  -4.714  -1.430  1.00 45.53  ?  205 THR A CA  1 
ATOM   563  C  C   . THR A 1 122 ? -3.476  -3.367  -1.616  1.00 49.47  ?  205 THR A C   1 
ATOM   564  O  O   . THR A 1 122 ? -2.900  -2.366  -2.098  1.00 45.68  ?  205 THR A O   1 
ATOM   565  C  CB  . THR A 1 122 ? -2.146  -4.978  -0.021  1.00 48.37  ?  205 THR A CB  1 
ATOM   566  O  OG1 . THR A 1 122 ? -2.659  -4.033  0.925   1.00 52.36  ?  205 THR A OG1 1 
ATOM   567  C  CG2 . THR A 1 122 ? -0.668  -4.885  0.001   1.00 47.19  ?  205 THR A CG2 1 
ATOM   568  N  N   . ALA A 1 123 ? -4.774  -3.397  -1.318  1.00 44.98  ?  206 ALA A N   1 
ATOM   569  C  CA  . ALA A 1 123 ? -5.669  -2.268  -1.525  1.00 46.70  ?  206 ALA A CA  1 
ATOM   570  C  C   . ALA A 1 123 ? -5.372  -1.184  -0.486  1.00 46.54  ?  206 ALA A C   1 
ATOM   571  O  O   . ALA A 1 123 ? -4.905  -1.482  0.597   1.00 44.00  ?  206 ALA A O   1 
ATOM   572  C  CB  . ALA A 1 123 ? -7.125  -2.734  -1.383  1.00 39.38  ?  206 ALA A CB  1 
ATOM   573  N  N   . PRO A 1 124 ? -5.692  0.073   -0.805  1.00 46.97  ?  207 PRO A N   1 
ATOM   574  C  CA  . PRO A 1 124 ? -5.591  1.176   0.169   1.00 44.94  ?  207 PRO A CA  1 
ATOM   575  C  C   . PRO A 1 124 ? -6.531  1.002   1.363   1.00 44.28  ?  207 PRO A C   1 
ATOM   576  O  O   . PRO A 1 124 ? -7.561  0.289   1.275   1.00 37.48  ?  207 PRO A O   1 
ATOM   577  C  CB  . PRO A 1 124 ? -5.959  2.423   -0.647  1.00 47.52  ?  207 PRO A CB  1 
ATOM   578  C  CG  . PRO A 1 124 ? -6.452  1.937   -1.969  1.00 49.26  ?  207 PRO A CG  1 
ATOM   579  C  CD  . PRO A 1 124 ? -6.029  0.522   -2.166  1.00 47.77  ?  207 PRO A CD  1 
ATOM   580  N  N   . THR A 1 125 ? -6.172  1.603   2.488   1.00 39.63  ?  208 THR A N   1 
ATOM   581  C  CA  . THR A 1 125 ? -7.121  1.692   3.597   1.00 42.76  ?  208 THR A CA  1 
ATOM   582  C  C   . THR A 1 125 ? -7.759  3.082   3.677   1.00 39.99  ?  208 THR A C   1 
ATOM   583  O  O   . THR A 1 125 ? -7.155  4.050   3.238   1.00 41.26  ?  208 THR A O   1 
ATOM   584  C  CB  . THR A 1 125 ? -6.501  1.308   4.955   1.00 44.10  ?  208 THR A CB  1 
ATOM   585  O  OG1 . THR A 1 125 ? -5.323  2.085   5.193   1.00 44.49  ?  208 THR A OG1 1 
ATOM   586  C  CG2 . THR A 1 125 ? -6.163  -0.199  4.975   1.00 42.03  ?  208 THR A CG2 1 
ATOM   587  N  N   . VAL A 1 126 ? -8.943  3.169   4.283   1.00 41.90  ?  209 VAL A N   1 
ATOM   588  C  CA  . VAL A 1 126 ? -9.704  4.424   4.373   1.00 41.40  ?  209 VAL A CA  1 
ATOM   589  C  C   . VAL A 1 126 ? -10.201 4.600   5.798   1.00 40.89  ?  209 VAL A C   1 
ATOM   590  O  O   . VAL A 1 126 ? -10.775 3.677   6.349   1.00 43.19  ?  209 VAL A O   1 
ATOM   591  C  CB  . VAL A 1 126 ? -10.926 4.393   3.432   1.00 48.55  ?  209 VAL A CB  1 
ATOM   592  C  CG1 . VAL A 1 126 ? -11.755 5.668   3.603   1.00 40.16  ?  209 VAL A CG1 1 
ATOM   593  C  CG2 . VAL A 1 126 ? -10.470 4.257   1.971   1.00 48.55  ?  209 VAL A CG2 1 
ATOM   594  N  N   . THR A 1 127 ? -9.928  5.744   6.423   1.00 39.50  ?  210 THR A N   1 
ATOM   595  C  CA  . THR A 1 127 ? -10.424 5.997   7.780   1.00 38.72  ?  210 THR A CA  1 
ATOM   596  C  C   . THR A 1 127 ? -11.961 5.897   7.746   1.00 44.66  ?  210 THR A C   1 
ATOM   597  O  O   . THR A 1 127 ? -12.594 6.427   6.822   1.00 46.79  ?  210 THR A O   1 
ATOM   598  C  CB  . THR A 1 127 ? -9.945  7.362   8.251   1.00 41.58  ?  210 THR A CB  1 
ATOM   599  O  OG1 . THR A 1 127 ? -8.520  7.337   8.267   1.00 36.45  ?  210 THR A OG1 1 
ATOM   600  C  CG2 . THR A 1 127 ? -10.428 7.729   9.687   1.00 37.17  ?  210 THR A CG2 1 
ATOM   601  N  N   . PRO A 1 128 ? -12.562 5.225   8.691   1.00 43.46  ?  211 PRO A N   1 
ATOM   602  C  CA  . PRO A 1 128 ? -14.001 5.030   8.651   1.00 45.83  ?  211 PRO A CA  1 
ATOM   603  C  C   . PRO A 1 128 ? -14.744 6.331   8.758   1.00 42.85  ?  211 PRO A C   1 
ATOM   604  O  O   . PRO A 1 128 ? -14.358 7.231   9.450   1.00 39.02  ?  211 PRO A O   1 
ATOM   605  C  CB  . PRO A 1 128 ? -14.261 4.191   9.882   1.00 48.09  ?  211 PRO A CB  1 
ATOM   606  C  CG  . PRO A 1 128 ? -12.987 3.497   10.119  1.00 44.51  ?  211 PRO A CG  1 
ATOM   607  C  CD  . PRO A 1 128 ? -11.946 4.480   9.778   1.00 44.76  ?  211 PRO A CD  1 
ATOM   608  N  N   . ILE A 1 129 ? -15.830 6.415   8.036   1.00 46.05  ?  212 ILE A N   1 
ATOM   609  C  CA  . ILE A 1 129 ? -16.677 7.564   8.086   1.00 50.10  ?  212 ILE A CA  1 
ATOM   610  C  C   . ILE A 1 129 ? -18.016 7.102   8.551   1.00 53.07  ?  212 ILE A C   1 
ATOM   611  O  O   . ILE A 1 129 ? -18.603 6.231   7.967   1.00 66.73  ?  212 ILE A O   1 
ATOM   612  C  CB  . ILE A 1 129 ? -16.858 8.169   6.712   1.00 49.12  ?  212 ILE A CB  1 
ATOM   613  C  CG1 . ILE A 1 129 ? -15.544 8.693   6.201   1.00 52.73  ?  212 ILE A CG1 1 
ATOM   614  C  CG2 . ILE A 1 129 ? -17.864 9.289   6.757   1.00 45.24  ?  212 ILE A CG2 1 
ATOM   615  C  CD1 . ILE A 1 129 ? -15.462 8.664   4.712   1.00 45.01  ?  212 ILE A CD1 1 
ATOM   616  N  N   . GLY A 1 130 ? -18.508 7.711   9.605   1.00 53.35  ?  213 GLY A N   1 
ATOM   617  C  CA  . GLY A 1 130 ? -19.823 7.380   10.102  1.00 55.36  ?  213 GLY A CA  1 
ATOM   618  C  C   . GLY A 1 130 ? -20.973 7.895   9.274   1.00 53.12  ?  213 GLY A C   1 
ATOM   619  O  O   . GLY A 1 130 ? -20.788 8.733   8.436   1.00 47.71  ?  213 GLY A O   1 
ATOM   620  N  N   . ASP A 1 131 ? -22.165 7.367   9.517   1.00 53.55  ?  214 ASP A N   1 
ATOM   621  C  CA  . ASP A 1 131 ? -23.353 7.881   8.865   1.00 53.30  ?  214 ASP A CA  1 
ATOM   622  C  C   . ASP A 1 131 ? -23.609 9.362   9.187   1.00 50.64  ?  214 ASP A C   1 
ATOM   623  O  O   . ASP A 1 131 ? -23.299 9.853   10.274  1.00 48.13  ?  214 ASP A O   1 
ATOM   624  C  CB  . ASP A 1 131 ? -24.545 6.986   9.185   1.00 59.28  ?  214 ASP A CB  1 
ATOM   625  C  CG  . ASP A 1 131 ? -24.510 5.652   8.409   1.00 61.89  ?  214 ASP A CG  1 
ATOM   626  O  OD1 . ASP A 1 131 ? -23.849 5.563   7.343   1.00 60.34  ?  214 ASP A OD1 1 
ATOM   627  O  OD2 . ASP A 1 131 ? -25.166 4.692   8.857   1.00 59.93  -1 214 ASP A OD2 1 
ATOM   628  N  N   . GLN A 1 132 ? -24.106 10.078  8.195   1.00 42.83  ?  215 GLN A N   1 
ATOM   629  C  CA  . GLN A 1 132 ? -24.193 11.521  8.287   1.00 48.29  ?  215 GLN A CA  1 
ATOM   630  C  C   . GLN A 1 132 ? -25.638 12.055  8.211   1.00 49.62  ?  215 GLN A C   1 
ATOM   631  O  O   . GLN A 1 132 ? -26.539 11.412  7.676   1.00 46.77  ?  215 GLN A O   1 
ATOM   632  C  CB  . GLN A 1 132 ? -23.347 12.144  7.197   1.00 46.82  ?  215 GLN A CB  1 
ATOM   633  C  CG  . GLN A 1 132 ? -21.874 11.806  7.317   1.00 50.54  ?  215 GLN A CG  1 
ATOM   634  C  CD  . GLN A 1 132 ? -21.198 12.540  8.451   1.00 56.62  ?  215 GLN A CD  1 
ATOM   635  O  OE1 . GLN A 1 132 ? -21.633 13.613  8.870   1.00 61.86  ?  215 GLN A OE1 1 
ATOM   636  N  NE2 . GLN A 1 132 ? -20.118 11.968  8.952   1.00 50.49  ?  215 GLN A NE2 1 
ATOM   637  N  N   . SER A 1 133 ? -25.836 13.240  8.757   1.00 54.87  ?  216 SER A N   1 
ATOM   638  C  CA  . SER A 1 133 ? -27.145 13.869  8.788   1.00 55.87  ?  216 SER A CA  1 
ATOM   639  C  C   . SER A 1 133 ? -26.914 15.363  8.808   1.00 58.95  ?  216 SER A C   1 
ATOM   640  O  O   . SER A 1 133 ? -26.055 15.837  9.560   1.00 56.51  ?  216 SER A O   1 
ATOM   641  C  CB  . SER A 1 133 ? -27.907 13.444  10.038  1.00 55.24  ?  216 SER A CB  1 
ATOM   642  O  OG  . SER A 1 133 ? -29.286 13.362  9.742   1.00 67.80  ?  216 SER A OG  1 
ATOM   643  N  N   . SER A 1 134 ? -27.648 16.090  7.962   1.00 57.80  ?  217 SER A N   1 
ATOM   644  C  CA  . SER A 1 134 ? -27.661 17.553  7.975   1.00 52.51  ?  217 SER A CA  1 
ATOM   645  C  C   . SER A 1 134 ? -28.961 18.072  7.348   1.00 59.25  ?  217 SER A C   1 
ATOM   646  O  O   . SER A 1 134 ? -29.695 17.325  6.664   1.00 53.86  ?  217 SER A O   1 
ATOM   647  C  CB  . SER A 1 134 ? -26.482 18.106  7.192   1.00 55.00  ?  217 SER A CB  1 
ATOM   648  O  OG  . SER A 1 134 ? -26.730 17.952  5.798   1.00 51.79  ?  217 SER A OG  1 
ATOM   649  N  N   . GLU A 1 135 ? -29.238 19.357  7.559   1.00 67.51  ?  218 GLU A N   1 
ATOM   650  C  CA  . GLU A 1 135 ? -30.482 19.972  7.051   1.00 72.14  ?  218 GLU A CA  1 
ATOM   651  C  C   . GLU A 1 135 ? -30.396 20.437  5.592   1.00 63.13  ?  218 GLU A C   1 
ATOM   652  O  O   . GLU A 1 135 ? -29.425 21.083  5.190   1.00 61.96  ?  218 GLU A O   1 
ATOM   653  C  CB  . GLU A 1 135 ? -30.949 21.124  7.960   1.00 78.96  ?  218 GLU A CB  1 
ATOM   654  C  CG  . GLU A 1 135 ? -31.686 20.652  9.211   1.00 94.92  ?  218 GLU A CG  1 
ATOM   655  C  CD  . GLU A 1 135 ? -31.824 21.725  10.284  1.00 103.80 ?  218 GLU A CD  1 
ATOM   656  O  OE1 . GLU A 1 135 ? -32.753 21.604  11.113  1.00 107.05 ?  218 GLU A OE1 1 
ATOM   657  O  OE2 . GLU A 1 135 ? -31.007 22.679  10.313  1.00 108.54 -1 218 GLU A OE2 1 
ATOM   658  N  N   . VAL A 1 136 ? -31.428 20.101  4.819   1.00 54.74  ?  219 VAL A N   1 
ATOM   659  C  CA  . VAL A 1 136 ? -31.574 20.560  3.444   1.00 52.59  ?  219 VAL A CA  1 
ATOM   660  C  C   . VAL A 1 136 ? -31.401 22.081  3.366   1.00 54.97  ?  219 VAL A C   1 
ATOM   661  O  O   . VAL A 1 136 ? -31.818 22.802  4.262   1.00 57.91  ?  219 VAL A O   1 
ATOM   662  C  CB  . VAL A 1 136 ? -32.915 20.094  2.853   1.00 52.46  ?  219 VAL A CB  1 
ATOM   663  C  CG1 . VAL A 1 136 ? -34.069 20.925  3.400   1.00 55.13  ?  219 VAL A CG1 1 
ATOM   664  C  CG2 . VAL A 1 136 ? -32.906 20.159  1.346   1.00 49.65  ?  219 VAL A CG2 1 
ATOM   665  N  N   . TYR A 1 137 ? -30.700 22.547  2.334   1.00 59.18  ?  220 TYR A N   1 
ATOM   666  C  CA  . TYR A 1 137 ? -30.452 23.988  2.108   1.00 56.23  ?  220 TYR A CA  1 
ATOM   667  C  C   . TYR A 1 137 ? -29.350 24.595  2.929   1.00 61.65  ?  220 TYR A C   1 
ATOM   668  O  O   . TYR A 1 137 ? -28.998 25.761  2.692   1.00 62.88  ?  220 TYR A O   1 
ATOM   669  C  CB  . TYR A 1 137 ? -31.742 24.819  2.245   1.00 57.43  ?  220 TYR A CB  1 
ATOM   670  C  CG  . TYR A 1 137 ? -32.815 24.312  1.323   1.00 50.69  ?  220 TYR A CG  1 
ATOM   671  C  CD1 . TYR A 1 137 ? -32.512 23.978  0.015   1.00 51.50  ?  220 TYR A CD1 1 
ATOM   672  C  CD2 . TYR A 1 137 ? -34.129 24.152  1.759   1.00 57.61  ?  220 TYR A CD2 1 
ATOM   673  C  CE1 . TYR A 1 137 ? -33.487 23.502  -0.850  1.00 57.78  ?  220 TYR A CE1 1 
ATOM   674  C  CE2 . TYR A 1 137 ? -35.126 23.678  0.893   1.00 53.19  ?  220 TYR A CE2 1 
ATOM   675  C  CZ  . TYR A 1 137 ? -34.791 23.353  -0.405  1.00 55.72  ?  220 TYR A CZ  1 
ATOM   676  O  OH  . TYR A 1 137 ? -35.737 22.870  -1.279  1.00 62.64  ?  220 TYR A OH  1 
ATOM   677  N  N   . SER A 1 138 ? -28.804 23.814  3.872   1.00 58.12  ?  221 SER A N   1 
ATOM   678  C  CA  . SER A 1 138 ? -27.638 24.226  4.657   1.00 60.02  ?  221 SER A CA  1 
ATOM   679  C  C   . SER A 1 138 ? -26.301 23.685  4.139   1.00 57.74  ?  221 SER A C   1 
ATOM   680  O  O   . SER A 1 138 ? -26.149 22.483  3.942   1.00 55.14  ?  221 SER A O   1 
ATOM   681  C  CB  . SER A 1 138 ? -27.800 23.829  6.123   1.00 63.50  ?  221 SER A CB  1 
ATOM   682  O  OG  . SER A 1 138 ? -28.405 24.885  6.840   1.00 74.77  ?  221 SER A OG  1 
ATOM   683  N  N   . PRO A 1 139 ? -25.310 24.574  3.968   1.00 55.56  ?  222 PRO A N   1 
ATOM   684  C  CA  . PRO A 1 139 ? -23.961 24.119  3.616   1.00 53.45  ?  222 PRO A CA  1 
ATOM   685  C  C   . PRO A 1 139 ? -23.447 23.190  4.712   1.00 57.08  ?  222 PRO A C   1 
ATOM   686  O  O   . PRO A 1 139 ? -23.584 23.506  5.901   1.00 55.85  ?  222 PRO A O   1 
ATOM   687  C  CB  . PRO A 1 139 ? -23.126 25.405  3.605   1.00 51.13  ?  222 PRO A CB  1 
ATOM   688  C  CG  . PRO A 1 139 ? -24.108 26.535  3.672   1.00 55.09  ?  222 PRO A CG  1 
ATOM   689  C  CD  . PRO A 1 139 ? -25.341 26.002  4.333   1.00 52.73  ?  222 PRO A CD  1 
ATOM   690  N  N   . ILE A 1 140 ? -22.881 22.050  4.321   1.00 55.92  ?  223 ILE A N   1 
ATOM   691  C  CA  . ILE A 1 140 ? -22.344 21.095  5.291   1.00 50.56  ?  223 ILE A CA  1 
ATOM   692  C  C   . ILE A 1 140 ? -20.916 21.405  5.708   1.00 47.64  ?  223 ILE A C   1 
ATOM   693  O  O   . ILE A 1 140 ? -20.201 22.121  5.033   1.00 47.16  ?  223 ILE A O   1 
ATOM   694  C  CB  . ILE A 1 140 ? -22.430 19.693  4.729   1.00 50.95  ?  223 ILE A CB  1 
ATOM   695  C  CG1 . ILE A 1 140 ? -21.446 19.530  3.558   1.00 43.81  ?  223 ILE A CG1 1 
ATOM   696  C  CG2 . ILE A 1 140 ? -23.882 19.460  4.318   1.00 47.16  ?  223 ILE A CG2 1 
ATOM   697  C  CD1 . ILE A 1 140 ? -21.230 18.093  3.161   1.00 40.23  ?  223 ILE A CD1 1 
ATOM   698  N  N   . SER A 1 141 ? -20.511 20.892  6.857   1.00 52.99  ?  224 SER A N   1 
ATOM   699  C  CA  . SER A 1 141 ? -19.110 20.886  7.181   1.00 55.96  ?  224 SER A CA  1 
ATOM   700  C  C   . SER A 1 141 ? -18.451 19.877  6.247   1.00 51.73  ?  224 SER A C   1 
ATOM   701  O  O   . SER A 1 141 ? -18.926 18.740  6.118   1.00 50.86  ?  224 SER A O   1 
ATOM   702  C  CB  . SER A 1 141 ? -18.911 20.442  8.624   1.00 58.48  ?  224 SER A CB  1 
ATOM   703  O  OG  . SER A 1 141 ? -19.741 21.223  9.442   1.00 65.00  ?  224 SER A OG  1 
ATOM   704  N  N   . PRO A 1 142 ? -17.349 20.282  5.604   1.00 50.51  ?  225 PRO A N   1 
ATOM   705  C  CA  . PRO A 1 142 ? -16.707 19.369  4.645   1.00 50.08  ?  225 PRO A CA  1 
ATOM   706  C  C   . PRO A 1 142 ? -16.310 18.032  5.266   1.00 49.00  ?  225 PRO A C   1 
ATOM   707  O  O   . PRO A 1 142 ? -15.895 17.976  6.415   1.00 48.60  ?  225 PRO A O   1 
ATOM   708  C  CB  . PRO A 1 142 ? -15.478 20.145  4.159   1.00 48.56  ?  225 PRO A CB  1 
ATOM   709  C  CG  . PRO A 1 142 ? -15.685 21.559  4.635   1.00 57.59  ?  225 PRO A CG  1 
ATOM   710  C  CD  . PRO A 1 142 ? -16.532 21.480  5.871   1.00 49.65  ?  225 PRO A CD  1 
ATOM   711  N  N   . ILE A 1 143 ? -16.497 16.964  4.504   1.00 49.08  ?  226 ILE A N   1 
ATOM   712  C  CA  . ILE A 1 143 ? -16.106 15.626  4.901   1.00 46.18  ?  226 ILE A CA  1 
ATOM   713  C  C   . ILE A 1 143 ? -14.846 15.223  4.147   1.00 44.42  ?  226 ILE A C   1 
ATOM   714  O  O   . ILE A 1 143 ? -14.844 15.155  2.921   1.00 43.60  ?  226 ILE A O   1 
ATOM   715  C  CB  . ILE A 1 143 ? -17.218 14.627  4.592   1.00 46.57  ?  226 ILE A CB  1 
ATOM   716  C  CG1 . ILE A 1 143 ? -18.451 14.951  5.424   1.00 49.29  ?  226 ILE A CG1 1 
ATOM   717  C  CG2 . ILE A 1 143 ? -16.756 13.204  4.913   1.00 49.76  ?  226 ILE A CG2 1 
ATOM   718  C  CD1 . ILE A 1 143 ? -19.677 14.168  5.000   1.00 54.38  ?  226 ILE A CD1 1 
ATOM   719  N  N   . LYS A 1 144 ? -13.779 14.980  4.900   1.00 44.57  ?  227 LYS A N   1 
ATOM   720  C  CA  . LYS A 1 144 ? -12.463 14.579  4.388   1.00 47.56  ?  227 LYS A CA  1 
ATOM   721  C  C   . LYS A 1 144 ? -12.412 13.061  4.209   1.00 44.63  ?  227 LYS A C   1 
ATOM   722  O  O   . LYS A 1 144 ? -12.792 12.323  5.095   1.00 48.12  ?  227 LYS A O   1 
ATOM   723  C  CB  . LYS A 1 144 ? -11.356 15.049  5.355   1.00 49.13  ?  227 LYS A CB  1 
ATOM   724  C  CG  . LYS A 1 144 ? -9.931  14.664  4.993   1.00 46.83  ?  227 LYS A CG  1 
ATOM   725  C  CD  . LYS A 1 144 ? -9.318  15.608  3.961   1.00 56.74  ?  227 LYS A CD  1 
ATOM   726  C  CE  . LYS A 1 144 ? -8.030  15.040  3.370   1.00 61.89  ?  227 LYS A CE  1 
ATOM   727  N  NZ  . LYS A 1 144 ? -8.198  13.604  3.006   1.00 59.76  1  227 LYS A NZ  1 
ATOM   728  N  N   . ILE A 1 145 ? -12.017 12.594  3.033   1.00 38.74  ?  228 ILE A N   1 
ATOM   729  C  CA  . ILE A 1 145 ? -11.748 11.166  2.855   1.00 40.14  ?  228 ILE A CA  1 
ATOM   730  C  C   . ILE A 1 145 ? -10.243 10.946  3.041   1.00 43.85  ?  228 ILE A C   1 
ATOM   731  O  O   . ILE A 1 145 ? -9.426  11.378  2.213   1.00 40.32  ?  228 ILE A O   1 
ATOM   732  C  CB  . ILE A 1 145 ? -12.150 10.670  1.467   1.00 45.52  ?  228 ILE A CB  1 
ATOM   733  C  CG1 . ILE A 1 145 ? -13.586 11.103  1.151   1.00 48.16  ?  228 ILE A CG1 1 
ATOM   734  C  CG2 . ILE A 1 145 ? -11.987 9.149   1.405   1.00 42.97  ?  228 ILE A CG2 1 
ATOM   735  C  CD1 . ILE A 1 145 ? -14.026 10.734  -0.248  1.00 44.17  ?  228 ILE A CD1 1 
ATOM   736  N  N   . ALA A 1 146 ? -9.891  10.344  4.173   1.00 40.39  ?  229 ALA A N   1 
ATOM   737  C  CA  . ALA A 1 146 ? -8.507  10.074  4.554   1.00 38.01  ?  229 ALA A CA  1 
ATOM   738  C  C   . ALA A 1 146 ? -8.168  8.645   4.143   1.00 35.46  ?  229 ALA A C   1 
ATOM   739  O  O   . ALA A 1 146 ? -8.870  7.700   4.521   1.00 40.21  ?  229 ALA A O   1 
ATOM   740  C  CB  . ALA A 1 146 ? -8.346  10.247  6.070   1.00 35.52  ?  229 ALA A CB  1 
ATOM   741  N  N   . THR A 1 147 ? -7.113  8.495   3.336   1.00 35.26  ?  230 THR A N   1 
ATOM   742  C  CA  . THR A 1 147 ? -6.732  7.189   2.814   1.00 38.46  ?  230 THR A CA  1 
ATOM   743  C  C   . THR A 1 147 ? -5.276  6.924   3.136   1.00 42.32  ?  230 THR A C   1 
ATOM   744  O  O   . THR A 1 147 ? -4.491  7.856   3.316   1.00 36.34  ?  230 THR A O   1 
ATOM   745  C  CB  . THR A 1 147 ? -6.894  7.108   1.298   1.00 37.35  ?  230 THR A CB  1 
ATOM   746  O  OG1 . THR A 1 147 ? -6.168  8.190   0.721   1.00 42.77  ?  230 THR A OG1 1 
ATOM   747  C  CG2 . THR A 1 147 ? -8.336  7.278   0.893   1.00 36.53  ?  230 THR A CG2 1 
ATOM   748  N  N   . GLN A 1 148 ? -4.911  5.647   3.214   1.00 43.98  ?  231 GLN A N   1 
ATOM   749  C  CA  . GLN A 1 148 ? -3.513  5.278   3.436   1.00 41.44  ?  231 GLN A CA  1 
ATOM   750  C  C   . GLN A 1 148 ? -3.215  4.052   2.580   1.00 45.94  ?  231 GLN A C   1 
ATOM   751  O  O   . GLN A 1 148 ? -4.115  3.278   2.247   1.00 43.45  ?  231 GLN A O   1 
ATOM   752  C  CB  . GLN A 1 148 ? -3.253  4.975   4.933   1.00 46.42  ?  231 GLN A CB  1 
ATOM   753  C  CG  . GLN A 1 148 ? -3.875  5.980   5.946   1.00 40.46  ?  231 GLN A CG  1 
ATOM   754  C  CD  . GLN A 1 148 ? -5.378  5.773   6.201   1.00 40.56  ?  231 GLN A CD  1 
ATOM   755  O  OE1 . GLN A 1 148 ? -5.898  4.673   6.088   1.00 35.45  ?  231 GLN A OE1 1 
ATOM   756  N  NE2 . GLN A 1 148 ? -6.085  6.857   6.491   1.00 41.98  ?  231 GLN A NE2 1 
ATOM   757  N  N   . ASP A 1 149 ? -1.952  3.883   2.210   1.00 38.49  ?  232 ASP A N   1 
ATOM   758  C  CA  . ASP A 1 149 ? -1.549  2.772   1.366   1.00 40.38  ?  232 ASP A CA  1 
ATOM   759  C  C   . ASP A 1 149 ? -0.135  2.297   1.676   1.00 39.95  ?  232 ASP A C   1 
ATOM   760  O  O   . ASP A 1 149 ? 0.798   3.101   1.817   1.00 36.05  ?  232 ASP A O   1 
ATOM   761  C  CB  . ASP A 1 149 ? -1.565  3.155   -0.117  1.00 38.28  ?  232 ASP A CB  1 
ATOM   762  C  CG  . ASP A 1 149 ? -1.620  1.939   -0.998  1.00 38.86  ?  232 ASP A CG  1 
ATOM   763  O  OD1 . ASP A 1 149 ? -2.650  1.230   -0.905  1.00 35.80  ?  232 ASP A OD1 1 
ATOM   764  O  OD2 . ASP A 1 149 ? -0.634  1.646   -1.745  1.00 43.21  -1 232 ASP A OD2 1 
ATOM   765  N  N   . ASN A 1 150 ? 0.009   0.986   1.717   1.00 39.34  ?  233 ASN A N   1 
ATOM   766  C  CA  . ASN A 1 150 ? 1.311   0.319   1.906   1.00 39.40  ?  233 ASN A CA  1 
ATOM   767  C  C   . ASN A 1 150 ? 2.426   0.764   0.931   1.00 42.11  ?  233 ASN A C   1 
ATOM   768  O  O   . ASN A 1 150 ? 3.600   0.712   1.278   1.00 42.65  ?  233 ASN A O   1 
ATOM   769  C  CB  . ASN A 1 150 ? 1.112   -1.209  1.860   1.00 37.65  ?  233 ASN A CB  1 
ATOM   770  C  CG  . ASN A 1 150 ? 0.738   -1.708  0.482   1.00 44.00  ?  233 ASN A CG  1 
ATOM   771  O  OD1 . ASN A 1 150 ? -0.103  -1.108  -0.216  1.00 40.81  ?  233 ASN A OD1 1 
ATOM   772  N  ND2 . ASN A 1 150 ? 1.350   -2.832  0.073   1.00 46.03  ?  233 ASN A ND2 1 
ATOM   773  N  N   . SER A 1 151 ? 2.065   1.198   -0.278  1.00 40.84  ?  234 SER A N   1 
ATOM   774  C  CA  . SER A 1 151 ? 3.039   1.831   -1.169  1.00 41.48  ?  234 SER A CA  1 
ATOM   775  C  C   . SER A 1 151 ? 3.336   3.196   -0.591  1.00 45.93  ?  234 SER A C   1 
ATOM   776  O  O   . SER A 1 151 ? 2.588   3.707   0.251   1.00 51.42  ?  234 SER A O   1 
ATOM   777  C  CB  . SER A 1 151 ? 2.452   2.025   -2.576  1.00 41.03  ?  234 SER A CB  1 
ATOM   778  O  OG  . SER A 1 151 ? 1.453   3.018   -2.548  1.00 40.75  ?  234 SER A OG  1 
ATOM   779  N  N   . GLY A 1 152 ? 4.401   3.844   -1.003  1.00 41.51  ?  235 GLY A N   1 
ATOM   780  C  CA  . GLY A 1 152 ? 4.521   5.213   -0.460  1.00 56.86  ?  235 GLY A CA  1 
ATOM   781  C  C   . GLY A 1 152 ? 3.449   6.237   -0.913  1.00 52.52  ?  235 GLY A C   1 
ATOM   782  O  O   . GLY A 1 152 ? 3.440   7.338   -0.414  1.00 43.24  ?  235 GLY A O   1 
ATOM   783  N  N   . ASN A 1 153 ? 2.543   5.871   -1.834  1.00 49.69  ?  236 ASN A N   1 
ATOM   784  C  CA  . ASN A 1 153 ? 2.030   6.820   -2.857  1.00 44.63  ?  236 ASN A CA  1 
ATOM   785  C  C   . ASN A 1 153 ? 0.580   7.227   -2.813  1.00 43.35  ?  236 ASN A C   1 
ATOM   786  O  O   . ASN A 1 153 ? -0.215  6.697   -2.057  1.00 42.71  ?  236 ASN A O   1 
ATOM   787  C  CB  . ASN A 1 153 ? 2.245   6.244   -4.273  1.00 50.47  ?  236 ASN A CB  1 
ATOM   788  C  CG  . ASN A 1 153 ? 3.639   5.685   -4.490  1.00 63.50  ?  236 ASN A CG  1 
ATOM   789  O  OD1 . ASN A 1 153 ? 4.573   5.983   -3.745  1.00 66.45  ?  236 ASN A OD1 1 
ATOM   790  N  ND2 . ASN A 1 153 ? 3.783   4.859   -5.524  1.00 70.95  ?  236 ASN A ND2 1 
ATOM   791  N  N   . ALA A 1 154 ? 0.242   8.134   -3.715  1.00 41.10  ?  237 ALA A N   1 
ATOM   792  C  CA  . ALA A 1 154 ? -1.042  8.780   -3.769  1.00 38.65  ?  237 ALA A CA  1 
ATOM   793  C  C   . ALA A 1 154 ? -2.128  7.783   -4.154  1.00 41.08  ?  237 ALA A C   1 
ATOM   794  O  O   . ALA A 1 154 ? -1.882  6.792   -4.877  1.00 37.54  ?  237 ALA A O   1 
ATOM   795  C  CB  . ALA A 1 154 ? -0.990  9.893   -4.797  1.00 38.86  ?  237 ALA A CB  1 
ATOM   796  N  N   . VAL A 1 155 ? -3.329  8.058   -3.673  1.00 33.66  ?  238 VAL A N   1 
ATOM   797  C  CA  . VAL A 1 155 ? -4.469  7.217   -3.874  1.00 35.79  ?  238 VAL A CA  1 
ATOM   798  C  C   . VAL A 1 155 ? -5.514  8.082   -4.564  1.00 40.92  ?  238 VAL A C   1 
ATOM   799  O  O   . VAL A 1 155 ? -5.639  9.261   -4.228  1.00 40.33  ?  238 VAL A O   1 
ATOM   800  C  CB  . VAL A 1 155 ? -5.008  6.739   -2.525  1.00 35.03  ?  238 VAL A CB  1 
ATOM   801  C  CG1 . VAL A 1 155 ? -6.255  5.852   -2.716  1.00 32.09  ?  238 VAL A CG1 1 
ATOM   802  C  CG2 . VAL A 1 155 ? -3.893  6.016   -1.792  1.00 33.46  ?  238 VAL A CG2 1 
ATOM   803  N  N   . THR A 1 156 ? -6.236  7.511   -5.536  1.00 40.60  ?  239 THR A N   1 
ATOM   804  C  CA  . THR A 1 156 ? -7.360  8.207   -6.192  1.00 38.80  ?  239 THR A CA  1 
ATOM   805  C  C   . THR A 1 156 ? -8.689  7.742   -5.620  1.00 39.12  ?  239 THR A C   1 
ATOM   806  O  O   . THR A 1 156 ? -8.954  6.530   -5.493  1.00 34.30  ?  239 THR A O   1 
ATOM   807  C  CB  . THR A 1 156 ? -7.338  7.967   -7.715  1.00 46.17  ?  239 THR A CB  1 
ATOM   808  O  OG1 . THR A 1 156 ? -6.095  8.455   -8.249  1.00 48.44  ?  239 THR A OG1 1 
ATOM   809  C  CG2 . THR A 1 156 ? -8.479  8.722   -8.419  1.00 47.88  ?  239 THR A CG2 1 
ATOM   810  N  N   . ASN A 1 157 ? -9.535  8.701   -5.246  1.00 38.91  ?  240 ASN A N   1 
ATOM   811  C  CA  . ASN A 1 157 ? -10.876 8.366   -4.825  1.00 38.58  ?  240 ASN A CA  1 
ATOM   812  C  C   . ASN A 1 157 ? -11.927 8.776   -5.836  1.00 46.95  ?  240 ASN A C   1 
ATOM   813  O  O   . ASN A 1 157 ? -11.958 9.928   -6.272  1.00 46.17  ?  240 ASN A O   1 
ATOM   814  C  CB  . ASN A 1 157 ? -11.176 9.044   -3.508  1.00 39.85  ?  240 ASN A CB  1 
ATOM   815  C  CG  . ASN A 1 157 ? -10.120 8.772   -2.484  1.00 45.64  ?  240 ASN A CG  1 
ATOM   816  O  OD1 . ASN A 1 157 ? -9.891  7.609   -2.095  1.00 44.52  ?  240 ASN A OD1 1 
ATOM   817  N  ND2 . ASN A 1 157 ? -9.432  9.835   -2.058  1.00 39.19  ?  240 ASN A ND2 1 
ATOM   818  N  N   . THR A 1 158 ? -12.783 7.819   -6.179  1.00 47.86  ?  241 THR A N   1 
ATOM   819  C  CA  . THR A 1 158 ? -13.930 8.020   -7.051  1.00 47.89  ?  241 THR A CA  1 
ATOM   820  C  C   . THR A 1 158 ? -15.154 7.942   -6.147  1.00 44.44  ?  241 THR A C   1 
ATOM   821  O  O   . THR A 1 158 ? -15.365 6.943   -5.457  1.00 48.31  ?  241 THR A O   1 
ATOM   822  C  CB  . THR A 1 158 ? -14.009 6.893   -8.101  1.00 47.13  ?  241 THR A CB  1 
ATOM   823  O  OG1 . THR A 1 158 ? -12.775 6.836   -8.814  1.00 46.52  ?  241 THR A OG1 1 
ATOM   824  C  CG2 . THR A 1 158 ? -15.128 7.155   -9.112  1.00 48.15  ?  241 THR A CG2 1 
ATOM   825  N  N   . VAL A 1 159 ? -15.924 9.020   -6.119  1.00 47.59  ?  242 VAL A N   1 
ATOM   826  C  CA  . VAL A 1 159 ? -17.075 9.127   -5.233  1.00 42.77  ?  242 VAL A CA  1 
ATOM   827  C  C   . VAL A 1 159 ? -18.367 9.153   -6.029  1.00 43.82  ?  242 VAL A C   1 
ATOM   828  O  O   . VAL A 1 159 ? -18.449 9.905   -6.980  1.00 45.05  ?  242 VAL A O   1 
ATOM   829  C  CB  . VAL A 1 159 ? -16.976 10.365  -4.344  1.00 40.03  ?  242 VAL A CB  1 
ATOM   830  C  CG1 . VAL A 1 159 ? -18.111 10.342  -3.325  1.00 34.70  ?  242 VAL A CG1 1 
ATOM   831  C  CG2 . VAL A 1 159 ? -15.637 10.365  -3.623  1.00 37.43  ?  242 VAL A CG2 1 
ATOM   832  N  N   . THR A 1 160 ? -19.343 8.302   -5.679  1.00 44.26  ?  243 THR A N   1 
ATOM   833  C  CA  . THR A 1 160 ? -20.662 8.330   -6.324  1.00 45.14  ?  243 THR A CA  1 
ATOM   834  C  C   . THR A 1 160 ? -21.807 8.172   -5.319  1.00 47.73  ?  243 THR A C   1 
ATOM   835  O  O   . THR A 1 160 ? -21.562 7.902   -4.136  1.00 45.70  ?  243 THR A O   1 
ATOM   836  C  CB  . THR A 1 160 ? -20.818 7.201   -7.360  1.00 50.14  ?  243 THR A CB  1 
ATOM   837  O  OG1 . THR A 1 160 ? -20.806 5.948   -6.682  1.00 48.73  ?  243 THR A OG1 1 
ATOM   838  C  CG2 . THR A 1 160 ? -19.700 7.260   -8.456  1.00 48.29  ?  243 THR A CG2 1 
ATOM   839  N  N   . GLY A 1 161 ? -23.055 8.297   -5.801  1.00 47.56  ?  244 GLY A N   1 
ATOM   840  C  CA  . GLY A 1 161 ? -24.245 8.220   -4.925  1.00 44.91  ?  244 GLY A CA  1 
ATOM   841  C  C   . GLY A 1 161 ? -24.387 9.462   -4.023  1.00 47.78  ?  244 GLY A C   1 
ATOM   842  O  O   . GLY A 1 161 ? -24.993 9.404   -2.951  1.00 46.46  ?  244 GLY A O   1 
ATOM   843  N  N   . LEU A 1 162 ? -23.815 10.593  -4.437  1.00 42.63  ?  245 LEU A N   1 
ATOM   844  C  CA  . LEU A 1 162 ? -23.822 11.794  -3.565  1.00 43.95  ?  245 LEU A CA  1 
ATOM   845  C  C   . LEU A 1 162 ? -25.204 12.453  -3.554  1.00 40.67  ?  245 LEU A C   1 
ATOM   846  O  O   . LEU A 1 162 ? -25.808 12.593  -4.591  1.00 40.50  ?  245 LEU A O   1 
ATOM   847  C  CB  . LEU A 1 162 ? -22.788 12.794  -4.057  1.00 39.68  ?  245 LEU A CB  1 
ATOM   848  C  CG  . LEU A 1 162 ? -21.283 12.573  -3.796  1.00 33.18  ?  245 LEU A CG  1 
ATOM   849  C  CD1 . LEU A 1 162 ? -20.486 13.549  -4.629  1.00 30.09  ?  245 LEU A CD1 1 
ATOM   850  C  CD2 . LEU A 1 162 ? -20.963 12.795  -2.340  1.00 32.20  ?  245 LEU A CD2 1 
ATOM   851  N  N   . PRO A 1 163 ? -25.718 12.850  -2.385  1.00 47.82  ?  246 PRO A N   1 
ATOM   852  C  CA  . PRO A 1 163 ? -26.968 13.641  -2.444  1.00 46.30  ?  246 PRO A CA  1 
ATOM   853  C  C   . PRO A 1 163 ? -26.821 14.847  -3.386  1.00 47.95  ?  246 PRO A C   1 
ATOM   854  O  O   . PRO A 1 163 ? -25.712 15.428  -3.494  1.00 47.47  ?  246 PRO A O   1 
ATOM   855  C  CB  . PRO A 1 163 ? -27.138 14.112  -1.003  1.00 45.74  ?  246 PRO A CB  1 
ATOM   856  C  CG  . PRO A 1 163 ? -26.462 13.033  -0.196  1.00 46.26  ?  246 PRO A CG  1 
ATOM   857  C  CD  . PRO A 1 163 ? -25.260 12.638  -0.992  1.00 43.62  ?  246 PRO A CD  1 
ATOM   858  N  N   . SER A 1 164 ? -27.901 15.196  -4.102  1.00 45.73  ?  247 SER A N   1 
ATOM   859  C  CA  . SER A 1 164 ? -27.872 16.365  -5.006  1.00 47.06  ?  247 SER A CA  1 
ATOM   860  C  C   . SER A 1 164 ? -27.434 17.589  -4.251  1.00 43.29  ?  247 SER A C   1 
ATOM   861  O  O   . SER A 1 164 ? -27.795 17.750  -3.090  1.00 40.45  ?  247 SER A O   1 
ATOM   862  C  CB  . SER A 1 164 ? -29.243 16.622  -5.625  1.00 43.52  ?  247 SER A CB  1 
ATOM   863  O  OG  . SER A 1 164 ? -29.771 15.367  -5.984  1.00 58.59  ?  247 SER A OG  1 
ATOM   864  N  N   . GLY A 1 165 ? -26.665 18.445  -4.916  1.00 41.93  ?  248 GLY A N   1 
ATOM   865  C  CA  . GLY A 1 165 ? -26.161 19.655  -4.275  1.00 41.61  ?  248 GLY A CA  1 
ATOM   866  C  C   . GLY A 1 165 ? -24.777 19.480  -3.696  1.00 45.01  ?  248 GLY A C   1 
ATOM   867  O  O   . GLY A 1 165 ? -24.080 20.463  -3.433  1.00 46.59  ?  248 GLY A O   1 
ATOM   868  N  N   . LEU A 1 166 ? -24.372 18.223  -3.511  1.00 46.81  ?  249 LEU A N   1 
ATOM   869  C  CA  . LEU A 1 166 ? -23.069 17.916  -2.945  1.00 43.70  ?  249 LEU A CA  1 
ATOM   870  C  C   . LEU A 1 166 ? -22.078 17.485  -3.999  1.00 44.49  ?  249 LEU A C   1 
ATOM   871  O  O   . LEU A 1 166 ? -22.431 16.841  -4.982  1.00 48.58  ?  249 LEU A O   1 
ATOM   872  C  CB  . LEU A 1 166 ? -23.175 16.827  -1.892  1.00 42.23  ?  249 LEU A CB  1 
ATOM   873  C  CG  . LEU A 1 166 ? -23.917 17.186  -0.622  1.00 40.65  ?  249 LEU A CG  1 
ATOM   874  C  CD1 . LEU A 1 166 ? -23.813 16.042  0.354   1.00 42.11  ?  249 LEU A CD1 1 
ATOM   875  C  CD2 . LEU A 1 166 ? -23.330 18.424  0.010   1.00 43.35  ?  249 LEU A CD2 1 
ATOM   876  N  N   . THR A 1 167 ? -20.814 17.776  -3.735  1.00 41.89  ?  250 THR A N   1 
ATOM   877  C  CA  . THR A 1 167 ? -19.784 17.566  -4.698  1.00 41.16  ?  250 THR A CA  1 
ATOM   878  C  C   . THR A 1 167 ? -18.494 17.119  -4.010  1.00 41.23  ?  250 THR A C   1 
ATOM   879  O  O   . THR A 1 167 ? -18.316 17.289  -2.781  1.00 37.94  ?  250 THR A O   1 
ATOM   880  C  CB  . THR A 1 167 ? -19.567 18.891  -5.459  1.00 47.95  ?  250 THR A CB  1 
ATOM   881  O  OG1 . THR A 1 167 ? -18.717 18.691  -6.590  1.00 55.05  ?  250 THR A OG1 1 
ATOM   882  C  CG2 . THR A 1 167 ? -18.971 19.953  -4.528  1.00 40.17  ?  250 THR A CG2 1 
ATOM   883  N  N   . PHE A 1 168 ? -17.581 16.581  -4.825  1.00 43.00  ?  251 PHE A N   1 
ATOM   884  C  CA  . PHE A 1 168 ? -16.327 16.025  -4.356  1.00 41.37  ?  251 PHE A CA  1 
ATOM   885  C  C   . PHE A 1 168 ? -15.135 16.669  -5.058  1.00 40.43  ?  251 PHE A C   1 
ATOM   886  O  O   . PHE A 1 168 ? -15.122 16.784  -6.286  1.00 36.24  ?  251 PHE A O   1 
ATOM   887  C  CB  . PHE A 1 168 ? -16.292 14.509  -4.552  1.00 38.59  ?  251 PHE A CB  1 
ATOM   888  C  CG  . PHE A 1 168 ? -14.996 13.889  -4.101  1.00 37.78  ?  251 PHE A CG  1 
ATOM   889  C  CD1 . PHE A 1 168 ? -14.581 14.017  -2.772  1.00 37.82  ?  251 PHE A CD1 1 
ATOM   890  C  CD2 . PHE A 1 168 ? -14.162 13.210  -5.008  1.00 39.35  ?  251 PHE A CD2 1 
ATOM   891  C  CE1 . PHE A 1 168 ? -13.354 13.479  -2.360  1.00 37.31  ?  251 PHE A CE1 1 
ATOM   892  C  CE2 . PHE A 1 168 ? -12.947 12.668  -4.599  1.00 37.17  ?  251 PHE A CE2 1 
ATOM   893  C  CZ  . PHE A 1 168 ? -12.551 12.801  -3.273  1.00 37.90  ?  251 PHE A CZ  1 
ATOM   894  N  N   . ASP A 1 169 ? -14.160 17.109  -4.267  1.00 40.10  ?  252 ASP A N   1 
ATOM   895  C  CA  . ASP A 1 169 ? -12.980 17.815  -4.766  1.00 44.91  ?  252 ASP A CA  1 
ATOM   896  C  C   . ASP A 1 169 ? -11.822 16.850  -4.662  1.00 43.52  ?  252 ASP A C   1 
ATOM   897  O  O   . ASP A 1 169 ? -11.433 16.472  -3.572  1.00 42.24  ?  252 ASP A O   1 
ATOM   898  C  CB  . ASP A 1 169 ? -12.701 19.080  -3.934  1.00 51.44  ?  252 ASP A CB  1 
ATOM   899  C  CG  . ASP A 1 169 ? -11.585 19.956  -4.525  1.00 60.02  ?  252 ASP A CG  1 
ATOM   900  O  OD1 . ASP A 1 169 ? -10.427 19.515  -4.644  1.00 54.56  ?  252 ASP A OD1 1 
ATOM   901  O  OD2 . ASP A 1 169 ? -11.865 21.128  -4.850  1.00 70.21  -1 252 ASP A OD2 1 
ATOM   902  N  N   . SER A 1 170 ? -11.314 16.430  -5.811  1.00 42.65  ?  253 SER A N   1 
ATOM   903  C  CA  . SER A 1 170 ? -10.268 15.444  -5.905  1.00 48.96  ?  253 SER A CA  1 
ATOM   904  C  C   . SER A 1 170 ? -8.932  15.985  -5.456  1.00 51.27  ?  253 SER A C   1 
ATOM   905  O  O   . SER A 1 170 ? -8.019  15.197  -5.254  1.00 52.48  ?  253 SER A O   1 
ATOM   906  C  CB  . SER A 1 170 ? -10.094 14.996  -7.360  1.00 55.81  ?  253 SER A CB  1 
ATOM   907  O  OG  . SER A 1 170 ? -11.317 14.665  -7.962  1.00 48.56  ?  253 SER A OG  1 
ATOM   908  N  N   . THR A 1 171 ? -8.783  17.304  -5.347  1.00 46.09  ?  254 THR A N   1 
ATOM   909  C  CA  . THR A 1 171 ? -7.485  17.847  -4.939  1.00 50.37  ?  254 THR A CA  1 
ATOM   910  C  C   . THR A 1 171 ? -7.300  17.753  -3.451  1.00 51.16  ?  254 THR A C   1 
ATOM   911  O  O   . THR A 1 171 ? -6.254  17.318  -2.993  1.00 54.07  ?  254 THR A O   1 
ATOM   912  C  CB  . THR A 1 171 ? -7.317  19.326  -5.276  1.00 50.11  ?  254 THR A CB  1 
ATOM   913  O  OG1 . THR A 1 171 ? -7.371  19.482  -6.683  1.00 56.50  ?  254 THR A OG1 1 
ATOM   914  C  CG2 . THR A 1 171 ? -5.970  19.810  -4.789  1.00 56.44  ?  254 THR A CG2 1 
ATOM   915  N  N   . ASN A 1 172 ? -8.305  18.188  -2.700  1.00 47.00  ?  255 ASN A N   1 
ATOM   916  C  CA  . ASN A 1 172 ? -8.243  18.101  -1.251  1.00 47.83  ?  255 ASN A CA  1 
ATOM   917  C  C   . ASN A 1 172 ? -8.962  16.883  -0.718  1.00 45.07  ?  255 ASN A C   1 
ATOM   918  O  O   . ASN A 1 172 ? -8.957  16.662  0.488   1.00 46.27  ?  255 ASN A O   1 
ATOM   919  C  CB  . ASN A 1 172 ? -8.804  19.378  -0.605  1.00 50.80  ?  255 ASN A CB  1 
ATOM   920  C  CG  . ASN A 1 172 ? -10.205 19.684  -1.058  1.00 55.18  ?  255 ASN A CG  1 
ATOM   921  O  OD1 . ASN A 1 172 ? -11.034 18.792  -1.212  1.00 57.83  ?  255 ASN A OD1 1 
ATOM   922  N  ND2 . ASN A 1 172 ? -10.478 20.953  -1.286  1.00 65.60  ?  255 ASN A ND2 1 
ATOM   923  N  N   . ASN A 1 173 ? -9.594  16.107  -1.615  1.00 46.89  ?  256 ASN A N   1 
ATOM   924  C  CA  . ASN A 1 173 ? -10.294 14.848  -1.271  1.00 41.29  ?  256 ASN A CA  1 
ATOM   925  C  C   . ASN A 1 173 ? -11.353 15.030  -0.202  1.00 45.17  ?  256 ASN A C   1 
ATOM   926  O  O   . ASN A 1 173 ? -11.365 14.298  0.788   1.00 46.80  ?  256 ASN A O   1 
ATOM   927  C  CB  . ASN A 1 173 ? -9.313  13.755  -0.787  1.00 43.89  ?  256 ASN A CB  1 
ATOM   928  C  CG  . ASN A 1 173 ? -8.465  13.197  -1.897  1.00 45.72  ?  256 ASN A CG  1 
ATOM   929  O  OD1 . ASN A 1 173 ? -8.948  12.485  -2.775  1.00 43.99  ?  256 ASN A OD1 1 
ATOM   930  N  ND2 . ASN A 1 173 ? -7.189  13.549  -1.885  1.00 50.61  ?  256 ASN A ND2 1 
ATOM   931  N  N   . THR A 1 174 ? -12.231 16.009  -0.393  1.00 43.59  ?  257 THR A N   1 
ATOM   932  C  CA  . THR A 1 174 ? -13.276 16.312  0.583   1.00 43.66  ?  257 THR A CA  1 
ATOM   933  C  C   . THR A 1 174 ? -14.619 16.464  -0.119  1.00 42.61  ?  257 THR A C   1 
ATOM   934  O  O   . THR A 1 174 ? -14.701 16.915  -1.277  1.00 40.43  ?  257 THR A O   1 
ATOM   935  C  CB  . THR A 1 174 ? -13.000 17.630  1.342   1.00 47.21  ?  257 THR A CB  1 
ATOM   936  O  OG1 . THR A 1 174 ? -13.046 18.693  0.394   1.00 50.27  ?  257 THR A OG1 1 
ATOM   937  C  CG2 . THR A 1 174 ? -11.620 17.620  1.975   1.00 47.18  ?  257 THR A CG2 1 
ATOM   938  N  N   . ILE A 1 175 ? -15.659 16.045  0.582   1.00 36.68  ?  258 ILE A N   1 
ATOM   939  C  CA  . ILE A 1 175 ? -17.026 16.265  0.163   1.00 42.00  ?  258 ILE A CA  1 
ATOM   940  C  C   . ILE A 1 175 ? -17.581 17.546  0.820   1.00 47.50  ?  258 ILE A C   1 
ATOM   941  O  O   . ILE A 1 175 ? -17.496 17.756  2.064   1.00 45.25  ?  258 ILE A O   1 
ATOM   942  C  CB  . ILE A 1 175 ? -17.881 15.058  0.570   1.00 42.24  ?  258 ILE A CB  1 
ATOM   943  C  CG1 . ILE A 1 175 ? -17.457 13.826  -0.235  1.00 43.32  ?  258 ILE A CG1 1 
ATOM   944  C  CG2 . ILE A 1 175 ? -19.351 15.317  0.359   1.00 41.64  ?  258 ILE A CG2 1 
ATOM   945  C  CD1 . ILE A 1 175 ? -18.007 12.535  0.341   1.00 42.11  ?  258 ILE A CD1 1 
ATOM   946  N  N   . SER A 1 176 ? -18.131 18.418  -0.012  1.00 43.01  ?  259 SER A N   1 
ATOM   947  C  CA  . SER A 1 176 ? -18.803 19.618  0.497   1.00 45.28  ?  259 SER A CA  1 
ATOM   948  C  C   . SER A 1 176 ? -19.988 19.978  -0.384  1.00 45.84  ?  259 SER A C   1 
ATOM   949  O  O   . SER A 1 176 ? -20.321 19.243  -1.316  1.00 46.71  ?  259 SER A O   1 
ATOM   950  C  CB  . SER A 1 176 ? -17.832 20.768  0.530   1.00 38.26  ?  259 SER A CB  1 
ATOM   951  O  OG  . SER A 1 176 ? -17.460 21.064  -0.802  1.00 43.19  ?  259 SER A OG  1 
ATOM   952  N  N   . GLY A 1 177 ? -20.633 21.105  -0.088  1.00 46.13  ?  260 GLY A N   1 
ATOM   953  C  CA  . GLY A 1 177 ? -21.772 21.557  -0.869  1.00 44.68  ?  260 GLY A CA  1 
ATOM   954  C  C   . GLY A 1 177 ? -22.995 21.755  -0.013  1.00 43.91  ?  260 GLY A C   1 
ATOM   955  O  O   . GLY A 1 177 ? -22.913 21.678  1.219   1.00 42.06  ?  260 GLY A O   1 
ATOM   956  N  N   . THR A 1 178 ? -24.131 21.996  -0.676  1.00 49.32  ?  261 THR A N   1 
ATOM   957  C  CA  . THR A 1 178 ? -25.389 22.310  0.010   1.00 43.21  ?  261 THR A CA  1 
ATOM   958  C  C   . THR A 1 178 ? -26.498 21.404  -0.524  1.00 41.68  ?  261 THR A C   1 
ATOM   959  O  O   . THR A 1 178 ? -26.880 21.531  -1.706  1.00 48.40  ?  261 THR A O   1 
ATOM   960  C  CB  . THR A 1 178 ? -25.823 23.773  -0.241  1.00 46.59  ?  261 THR A CB  1 
ATOM   961  O  OG1 . THR A 1 178 ? -24.760 24.685  0.043   1.00 45.79  ?  261 THR A OG1 1 
ATOM   962  C  CG2 . THR A 1 178 ? -27.004 24.109  0.650   1.00 48.58  ?  261 THR A CG2 1 
ATOM   963  N  N   . PRO A 1 179 ? -27.043 20.507  0.328   1.00 40.00  ?  262 PRO A N   1 
ATOM   964  C  CA  . PRO A 1 179 ? -28.016 19.532  -0.163  1.00 45.19  ?  262 PRO A CA  1 
ATOM   965  C  C   . PRO A 1 179 ? -29.296 20.215  -0.613  1.00 57.93  ?  262 PRO A C   1 
ATOM   966  O  O   . PRO A 1 179 ? -29.766 21.173  0.051   1.00 62.93  ?  262 PRO A O   1 
ATOM   967  C  CB  . PRO A 1 179 ? -28.323 18.659  1.050   1.00 42.64  ?  262 PRO A CB  1 
ATOM   968  C  CG  . PRO A 1 179 ? -27.374 19.075  2.122   1.00 42.88  ?  262 PRO A CG  1 
ATOM   969  C  CD  . PRO A 1 179 ? -26.878 20.438  1.786   1.00 41.64  ?  262 PRO A CD  1 
ATOM   970  N  N   . THR A 1 180 ? -29.866 19.713  -1.708  1.00 52.59  ?  263 THR A N   1 
ATOM   971  C  CA  . THR A 1 180 ? -31.026 20.337  -2.321  1.00 54.49  ?  263 THR A CA  1 
ATOM   972  C  C   . THR A 1 180 ? -32.292 19.482  -2.228  1.00 59.73  ?  263 THR A C   1 
ATOM   973  O  O   . THR A 1 180 ? -33.370 19.961  -2.567  1.00 58.21  ?  263 THR A O   1 
ATOM   974  C  CB  . THR A 1 180 ? -30.772 20.640  -3.799  1.00 52.39  ?  263 THR A CB  1 
ATOM   975  O  OG1 . THR A 1 180 ? -30.408 19.425  -4.448  1.00 54.73  ?  263 THR A OG1 1 
ATOM   976  C  CG2 . THR A 1 180 ? -29.645 21.667  -3.971  1.00 49.49  ?  263 THR A CG2 1 
ATOM   977  N  N   . ASN A 1 181 ? -32.158 18.224  -1.805  1.00 61.59  ?  264 ASN A N   1 
ATOM   978  C  CA  . ASN A 1 181 ? -33.296 17.315  -1.611  1.00 61.66  ?  264 ASN A CA  1 
ATOM   979  C  C   . ASN A 1 181 ? -33.229 16.615  -0.278  1.00 66.60  ?  264 ASN A C   1 
ATOM   980  O  O   . ASN A 1 181 ? -32.167 16.165  0.150   1.00 69.61  ?  264 ASN A O   1 
ATOM   981  C  CB  . ASN A 1 181 ? -33.354 16.214  -2.682  1.00 61.47  ?  264 ASN A CB  1 
ATOM   982  C  CG  . ASN A 1 181 ? -33.575 16.744  -4.074  1.00 69.96  ?  264 ASN A CG  1 
ATOM   983  O  OD1 . ASN A 1 181 ? -34.188 17.916  -4.189  1.00 84.90  ?  264 ASN A OD1 1 
ATOM   984  N  ND2 . ASN A 1 181 ? -33.204 16.091  -5.048  1.00 75.42  ?  264 ASN A ND2 1 
ATOM   985  N  N   . ILE A 1 182 ? -34.381 16.482  0.360   1.00 73.18  ?  265 ILE A N   1 
ATOM   986  C  CA  . ILE A 1 182 ? -34.506 15.646  1.537   1.00 67.90  ?  265 ILE A CA  1 
ATOM   987  C  C   . ILE A 1 182 ? -34.569 14.191  1.045   1.00 66.05  ?  265 ILE A C   1 
ATOM   988  O  O   . ILE A 1 182 ? -34.933 13.918  -0.099  1.00 60.44  ?  265 ILE A O   1 
ATOM   989  C  CB  . ILE A 1 182 ? -35.730 16.084  2.387   1.00 73.32  ?  265 ILE A CB  1 
ATOM   990  C  CG1 . ILE A 1 182 ? -35.826 15.325  3.740   1.00 74.76  ?  265 ILE A CG1 1 
ATOM   991  C  CG2 . ILE A 1 182 ? -37.004 16.100  1.541   1.00 75.75  ?  265 ILE A CG2 1 
ATOM   992  C  CD1 . ILE A 1 182 ? -36.439 13.930  3.730   1.00 66.15  ?  265 ILE A CD1 1 
ATOM   993  N  N   . GLY A 1 183 ? -34.192 13.265  1.917   1.00 69.35  ?  266 GLY A N   1 
ATOM   994  C  CA  . GLY A 1 183 ? -34.109 11.859  1.572   1.00 61.41  ?  266 GLY A CA  1 
ATOM   995  C  C   . GLY A 1 183 ? -32.754 11.341  1.996   1.00 61.42  ?  266 GLY A C   1 
ATOM   996  O  O   . GLY A 1 183 ? -31.938 12.074  2.595   1.00 56.01  ?  266 GLY A O   1 
ATOM   997  N  N   . THR A 1 184 ? -32.530 10.070  1.676   1.00 67.59  ?  267 THR A N   1 
ATOM   998  C  CA  . THR A 1 184 ? -31.366 9.305   2.107   1.00 61.23  ?  267 THR A CA  1 
ATOM   999  C  C   . THR A 1 184 ? -30.550 8.882   0.897   1.00 59.10  ?  267 THR A C   1 
ATOM   1000 O  O   . THR A 1 184 ? -31.103 8.575   -0.165  1.00 51.57  ?  267 THR A O   1 
ATOM   1001 C  CB  . THR A 1 184 ? -31.811 8.087   2.929   1.00 63.38  ?  267 THR A CB  1 
ATOM   1002 O  OG1 . THR A 1 184 ? -32.207 8.548   4.220   1.00 60.94  ?  267 THR A OG1 1 
ATOM   1003 C  CG2 . THR A 1 184 ? -30.676 7.055   3.102   1.00 69.75  ?  267 THR A CG2 1 
ATOM   1004 N  N   . SER A 1 185 ? -29.228 8.926   1.054   1.00 52.39  ?  268 SER A N   1 
ATOM   1005 C  CA  . SER A 1 185 ? -28.320 8.500   -0.005  1.00 50.89  ?  268 SER A CA  1 
ATOM   1006 C  C   . SER A 1 185 ? -27.294 7.499   0.550   1.00 47.48  ?  268 SER A C   1 
ATOM   1007 O  O   . SER A 1 185 ? -27.011 7.492   1.770   1.00 38.24  ?  268 SER A O   1 
ATOM   1008 C  CB  . SER A 1 185 ? -27.601 9.721   -0.580  1.00 51.06  ?  268 SER A CB  1 
ATOM   1009 O  OG  . SER A 1 185 ? -28.393 10.355  -1.566  1.00 56.12  ?  268 SER A OG  1 
ATOM   1010 N  N   . THR A 1 186 ? -26.732 6.675   -0.328  1.00 46.68  ?  269 THR A N   1 
ATOM   1011 C  CA  . THR A 1 186 ? -25.558 5.846   0.060   1.00 46.16  ?  269 THR A CA  1 
ATOM   1012 C  C   . THR A 1 186 ? -24.382 6.348   -0.711  1.00 41.78  ?  269 THR A C   1 
ATOM   1013 O  O   . THR A 1 186 ? -24.389 6.356   -1.934  1.00 37.16  ?  269 THR A O   1 
ATOM   1014 C  CB  . THR A 1 186 ? -25.745 4.364   -0.258  1.00 49.47  ?  269 THR A CB  1 
ATOM   1015 O  OG1 . THR A 1 186 ? -26.864 3.868   0.498   1.00 52.81  ?  269 THR A OG1 1 
ATOM   1016 C  CG2 . THR A 1 186 ? -24.462 3.579   0.134   1.00 44.99  ?  269 THR A CG2 1 
ATOM   1017 N  N   . ILE A 1 187 ? -23.372 6.822   -0.003  1.00 44.75  ?  270 ILE A N   1 
ATOM   1018 C  CA  . ILE A 1 187 ? -22.252 7.414   -0.711  1.00 43.25  ?  270 ILE A CA  1 
ATOM   1019 C  C   . ILE A 1 187 ? -21.169 6.389   -0.850  1.00 43.84  ?  270 ILE A C   1 
ATOM   1020 O  O   . ILE A 1 187 ? -20.722 5.826   0.144   1.00 43.43  ?  270 ILE A O   1 
ATOM   1021 C  CB  . ILE A 1 187 ? -21.691 8.610   0.042   1.00 42.22  ?  270 ILE A CB  1 
ATOM   1022 C  CG1 . ILE A 1 187 ? -22.813 9.648   0.183   1.00 39.32  ?  270 ILE A CG1 1 
ATOM   1023 C  CG2 . ILE A 1 187 ? -20.451 9.142   -0.674  1.00 40.68  ?  270 ILE A CG2 1 
ATOM   1024 C  CD1 . ILE A 1 187 ? -22.351 10.913  0.810   1.00 39.68  ?  270 ILE A CD1 1 
ATOM   1025 N  N   . SER A 1 188 ? -20.734 6.190   -2.084  1.00 43.37  ?  271 SER A N   1 
ATOM   1026 C  CA  . SER A 1 188 ? -19.782 5.131   -2.413  1.00 46.82  ?  271 SER A CA  1 
ATOM   1027 C  C   . SER A 1 188 ? -18.462 5.695   -2.884  1.00 42.11  ?  271 SER A C   1 
ATOM   1028 O  O   . SER A 1 188 ? -18.436 6.506   -3.815  1.00 43.66  ?  271 SER A O   1 
ATOM   1029 C  CB  . SER A 1 188 ? -20.345 4.188   -3.510  1.00 43.33  ?  271 SER A CB  1 
ATOM   1030 O  OG  . SER A 1 188 ? -19.331 3.287   -3.938  1.00 49.36  ?  271 SER A OG  1 
ATOM   1031 N  N   . ILE A 1 189 ? -17.385 5.227   -2.252  1.00 39.68  ?  272 ILE A N   1 
ATOM   1032 C  CA  . ILE A 1 189 ? -16.000 5.598   -2.574  1.00 43.51  ?  272 ILE A CA  1 
ATOM   1033 C  C   . ILE A 1 189 ? -15.162 4.397   -3.008  1.00 41.91  ?  272 ILE A C   1 
ATOM   1034 O  O   . ILE A 1 189 ? -14.983 3.463   -2.232  1.00 41.84  ?  272 ILE A O   1 
ATOM   1035 C  CB  . ILE A 1 189 ? -15.275 6.171   -1.338  1.00 39.44  ?  272 ILE A CB  1 
ATOM   1036 C  CG1 . ILE A 1 189 ? -16.066 7.326   -0.747  1.00 40.84  ?  272 ILE A CG1 1 
ATOM   1037 C  CG2 . ILE A 1 189 ? -13.881 6.683   -1.712  1.00 42.26  ?  272 ILE A CG2 1 
ATOM   1038 C  CD1 . ILE A 1 189 ? -15.944 7.438   0.765   1.00 40.25  ?  272 ILE A CD1 1 
ATOM   1039 N  N   . VAL A 1 190 ? -14.670 4.441   -4.249  1.00 44.79  ?  273 VAL A N   1 
ATOM   1040 C  CA  . VAL A 1 190 ? -13.647 3.522   -4.764  1.00 41.21  ?  273 VAL A CA  1 
ATOM   1041 C  C   . VAL A 1 190 ? -12.309 4.238   -4.670  1.00 39.98  ?  273 VAL A C   1 
ATOM   1042 O  O   . VAL A 1 190 ? -12.138 5.304   -5.268  1.00 38.14  ?  273 VAL A O   1 
ATOM   1043 C  CB  . VAL A 1 190 ? -13.899 3.175   -6.260  1.00 44.58  ?  273 VAL A CB  1 
ATOM   1044 C  CG1 . VAL A 1 190 ? -12.874 2.157   -6.729  1.00 40.80  ?  273 VAL A CG1 1 
ATOM   1045 C  CG2 . VAL A 1 190 ? -15.323 2.630   -6.457  1.00 41.76  ?  273 VAL A CG2 1 
ATOM   1046 N  N   . SER A 1 191 ? -11.390 3.699   -3.867  1.00 38.66  ?  274 SER A N   1 
ATOM   1047 C  CA  . SER A 1 191 ? -10.030 4.239   -3.760  1.00 37.43  ?  274 SER A CA  1 
ATOM   1048 C  C   . SER A 1 191 ? -9.043  3.304   -4.468  1.00 41.41  ?  274 SER A C   1 
ATOM   1049 O  O   . SER A 1 191 ? -8.981  2.116   -4.164  1.00 44.50  ?  274 SER A O   1 
ATOM   1050 C  CB  . SER A 1 191 ? -9.608  4.320   -2.289  1.00 33.05  ?  274 SER A CB  1 
ATOM   1051 O  OG  . SER A 1 191 ? -10.591 4.908   -1.470  1.00 37.43  ?  274 SER A OG  1 
ATOM   1052 N  N   . THR A 1 192 ? -8.249  3.847   -5.376  1.00 39.65  ?  275 THR A N   1 
ATOM   1053 C  CA  . THR A 1 192 ? -7.313  3.059   -6.145  1.00 41.11  ?  275 THR A CA  1 
ATOM   1054 C  C   . THR A 1 192 ? -5.864  3.506   -5.891  1.00 41.57  ?  275 THR A C   1 
ATOM   1055 O  O   . THR A 1 192 ? -5.577  4.697   -6.024  1.00 39.69  ?  275 THR A O   1 
ATOM   1056 C  CB  . THR A 1 192 ? -7.713  3.185   -7.634  1.00 44.35  ?  275 THR A CB  1 
ATOM   1057 O  OG1 . THR A 1 192 ? -9.078  2.792   -7.739  1.00 39.13  ?  275 THR A OG1 1 
ATOM   1058 C  CG2 . THR A 1 192 ? -6.903  2.267   -8.560  1.00 39.87  ?  275 THR A CG2 1 
ATOM   1059 N  N   . ASP A 1 193 ? -4.968  2.568   -5.492  1.00 39.95  ?  276 ASP A N   1 
ATOM   1060 C  CA  . ASP A 1 193 ? -3.503  2.842   -5.467  1.00 38.94  ?  276 ASP A CA  1 
ATOM   1061 C  C   . ASP A 1 193 ? -2.939  2.948   -6.877  1.00 39.36  ?  276 ASP A C   1 
ATOM   1062 O  O   . ASP A 1 193 ? -3.682  2.726   -7.861  1.00 39.90  ?  276 ASP A O   1 
ATOM   1063 C  CB  . ASP A 1 193 ? -2.663  1.869   -4.602  1.00 37.41  ?  276 ASP A CB  1 
ATOM   1064 C  CG  . ASP A 1 193 ? -2.641  0.428   -5.122  1.00 40.02  ?  276 ASP A CG  1 
ATOM   1065 O  OD1 . ASP A 1 193 ? -2.836  0.162   -6.335  1.00 40.31  ?  276 ASP A OD1 1 
ATOM   1066 O  OD2 . ASP A 1 193 ? -2.397  -0.466  -4.271  1.00 40.98  -1 276 ASP A OD2 1 
ATOM   1067 N  N   . ALA A 1 194 ? -1.645  3.261   -6.966  1.00 37.36  ?  277 ALA A N   1 
ATOM   1068 C  CA  . ALA A 1 194 ? -0.958  3.426   -8.244  1.00 46.18  ?  277 ALA A CA  1 
ATOM   1069 C  C   . ALA A 1 194 ? -0.824  2.117   -9.042  1.00 47.94  ?  277 ALA A C   1 
ATOM   1070 O  O   . ALA A 1 194 ? -0.680  2.164   -10.265 1.00 49.78  ?  277 ALA A O   1 
ATOM   1071 C  CB  . ALA A 1 194 ? 0.401   4.075   -8.031  1.00 47.90  ?  277 ALA A CB  1 
ATOM   1072 N  N   . SER A 1 195 ? -0.918  0.966   -8.363  1.00 48.08  ?  278 SER A N   1 
ATOM   1073 C  CA  . SER A 1 195 ? -0.830  -0.360  -9.004  1.00 45.14  ?  278 SER A CA  1 
ATOM   1074 C  C   . SER A 1 195 ? -2.211  -0.907  -9.328  1.00 48.49  ?  278 SER A C   1 
ATOM   1075 O  O   . SER A 1 195 ? -2.331  -2.076  -9.620  1.00 48.47  ?  278 SER A O   1 
ATOM   1076 C  CB  . SER A 1 195 ? -0.168  -1.362  -8.070  1.00 47.19  ?  278 SER A CB  1 
ATOM   1077 O  OG  . SER A 1 195 ? 1.145   -0.946  -7.706  1.00 48.96  ?  278 SER A OG  1 
ATOM   1078 N  N   . GLY A 1 196 ? -3.255  -0.088  -9.211  1.00 44.54  ?  279 GLY A N   1 
ATOM   1079 C  CA  . GLY A 1 196 ? -4.622  -0.524  -9.559  1.00 39.54  ?  279 GLY A CA  1 
ATOM   1080 C  C   . GLY A 1 196 ? -5.378  -1.373  -8.555  1.00 42.79  ?  279 GLY A C   1 
ATOM   1081 O  O   . GLY A 1 196 ? -6.397  -1.943  -8.906  1.00 42.83  ?  279 GLY A O   1 
ATOM   1082 N  N   . ASN A 1 197 ? -4.886  -1.480  -7.314  1.00 44.53  ?  280 ASN A N   1 
ATOM   1083 C  CA  . ASN A 1 197 ? -5.628  -2.151  -6.214  1.00 40.84  ?  280 ASN A CA  1 
ATOM   1084 C  C   . ASN A 1 197 ? -6.691  -1.186  -5.684  1.00 42.90  ?  280 ASN A C   1 
ATOM   1085 O  O   . ASN A 1 197 ? -6.401  0.002   -5.485  1.00 39.39  ?  280 ASN A O   1 
ATOM   1086 C  CB  . ASN A 1 197 ? -4.649  -2.575  -5.112  1.00 37.18  ?  280 ASN A CB  1 
ATOM   1087 C  CG  . ASN A 1 197 ? -3.450  -3.346  -5.676  1.00 41.56  ?  280 ASN A CG  1 
ATOM   1088 O  OD1 . ASN A 1 197 ? -3.655  -4.285  -6.412  1.00 40.33  ?  280 ASN A OD1 1 
ATOM   1089 N  ND2 . ASN A 1 197 ? -2.214  -2.939  -5.364  1.00 39.16  ?  280 ASN A ND2 1 
ATOM   1090 N  N   . LYS A 1 198 ? -7.905  -1.695  -5.461  1.00 40.94  ?  281 LYS A N   1 
ATOM   1091 C  CA  . LYS A 1 198 ? -9.081  -0.888  -5.187  1.00 43.58  ?  281 LYS A CA  1 
ATOM   1092 C  C   . LYS A 1 198 ? -9.728  -1.294  -3.898  1.00 43.57  ?  281 LYS A C   1 
ATOM   1093 O  O   . LYS A 1 198 ? -9.857  -2.476  -3.630  1.00 41.54  ?  281 LYS A O   1 
ATOM   1094 C  CB  . LYS A 1 198 ? -10.127 -1.106  -6.278  1.00 49.34  ?  281 LYS A CB  1 
ATOM   1095 C  CG  . LYS A 1 198 ? -9.710  -0.636  -7.645  1.00 54.00  ?  281 LYS A CG  1 
ATOM   1096 C  CD  . LYS A 1 198 ? -10.832 -0.951  -8.633  1.00 59.64  ?  281 LYS A CD  1 
ATOM   1097 C  CE  . LYS A 1 198 ? -10.393 -0.697  -10.070 1.00 58.72  ?  281 LYS A CE  1 
ATOM   1098 N  NZ  . LYS A 1 198 ? -9.480  0.477   -10.166 1.00 70.71  1  281 LYS A NZ  1 
ATOM   1099 N  N   . THR A 1 199 ? -10.145 -0.315  -3.100  1.00 44.10  ?  282 THR A N   1 
ATOM   1100 C  CA  . THR A 1 199 ? -11.074 -0.567  -1.998  1.00 43.17  ?  282 THR A CA  1 
ATOM   1101 C  C   . THR A 1 199 ? -12.392 0.234   -2.186  1.00 41.85  ?  282 THR A C   1 
ATOM   1102 O  O   . THR A 1 199 ? -12.423 1.339   -2.755  1.00 37.82  ?  282 THR A O   1 
ATOM   1103 C  CB  . THR A 1 199 ? -10.462 -0.295  -0.603  1.00 48.68  ?  282 THR A CB  1 
ATOM   1104 O  OG1 . THR A 1 199 ? -9.051  -0.506  -0.633  1.00 57.29  ?  282 THR A OG1 1 
ATOM   1105 C  CG2 . THR A 1 199 ? -11.023 -1.273  0.422   1.00 57.27  ?  282 THR A CG2 1 
ATOM   1106 N  N   . THR A 1 200 ? -13.484 -0.341  -1.714  1.00 42.41  ?  283 THR A N   1 
ATOM   1107 C  CA  . THR A 1 200 ? -14.782 0.313   -1.784  1.00 43.53  ?  283 THR A CA  1 
ATOM   1108 C  C   . THR A 1 200 ? -15.265 0.611   -0.387  1.00 42.84  ?  283 THR A C   1 
ATOM   1109 O  O   . THR A 1 200 ? -15.346 -0.296  0.426   1.00 43.49  ?  283 THR A O   1 
ATOM   1110 C  CB  . THR A 1 200 ? -15.776 -0.521  -2.612  1.00 42.97  ?  283 THR A CB  1 
ATOM   1111 O  OG1 . THR A 1 200 ? -15.320 -0.503  -3.968  1.00 41.78  ?  283 THR A OG1 1 
ATOM   1112 C  CG2 . THR A 1 200 ? -17.210 0.060   -2.599  1.00 39.06  ?  283 THR A CG2 1 
ATOM   1113 N  N   . THR A 1 201 ? -15.562 1.887   -0.116  1.00 39.29  ?  284 THR A N   1 
ATOM   1114 C  CA  . THR A 1 201 ? -16.133 2.310   1.164   1.00 42.82  ?  284 THR A CA  1 
ATOM   1115 C  C   . THR A 1 201 ? -17.498 3.053   0.965   1.00 41.12  ?  284 THR A C   1 
ATOM   1116 O  O   . THR A 1 201 ? -17.656 3.836   0.030   1.00 39.14  ?  284 THR A O   1 
ATOM   1117 C  CB  . THR A 1 201 ? -15.151 3.228   1.928   1.00 41.86  ?  284 THR A CB  1 
ATOM   1118 O  OG1 . THR A 1 201 ? -13.811 2.825   1.656   1.00 46.89  ?  284 THR A OG1 1 
ATOM   1119 C  CG2 . THR A 1 201 ? -15.404 3.178   3.444   1.00 41.31  ?  284 THR A CG2 1 
ATOM   1120 N  N   . THR A 1 202 ? -18.460 2.795   1.848   1.00 41.92  ?  285 THR A N   1 
ATOM   1121 C  CA  . THR A 1 202 ? -19.806 3.356   1.751   1.00 42.43  ?  285 THR A CA  1 
ATOM   1122 C  C   . THR A 1 202 ? -20.145 3.974   3.075   1.00 48.16  ?  285 THR A C   1 
ATOM   1123 O  O   . THR A 1 202 ? -19.597 3.585   4.101   1.00 46.40  ?  285 THR A O   1 
ATOM   1124 C  CB  . THR A 1 202 ? -20.900 2.306   1.550   1.00 45.99  ?  285 THR A CB  1 
ATOM   1125 O  OG1 . THR A 1 202 ? -20.872 1.388   2.660   1.00 52.79  ?  285 THR A OG1 1 
ATOM   1126 C  CG2 . THR A 1 202 ? -20.761 1.585   0.200   1.00 43.39  ?  285 THR A CG2 1 
ATOM   1127 N  N   . PHE A 1 203 ? -21.036 4.964   3.028   1.00 54.17  ?  286 PHE A N   1 
ATOM   1128 C  CA  . PHE A 1 203 ? -21.694 5.499   4.207   1.00 49.65  ?  286 PHE A CA  1 
ATOM   1129 C  C   . PHE A 1 203 ? -22.968 6.198   3.804   1.00 49.71  ?  286 PHE A C   1 
ATOM   1130 O  O   . PHE A 1 203 ? -23.111 6.679   2.669   1.00 49.60  ?  286 PHE A O   1 
ATOM   1131 C  CB  . PHE A 1 203 ? -20.779 6.427   5.024   1.00 45.92  ?  286 PHE A CB  1 
ATOM   1132 C  CG  . PHE A 1 203 ? -20.393 7.701   4.312   1.00 49.10  ?  286 PHE A CG  1 
ATOM   1133 C  CD1 . PHE A 1 203 ? -19.257 7.753   3.505   1.00 45.77  ?  286 PHE A CD1 1 
ATOM   1134 C  CD2 . PHE A 1 203 ? -21.150 8.873   4.481   1.00 48.67  ?  286 PHE A CD2 1 
ATOM   1135 C  CE1 . PHE A 1 203 ? -18.881 8.933   2.857   1.00 43.36  ?  286 PHE A CE1 1 
ATOM   1136 C  CE2 . PHE A 1 203 ? -20.776 10.048  3.848   1.00 46.79  ?  286 PHE A CE2 1 
ATOM   1137 C  CZ  . PHE A 1 203 ? -19.642 10.075  3.029   1.00 49.43  ?  286 PHE A CZ  1 
ATOM   1138 N  N   . LYS A 1 204 ? -23.885 6.243   4.761   1.00 56.41  ?  287 LYS A N   1 
ATOM   1139 C  CA  . LYS A 1 204 ? -25.196 6.843   4.593   1.00 59.23  ?  287 LYS A CA  1 
ATOM   1140 C  C   . LYS A 1 204 ? -25.145 8.336   4.874   1.00 57.12  ?  287 LYS A C   1 
ATOM   1141 O  O   . LYS A 1 204 ? -24.589 8.806   5.903   1.00 45.27  ?  287 LYS A O   1 
ATOM   1142 C  CB  . LYS A 1 204 ? -26.237 6.162   5.507   1.00 61.75  ?  287 LYS A CB  1 
ATOM   1143 C  CG  . LYS A 1 204 ? -27.310 5.353   4.785   1.00 70.21  ?  287 LYS A CG  1 
ATOM   1144 C  CD  . LYS A 1 204 ? -26.712 4.294   3.864   1.00 74.57  ?  287 LYS A CD  1 
ATOM   1145 C  CE  . LYS A 1 204 ? -27.768 3.641   2.983   1.00 73.22  ?  287 LYS A CE  1 
ATOM   1146 N  NZ  . LYS A 1 204 ? -28.632 2.673   3.718   1.00 72.46  1  287 LYS A NZ  1 
ATOM   1147 N  N   . TYR A 1 205 ? -25.733 9.068   3.935   1.00 53.22  ?  288 TYR A N   1 
ATOM   1148 C  CA  . TYR A 1 205 ? -25.993 10.478  4.142   1.00 53.38  ?  288 TYR A CA  1 
ATOM   1149 C  C   . TYR A 1 205 ? -27.488 10.721  4.295   1.00 51.29  ?  288 TYR A C   1 
ATOM   1150 O  O   . TYR A 1 205 ? -28.264 10.380  3.413   1.00 48.63  ?  288 TYR A O   1 
ATOM   1151 C  CB  . TYR A 1 205 ? -25.429 11.350  3.016   1.00 46.34  ?  288 TYR A CB  1 
ATOM   1152 C  CG  . TYR A 1 205 ? -25.127 12.711  3.553   1.00 51.22  ?  288 TYR A CG  1 
ATOM   1153 C  CD1 . TYR A 1 205 ? -26.155 13.609  3.830   1.00 50.75  ?  288 TYR A CD1 1 
ATOM   1154 C  CD2 . TYR A 1 205 ? -23.827 13.086  3.891   1.00 50.32  ?  288 TYR A CD2 1 
ATOM   1155 C  CE1 . TYR A 1 205 ? -25.898 14.856  4.383   1.00 47.02  ?  288 TYR A CE1 1 
ATOM   1156 C  CE2 . TYR A 1 205 ? -23.571 14.341  4.417   1.00 51.49  ?  288 TYR A CE2 1 
ATOM   1157 C  CZ  . TYR A 1 205 ? -24.625 15.212  4.674   1.00 51.85  ?  288 TYR A CZ  1 
ATOM   1158 O  OH  . TYR A 1 205 ? -24.401 16.453  5.217   1.00 52.61  ?  288 TYR A OH  1 
ATOM   1159 N  N   . GLU A 1 206 ? -27.882 11.300  5.424   1.00 54.68  ?  289 GLU A N   1 
ATOM   1160 C  CA  . GLU A 1 206 ? -29.294 11.641  5.641   1.00 59.06  ?  289 GLU A CA  1 
ATOM   1161 C  C   . GLU A 1 206 ? -29.518 13.171  5.614   1.00 50.15  ?  289 GLU A C   1 
ATOM   1162 O  O   . GLU A 1 206 ? -28.905 13.936  6.372   1.00 41.15  ?  289 GLU A O   1 
ATOM   1163 C  CB  . GLU A 1 206 ? -29.798 10.997  6.934   1.00 60.76  ?  289 GLU A CB  1 
ATOM   1164 C  CG  . GLU A 1 206 ? -31.307 10.878  7.029   1.00 70.38  ?  289 GLU A CG  1 
ATOM   1165 C  CD  . GLU A 1 206 ? -31.768 10.818  8.473   1.00 80.73  ?  289 GLU A CD  1 
ATOM   1166 O  OE1 . GLU A 1 206 ? -31.256 11.616  9.305   1.00 86.40  ?  289 GLU A OE1 1 
ATOM   1167 O  OE2 . GLU A 1 206 ? -32.630 9.968   8.781   1.00 87.13  -1 289 GLU A OE2 1 
ATOM   1168 N  N   . VAL A 1 207 ? -30.347 13.616  4.680   1.00 55.12  ?  290 VAL A N   1 
ATOM   1169 C  CA  . VAL A 1 207 ? -30.688 15.040  4.590   1.00 62.14  ?  290 VAL A CA  1 
ATOM   1170 C  C   . VAL A 1 207 ? -32.087 15.290  5.138   1.00 65.22  ?  290 VAL A C   1 
ATOM   1171 O  O   . VAL A 1 207 ? -33.049 14.670  4.681   1.00 67.45  ?  290 VAL A O   1 
ATOM   1172 C  CB  . VAL A 1 207 ? -30.585 15.570  3.153   1.00 59.38  ?  290 VAL A CB  1 
ATOM   1173 C  CG1 . VAL A 1 207 ? -30.959 17.044  3.129   1.00 51.69  ?  290 VAL A CG1 1 
ATOM   1174 C  CG2 . VAL A 1 207 ? -29.167 15.383  2.626   1.00 52.23  ?  290 VAL A CG2 1 
ATOM   1175 N  N   . THR A 1 208 ? -32.197 16.194  6.115   1.00 71.02  ?  291 THR A N   1 
ATOM   1176 C  CA  . THR A 1 208 ? -33.473 16.410  6.839   1.00 68.12  ?  291 THR A CA  1 
ATOM   1177 C  C   . THR A 1 208 ? -34.048 17.829  6.710   1.00 71.92  ?  291 THR A C   1 
ATOM   1178 O  O   . THR A 1 208 ? -33.448 18.694  6.061   1.00 74.86  ?  291 THR A O   1 
ATOM   1179 C  CB  . THR A 1 208 ? -33.357 16.042  8.337   1.00 63.75  ?  291 THR A CB  1 
ATOM   1180 O  OG1 . THR A 1 208 ? -32.238 16.724  8.925   1.00 65.19  ?  291 THR A OG1 1 
ATOM   1181 C  CG2 . THR A 1 208 ? -33.191 14.537  8.508   1.00 64.99  ?  291 THR A CG2 1 
HETATM 1182 CA CA  . CA  B 2 .   ? -1.360  -0.677  -2.140  1.00 40.20  ?  301 CA  A CA  1 
HETATM 1183 O  O   . HOH C 3 .   ? 11.335  -9.559  7.632   1.00 30.00  ?  401 HOH A O   1 
HETATM 1184 O  O   . HOH C 3 .   ? -27.067 20.395  5.050   1.00 30.00  ?  402 HOH A O   1 
HETATM 1185 O  O   . HOH C 3 .   ? -2.592  -0.604  1.961   1.00 30.00  ?  403 HOH A O   1 
HETATM 1186 O  O   . HOH C 3 .   ? 0.781   0.917   -5.769  1.00 30.00  ?  404 HOH A O   1 
HETATM 1187 O  O   . HOH C 3 .   ? -0.058  4.167   -4.481  1.00 30.00  ?  405 HOH A O   1 
HETATM 1188 O  O   . HOH C 3 .   ? -17.559 5.103   -7.135  1.00 30.00  ?  406 HOH A O   1 
HETATM 1189 O  O   . HOH C 3 .   ? -10.693 5.354   -7.728  1.00 30.00  ?  407 HOH A O   1 
HETATM 1190 O  O   . HOH C 3 .   ? -12.895 3.521   -0.688  1.00 30.00  ?  408 HOH A O   1 
# 
loop_
_pdbx_poly_seq_scheme.asym_id 
_pdbx_poly_seq_scheme.entity_id 
_pdbx_poly_seq_scheme.seq_id 
_pdbx_poly_seq_scheme.mon_id 
_pdbx_poly_seq_scheme.ndb_seq_num 
_pdbx_poly_seq_scheme.pdb_seq_num 
_pdbx_poly_seq_scheme.auth_seq_num 
_pdbx_poly_seq_scheme.pdb_mon_id 
_pdbx_poly_seq_scheme.auth_mon_id 
_pdbx_poly_seq_scheme.pdb_strand_id 
_pdbx_poly_seq_scheme.pdb_ins_code 
_pdbx_poly_seq_scheme.hetero 
A 1 1   MET 1   84  ?   ?   ?   A . n 
A 1 2   GLY 2   85  ?   ?   ?   A . n 
A 1 3   SER 3   86  ?   ?   ?   A . n 
A 1 4   SER 4   87  ?   ?   ?   A . n 
A 1 5   HIS 5   88  ?   ?   ?   A . n 
A 1 6   HIS 6   89  ?   ?   ?   A . n 
A 1 7   HIS 7   90  ?   ?   ?   A . n 
A 1 8   HIS 8   91  ?   ?   ?   A . n 
A 1 9   HIS 9   92  ?   ?   ?   A . n 
A 1 10  HIS 10  93  ?   ?   ?   A . n 
A 1 11  SER 11  94  ?   ?   ?   A . n 
A 1 12  SER 12  95  ?   ?   ?   A . n 
A 1 13  GLY 13  96  ?   ?   ?   A . n 
A 1 14  LEU 14  97  ?   ?   ?   A . n 
A 1 15  VAL 15  98  ?   ?   ?   A . n 
A 1 16  PRO 16  99  ?   ?   ?   A . n 
A 1 17  ARG 17  100 ?   ?   ?   A . n 
A 1 18  GLY 18  101 ?   ?   ?   A . n 
A 1 19  SER 19  102 ?   ?   ?   A . n 
A 1 20  HIS 20  103 ?   ?   ?   A . n 
A 1 21  MET 21  104 ?   ?   ?   A . n 
A 1 22  ALA 22  105 ?   ?   ?   A . n 
A 1 23  SER 23  106 ?   ?   ?   A . n 
A 1 24  MET 24  107 ?   ?   ?   A . n 
A 1 25  THR 25  108 ?   ?   ?   A . n 
A 1 26  GLY 26  109 ?   ?   ?   A . n 
A 1 27  GLY 27  110 ?   ?   ?   A . n 
A 1 28  GLN 28  111 ?   ?   ?   A . n 
A 1 29  GLN 29  112 ?   ?   ?   A . n 
A 1 30  MET 30  113 ?   ?   ?   A . n 
A 1 31  GLY 31  114 ?   ?   ?   A . n 
A 1 32  ARG 32  115 ?   ?   ?   A . n 
A 1 33  GLY 33  116 ?   ?   ?   A . n 
A 1 34  SER 34  117 ?   ?   ?   A . n 
A 1 35  ALA 35  118 ?   ?   ?   A . n 
A 1 36  PRO 36  119 ?   ?   ?   A . n 
A 1 37  THR 37  120 120 THR THR A . n 
A 1 38  VAL 38  121 121 VAL VAL A . n 
A 1 39  THR 39  122 122 THR THR A . n 
A 1 40  VAL 40  123 123 VAL VAL A . n 
A 1 41  GLY 41  124 124 GLY GLY A . n 
A 1 42  ASN 42  125 125 ASN ASN A . n 
A 1 43  GLN 43  126 126 GLN GLN A . n 
A 1 44  THR 44  127 127 THR THR A . n 
A 1 45  ILE 45  128 128 ILE ILE A . n 
A 1 46  GLU 46  129 129 GLU GLU A . n 
A 1 47  VAL 47  130 130 VAL VAL A . n 
A 1 48  GLY 48  131 131 GLY GLY A . n 
A 1 49  LYS 49  132 132 LYS LYS A . n 
A 1 50  THR 50  133 133 THR THR A . n 
A 1 51  MET 51  134 134 MET MET A . n 
A 1 52  ASN 52  135 135 ASN ASN A . n 
A 1 53  PRO 53  136 136 PRO PRO A . n 
A 1 54  ILE 54  137 137 ILE ILE A . n 
A 1 55  VAL 55  138 138 VAL VAL A . n 
A 1 56  LEU 56  139 139 LEU LEU A . n 
A 1 57  THR 57  140 140 THR THR A . n 
A 1 58  THR 58  141 141 THR THR A . n 
A 1 59  THR 59  142 ?   ?   ?   A . n 
A 1 60  ASP 60  143 ?   ?   ?   A . n 
A 1 61  ASN 61  144 ?   ?   ?   A . n 
A 1 62  GLY 62  145 ?   ?   ?   A . n 
A 1 63  THR 63  146 ?   ?   ?   A . n 
A 1 64  GLY 64  147 ?   ?   ?   A . n 
A 1 65  THR 65  148 ?   ?   ?   A . n 
A 1 66  VAL 66  149 149 VAL VAL A . n 
A 1 67  THR 67  150 150 THR THR A . n 
A 1 68  ASN 68  151 151 ASN ASN A . n 
A 1 69  THR 69  152 152 THR THR A . n 
A 1 70  VAL 70  153 153 VAL VAL A . n 
A 1 71  THR 71  154 154 THR THR A . n 
A 1 72  GLY 72  155 155 GLY GLY A . n 
A 1 73  LEU 73  156 156 LEU LEU A . n 
A 1 74  PRO 74  157 157 PRO PRO A . n 
A 1 75  SER 75  158 158 SER SER A . n 
A 1 76  GLY 76  159 159 GLY GLY A . n 
A 1 77  LEU 77  160 160 LEU LEU A . n 
A 1 78  SER 78  161 161 SER SER A . n 
A 1 79  TYR 79  162 162 TYR TYR A . n 
A 1 80  ASP 80  163 163 ASP ASP A . n 
A 1 81  SER 81  164 164 SER SER A . n 
A 1 82  ALA 82  165 165 ALA ALA A . n 
A 1 83  THR 83  166 166 THR THR A . n 
A 1 84  ASN 84  167 167 ASN ASN A . n 
A 1 85  SER 85  168 168 SER SER A . n 
A 1 86  ILE 86  169 169 ILE ILE A . n 
A 1 87  ILE 87  170 170 ILE ILE A . n 
A 1 88  GLY 88  171 171 GLY GLY A . n 
A 1 89  THR 89  172 172 THR THR A . n 
A 1 90  PRO 90  173 173 PRO PRO A . n 
A 1 91  THR 91  174 174 THR THR A . n 
A 1 92  LYS 92  175 175 LYS LYS A . n 
A 1 93  ILE 93  176 176 ILE ILE A . n 
A 1 94  GLY 94  177 177 GLY GLY A . n 
A 1 95  GLN 95  178 178 GLN GLN A . n 
A 1 96  SER 96  179 179 SER SER A . n 
A 1 97  THR 97  180 180 THR THR A . n 
A 1 98  VAL 98  181 181 VAL VAL A . n 
A 1 99  THR 99  182 182 THR THR A . n 
A 1 100 VAL 100 183 183 VAL VAL A . n 
A 1 101 VAL 101 184 184 VAL VAL A . n 
A 1 102 SER 102 185 185 SER SER A . n 
A 1 103 THR 103 186 186 THR THR A . n 
A 1 104 ASP 104 187 187 ASP ASP A . n 
A 1 105 GLN 105 188 188 GLN GLN A . n 
A 1 106 ALA 106 189 189 ALA ALA A . n 
A 1 107 ASN 107 190 190 ASN ASN A . n 
A 1 108 ASN 108 191 191 ASN ASN A . n 
A 1 109 LYS 109 192 192 LYS LYS A . n 
A 1 110 SER 110 193 193 SER SER A . n 
A 1 111 THR 111 194 194 THR THR A . n 
A 1 112 THR 112 195 195 THR THR A . n 
A 1 113 THR 113 196 196 THR THR A . n 
A 1 114 PHE 114 197 197 PHE PHE A . n 
A 1 115 THR 115 198 198 THR THR A . n 
A 1 116 ILE 116 199 199 ILE ILE A . n 
A 1 117 ASN 117 200 200 ASN ASN A . n 
A 1 118 VAL 118 201 201 VAL VAL A . n 
A 1 119 VAL 119 202 202 VAL VAL A . n 
A 1 120 ASP 120 203 203 ASP ASP A . n 
A 1 121 THR 121 204 204 THR THR A . n 
A 1 122 THR 122 205 205 THR THR A . n 
A 1 123 ALA 123 206 206 ALA ALA A . n 
A 1 124 PRO 124 207 207 PRO PRO A . n 
A 1 125 THR 125 208 208 THR THR A . n 
A 1 126 VAL 126 209 209 VAL VAL A . n 
A 1 127 THR 127 210 210 THR THR A . n 
A 1 128 PRO 128 211 211 PRO PRO A . n 
A 1 129 ILE 129 212 212 ILE ILE A . n 
A 1 130 GLY 130 213 213 GLY GLY A . n 
A 1 131 ASP 131 214 214 ASP ASP A . n 
A 1 132 GLN 132 215 215 GLN GLN A . n 
A 1 133 SER 133 216 216 SER SER A . n 
A 1 134 SER 134 217 217 SER SER A . n 
A 1 135 GLU 135 218 218 GLU GLU A . n 
A 1 136 VAL 136 219 219 VAL VAL A . n 
A 1 137 TYR 137 220 220 TYR TYR A . n 
A 1 138 SER 138 221 221 SER SER A . n 
A 1 139 PRO 139 222 222 PRO PRO A . n 
A 1 140 ILE 140 223 223 ILE ILE A . n 
A 1 141 SER 141 224 224 SER SER A . n 
A 1 142 PRO 142 225 225 PRO PRO A . n 
A 1 143 ILE 143 226 226 ILE ILE A . n 
A 1 144 LYS 144 227 227 LYS LYS A . n 
A 1 145 ILE 145 228 228 ILE ILE A . n 
A 1 146 ALA 146 229 229 ALA ALA A . n 
A 1 147 THR 147 230 230 THR THR A . n 
A 1 148 GLN 148 231 231 GLN GLN A . n 
A 1 149 ASP 149 232 232 ASP ASP A . n 
A 1 150 ASN 150 233 233 ASN ASN A . n 
A 1 151 SER 151 234 234 SER SER A . n 
A 1 152 GLY 152 235 235 GLY GLY A . n 
A 1 153 ASN 153 236 236 ASN ASN A . n 
A 1 154 ALA 154 237 237 ALA ALA A . n 
A 1 155 VAL 155 238 238 VAL VAL A . n 
A 1 156 THR 156 239 239 THR THR A . n 
A 1 157 ASN 157 240 240 ASN ASN A . n 
A 1 158 THR 158 241 241 THR THR A . n 
A 1 159 VAL 159 242 242 VAL VAL A . n 
A 1 160 THR 160 243 243 THR THR A . n 
A 1 161 GLY 161 244 244 GLY GLY A . n 
A 1 162 LEU 162 245 245 LEU LEU A . n 
A 1 163 PRO 163 246 246 PRO PRO A . n 
A 1 164 SER 164 247 247 SER SER A . n 
A 1 165 GLY 165 248 248 GLY GLY A . n 
A 1 166 LEU 166 249 249 LEU LEU A . n 
A 1 167 THR 167 250 250 THR THR A . n 
A 1 168 PHE 168 251 251 PHE PHE A . n 
A 1 169 ASP 169 252 252 ASP ASP A . n 
A 1 170 SER 170 253 253 SER SER A . n 
A 1 171 THR 171 254 254 THR THR A . n 
A 1 172 ASN 172 255 255 ASN ASN A . n 
A 1 173 ASN 173 256 256 ASN ASN A . n 
A 1 174 THR 174 257 257 THR THR A . n 
A 1 175 ILE 175 258 258 ILE ILE A . n 
A 1 176 SER 176 259 259 SER SER A . n 
A 1 177 GLY 177 260 260 GLY GLY A . n 
A 1 178 THR 178 261 261 THR THR A . n 
A 1 179 PRO 179 262 262 PRO PRO A . n 
A 1 180 THR 180 263 263 THR THR A . n 
A 1 181 ASN 181 264 264 ASN ASN A . n 
A 1 182 ILE 182 265 265 ILE ILE A . n 
A 1 183 GLY 183 266 266 GLY GLY A . n 
A 1 184 THR 184 267 267 THR THR A . n 
A 1 185 SER 185 268 268 SER SER A . n 
A 1 186 THR 186 269 269 THR THR A . n 
A 1 187 ILE 187 270 270 ILE ILE A . n 
A 1 188 SER 188 271 271 SER SER A . n 
A 1 189 ILE 189 272 272 ILE ILE A . n 
A 1 190 VAL 190 273 273 VAL VAL A . n 
A 1 191 SER 191 274 274 SER SER A . n 
A 1 192 THR 192 275 275 THR THR A . n 
A 1 193 ASP 193 276 276 ASP ASP A . n 
A 1 194 ALA 194 277 277 ALA ALA A . n 
A 1 195 SER 195 278 278 SER SER A . n 
A 1 196 GLY 196 279 279 GLY GLY A . n 
A 1 197 ASN 197 280 280 ASN ASN A . n 
A 1 198 LYS 198 281 281 LYS LYS A . n 
A 1 199 THR 199 282 282 THR THR A . n 
A 1 200 THR 200 283 283 THR THR A . n 
A 1 201 THR 201 284 284 THR THR A . n 
A 1 202 THR 202 285 285 THR THR A . n 
A 1 203 PHE 203 286 286 PHE PHE A . n 
A 1 204 LYS 204 287 287 LYS LYS A . n 
A 1 205 TYR 205 288 288 TYR TYR A . n 
A 1 206 GLU 206 289 289 GLU GLU A . n 
A 1 207 VAL 207 290 290 VAL VAL A . n 
A 1 208 THR 208 291 291 THR THR A . n 
A 1 209 ARG 209 292 ?   ?   ?   A . n 
A 1 210 ASN 210 293 ?   ?   ?   A . n 
# 
loop_
_pdbx_nonpoly_scheme.asym_id 
_pdbx_nonpoly_scheme.entity_id 
_pdbx_nonpoly_scheme.mon_id 
_pdbx_nonpoly_scheme.ndb_seq_num 
_pdbx_nonpoly_scheme.pdb_seq_num 
_pdbx_nonpoly_scheme.auth_seq_num 
_pdbx_nonpoly_scheme.pdb_mon_id 
_pdbx_nonpoly_scheme.auth_mon_id 
_pdbx_nonpoly_scheme.pdb_strand_id 
_pdbx_nonpoly_scheme.pdb_ins_code 
B 2 CA  1 301 1 CA  CA  A . 
C 3 HOH 1 401 1 HOH HOH A . 
C 3 HOH 2 402 2 HOH HOH A . 
C 3 HOH 3 403 3 HOH HOH A . 
C 3 HOH 4 404 4 HOH HOH A . 
C 3 HOH 5 405 5 HOH HOH A . 
C 3 HOH 6 406 6 HOH HOH A . 
C 3 HOH 7 407 7 HOH HOH A . 
C 3 HOH 8 408 8 HOH HOH A . 
# 
_pdbx_struct_assembly.id                   1 
_pdbx_struct_assembly.details              author_and_software_defined_assembly 
_pdbx_struct_assembly.method_details       PISA 
_pdbx_struct_assembly.oligomeric_details   dimeric 
_pdbx_struct_assembly.oligomeric_count     2 
# 
_pdbx_struct_assembly_gen.assembly_id       1 
_pdbx_struct_assembly_gen.oper_expression   1,2 
_pdbx_struct_assembly_gen.asym_id_list      A,B,C 
# 
loop_
_pdbx_struct_assembly_prop.biol_id 
_pdbx_struct_assembly_prop.type 
_pdbx_struct_assembly_prop.value 
_pdbx_struct_assembly_prop.details 
1 'ABSA (A^2)' 2270  ? 
1 MORE         -8    ? 
1 'SSA (A^2)'  16880 ? 
# 
loop_
_pdbx_struct_oper_list.id 
_pdbx_struct_oper_list.type 
_pdbx_struct_oper_list.name 
_pdbx_struct_oper_list.symmetry_operation 
_pdbx_struct_oper_list.matrix[1][1] 
_pdbx_struct_oper_list.matrix[1][2] 
_pdbx_struct_oper_list.matrix[1][3] 
_pdbx_struct_oper_list.vector[1] 
_pdbx_struct_oper_list.matrix[2][1] 
_pdbx_struct_oper_list.matrix[2][2] 
_pdbx_struct_oper_list.matrix[2][3] 
_pdbx_struct_oper_list.vector[2] 
_pdbx_struct_oper_list.matrix[3][1] 
_pdbx_struct_oper_list.matrix[3][2] 
_pdbx_struct_oper_list.matrix[3][3] 
_pdbx_struct_oper_list.vector[3] 
1 'identity operation'         1_555 x,y,z  1.0000000000  0.0000000000 0.0000000000  0.0000000000  0.0000000000 1.0000000000 0.0000000000  0.0000000000   0.0000000000  0.0000000000  1.0000000000  0.0000000000   
2 'crystal symmetry operation' 4_555 y,x,-z -0.4242913257 0.7707471499 -0.4753164229 40.7438788373 0.7707471499 0.0318607234 -0.6363440305 -38.5510910551 -0.4753164229 -0.6363440305 -0.6075693977 -13.1628927275 
# 
loop_
_pdbx_struct_conn_angle.id 
_pdbx_struct_conn_angle.ptnr1_label_atom_id 
_pdbx_struct_conn_angle.ptnr1_label_alt_id 
_pdbx_struct_conn_angle.ptnr1_label_asym_id 
_pdbx_struct_conn_angle.ptnr1_label_comp_id 
_pdbx_struct_conn_angle.ptnr1_label_seq_id 
_pdbx_struct_conn_angle.ptnr1_auth_atom_id 
_pdbx_struct_conn_angle.ptnr1_auth_asym_id 
_pdbx_struct_conn_angle.ptnr1_auth_comp_id 
_pdbx_struct_conn_angle.ptnr1_auth_seq_id 
_pdbx_struct_conn_angle.ptnr1_PDB_ins_code 
_pdbx_struct_conn_angle.ptnr1_symmetry 
_pdbx_struct_conn_angle.ptnr2_label_atom_id 
_pdbx_struct_conn_angle.ptnr2_label_alt_id 
_pdbx_struct_conn_angle.ptnr2_label_asym_id 
_pdbx_struct_conn_angle.ptnr2_label_comp_id 
_pdbx_struct_conn_angle.ptnr2_label_seq_id 
_pdbx_struct_conn_angle.ptnr2_auth_atom_id 
_pdbx_struct_conn_angle.ptnr2_auth_asym_id 
_pdbx_struct_conn_angle.ptnr2_auth_comp_id 
_pdbx_struct_conn_angle.ptnr2_auth_seq_id 
_pdbx_struct_conn_angle.ptnr2_PDB_ins_code 
_pdbx_struct_conn_angle.ptnr2_symmetry 
_pdbx_struct_conn_angle.ptnr3_label_atom_id 
_pdbx_struct_conn_angle.ptnr3_label_alt_id 
_pdbx_struct_conn_angle.ptnr3_label_asym_id 
_pdbx_struct_conn_angle.ptnr3_label_comp_id 
_pdbx_struct_conn_angle.ptnr3_label_seq_id 
_pdbx_struct_conn_angle.ptnr3_auth_atom_id 
_pdbx_struct_conn_angle.ptnr3_auth_asym_id 
_pdbx_struct_conn_angle.ptnr3_auth_comp_id 
_pdbx_struct_conn_angle.ptnr3_auth_seq_id 
_pdbx_struct_conn_angle.ptnr3_PDB_ins_code 
_pdbx_struct_conn_angle.ptnr3_symmetry 
_pdbx_struct_conn_angle.value 
_pdbx_struct_conn_angle.value_esd 
1  OD2 ? A ASP 120 ? A ASP 203 ? 1_555 CA ? B CA . ? A CA 301 ? 1_555 OD1 ? A ASP 120 ? A ASP 203 ? 1_555 52.2  ? 
2  OD2 ? A ASP 120 ? A ASP 203 ? 1_555 CA ? B CA . ? A CA 301 ? 1_555 O   ? A THR 122 ? A THR 205 ? 1_555 127.6 ? 
3  OD1 ? A ASP 120 ? A ASP 203 ? 1_555 CA ? B CA . ? A CA 301 ? 1_555 O   ? A THR 122 ? A THR 205 ? 1_555 79.5  ? 
4  OD2 ? A ASP 120 ? A ASP 203 ? 1_555 CA ? B CA . ? A CA 301 ? 1_555 OD2 ? A ASP 149 ? A ASP 232 ? 1_555 78.4  ? 
5  OD1 ? A ASP 120 ? A ASP 203 ? 1_555 CA ? B CA . ? A CA 301 ? 1_555 OD2 ? A ASP 149 ? A ASP 232 ? 1_555 127.4 ? 
6  O   ? A THR 122 ? A THR 205 ? 1_555 CA ? B CA . ? A CA 301 ? 1_555 OD2 ? A ASP 149 ? A ASP 232 ? 1_555 153.0 ? 
7  OD2 ? A ASP 120 ? A ASP 203 ? 1_555 CA ? B CA . ? A CA 301 ? 1_555 OD1 ? A ASP 149 ? A ASP 232 ? 1_555 129.8 ? 
8  OD1 ? A ASP 120 ? A ASP 203 ? 1_555 CA ? B CA . ? A CA 301 ? 1_555 OD1 ? A ASP 149 ? A ASP 232 ? 1_555 170.1 ? 
9  O   ? A THR 122 ? A THR 205 ? 1_555 CA ? B CA . ? A CA 301 ? 1_555 OD1 ? A ASP 149 ? A ASP 232 ? 1_555 101.4 ? 
10 OD2 ? A ASP 149 ? A ASP 232 ? 1_555 CA ? B CA . ? A CA 301 ? 1_555 OD1 ? A ASP 149 ? A ASP 232 ? 1_555 51.8  ? 
11 OD2 ? A ASP 120 ? A ASP 203 ? 1_555 CA ? B CA . ? A CA 301 ? 1_555 OD1 ? A ASN 150 ? A ASN 233 ? 1_555 89.2  ? 
12 OD1 ? A ASP 120 ? A ASP 203 ? 1_555 CA ? B CA . ? A CA 301 ? 1_555 OD1 ? A ASN 150 ? A ASN 233 ? 1_555 79.6  ? 
13 O   ? A THR 122 ? A THR 205 ? 1_555 CA ? B CA . ? A CA 301 ? 1_555 OD1 ? A ASN 150 ? A ASN 233 ? 1_555 102.2 ? 
14 OD2 ? A ASP 149 ? A ASP 232 ? 1_555 CA ? B CA . ? A CA 301 ? 1_555 OD1 ? A ASN 150 ? A ASN 233 ? 1_555 83.3  ? 
15 OD1 ? A ASP 149 ? A ASP 232 ? 1_555 CA ? B CA . ? A CA 301 ? 1_555 OD1 ? A ASN 150 ? A ASN 233 ? 1_555 90.6  ? 
16 OD2 ? A ASP 120 ? A ASP 203 ? 1_555 CA ? B CA . ? A CA 301 ? 1_555 OD2 ? A ASP 193 ? A ASP 276 ? 1_555 83.8  ? 
17 OD1 ? A ASP 120 ? A ASP 203 ? 1_555 CA ? B CA . ? A CA 301 ? 1_555 OD2 ? A ASP 193 ? A ASP 276 ? 1_555 91.6  ? 
18 O   ? A THR 122 ? A THR 205 ? 1_555 CA ? B CA . ? A CA 301 ? 1_555 OD2 ? A ASP 193 ? A ASP 276 ? 1_555 77.8  ? 
19 OD2 ? A ASP 149 ? A ASP 232 ? 1_555 CA ? B CA . ? A CA 301 ? 1_555 OD2 ? A ASP 193 ? A ASP 276 ? 1_555 100.8 ? 
20 OD1 ? A ASP 149 ? A ASP 232 ? 1_555 CA ? B CA . ? A CA 301 ? 1_555 OD2 ? A ASP 193 ? A ASP 276 ? 1_555 98.3  ? 
21 OD1 ? A ASN 150 ? A ASN 233 ? 1_555 CA ? B CA . ? A CA 301 ? 1_555 OD2 ? A ASP 193 ? A ASP 276 ? 1_555 171.0 ? 
# 
loop_
_pdbx_audit_revision_history.ordinal 
_pdbx_audit_revision_history.data_content_type 
_pdbx_audit_revision_history.major_revision 
_pdbx_audit_revision_history.minor_revision 
_pdbx_audit_revision_history.revision_date 
1 'Structure model' 1 0 2014-06-18 
2 'Structure model' 1 1 2023-11-08 
# 
_pdbx_audit_revision_details.ordinal             1 
_pdbx_audit_revision_details.revision_ordinal    1 
_pdbx_audit_revision_details.data_content_type   'Structure model' 
_pdbx_audit_revision_details.provider            repository 
_pdbx_audit_revision_details.type                'Initial release' 
_pdbx_audit_revision_details.description         ? 
_pdbx_audit_revision_details.details             ? 
# 
loop_
_pdbx_audit_revision_group.ordinal 
_pdbx_audit_revision_group.revision_ordinal 
_pdbx_audit_revision_group.data_content_type 
_pdbx_audit_revision_group.group 
1 2 'Structure model' 'Data collection'        
2 2 'Structure model' 'Database references'    
3 2 'Structure model' 'Derived calculations'   
4 2 'Structure model' 'Refinement description' 
# 
loop_
_pdbx_audit_revision_category.ordinal 
_pdbx_audit_revision_category.revision_ordinal 
_pdbx_audit_revision_category.data_content_type 
_pdbx_audit_revision_category.category 
1 2 'Structure model' chem_comp_atom                
2 2 'Structure model' chem_comp_bond                
3 2 'Structure model' database_2                    
4 2 'Structure model' pdbx_initial_refinement_model 
5 2 'Structure model' pdbx_struct_conn_angle        
6 2 'Structure model' struct_conn                   
7 2 'Structure model' struct_ref_seq_dif            
8 2 'Structure model' struct_site                   
# 
loop_
_pdbx_audit_revision_item.ordinal 
_pdbx_audit_revision_item.revision_ordinal 
_pdbx_audit_revision_item.data_content_type 
_pdbx_audit_revision_item.item 
1  2 'Structure model' '_database_2.pdbx_DOI'                        
2  2 'Structure model' '_database_2.pdbx_database_accession'         
3  2 'Structure model' '_pdbx_struct_conn_angle.ptnr1_auth_comp_id'  
4  2 'Structure model' '_pdbx_struct_conn_angle.ptnr1_auth_seq_id'   
5  2 'Structure model' '_pdbx_struct_conn_angle.ptnr1_label_atom_id' 
6  2 'Structure model' '_pdbx_struct_conn_angle.ptnr1_label_comp_id' 
7  2 'Structure model' '_pdbx_struct_conn_angle.ptnr1_label_seq_id'  
8  2 'Structure model' '_pdbx_struct_conn_angle.ptnr3_auth_comp_id'  
9  2 'Structure model' '_pdbx_struct_conn_angle.ptnr3_auth_seq_id'   
10 2 'Structure model' '_pdbx_struct_conn_angle.ptnr3_label_atom_id' 
11 2 'Structure model' '_pdbx_struct_conn_angle.ptnr3_label_comp_id' 
12 2 'Structure model' '_pdbx_struct_conn_angle.ptnr3_label_seq_id'  
13 2 'Structure model' '_pdbx_struct_conn_angle.value'               
14 2 'Structure model' '_struct_conn.pdbx_dist_value'                
15 2 'Structure model' '_struct_conn.ptnr1_auth_comp_id'             
16 2 'Structure model' '_struct_conn.ptnr1_auth_seq_id'              
17 2 'Structure model' '_struct_conn.ptnr1_label_atom_id'            
18 2 'Structure model' '_struct_conn.ptnr1_label_comp_id'            
19 2 'Structure model' '_struct_conn.ptnr1_label_seq_id'             
20 2 'Structure model' '_struct_ref_seq_dif.details'                 
21 2 'Structure model' '_struct_site.pdbx_auth_asym_id'              
22 2 'Structure model' '_struct_site.pdbx_auth_comp_id'              
23 2 'Structure model' '_struct_site.pdbx_auth_seq_id'               
# 
loop_
_software.name 
_software.classification 
_software.version 
_software.citation_id 
_software.pdbx_ordinal 
HKL-2000 'data collection' .        ? 1 
MOLREP   phasing           .        ? 2 
REFMAC   refinement        5.6.0117 ? 3 
HKL-2000 'data reduction'  .        ? 4 
SCALA    'data scaling'    .        ? 5 
# 
_pdbx_validate_torsion.id              1 
_pdbx_validate_torsion.PDB_model_num   1 
_pdbx_validate_torsion.auth_comp_id    TYR 
_pdbx_validate_torsion.auth_asym_id    A 
_pdbx_validate_torsion.auth_seq_id     220 
_pdbx_validate_torsion.PDB_ins_code    ? 
_pdbx_validate_torsion.label_alt_id    ? 
_pdbx_validate_torsion.phi             79.85 
_pdbx_validate_torsion.psi             -6.72 
# 
_pdbx_validate_peptide_omega.id               1 
_pdbx_validate_peptide_omega.PDB_model_num    1 
_pdbx_validate_peptide_omega.auth_comp_id_1   GLY 
_pdbx_validate_peptide_omega.auth_asym_id_1   A 
_pdbx_validate_peptide_omega.auth_seq_id_1    235 
_pdbx_validate_peptide_omega.PDB_ins_code_1   ? 
_pdbx_validate_peptide_omega.label_alt_id_1   ? 
_pdbx_validate_peptide_omega.auth_comp_id_2   ASN 
_pdbx_validate_peptide_omega.auth_asym_id_2   A 
_pdbx_validate_peptide_omega.auth_seq_id_2    236 
_pdbx_validate_peptide_omega.PDB_ins_code_2   ? 
_pdbx_validate_peptide_omega.label_alt_id_2   ? 
_pdbx_validate_peptide_omega.omega            -144.57 
# 
loop_
_pdbx_unobs_or_zero_occ_residues.id 
_pdbx_unobs_or_zero_occ_residues.PDB_model_num 
_pdbx_unobs_or_zero_occ_residues.polymer_flag 
_pdbx_unobs_or_zero_occ_residues.occupancy_flag 
_pdbx_unobs_or_zero_occ_residues.auth_asym_id 
_pdbx_unobs_or_zero_occ_residues.auth_comp_id 
_pdbx_unobs_or_zero_occ_residues.auth_seq_id 
_pdbx_unobs_or_zero_occ_residues.PDB_ins_code 
_pdbx_unobs_or_zero_occ_residues.label_asym_id 
_pdbx_unobs_or_zero_occ_residues.label_comp_id 
_pdbx_unobs_or_zero_occ_residues.label_seq_id 
1  1 Y 1 A MET 84  ? A MET 1   
2  1 Y 1 A GLY 85  ? A GLY 2   
3  1 Y 1 A SER 86  ? A SER 3   
4  1 Y 1 A SER 87  ? A SER 4   
5  1 Y 1 A HIS 88  ? A HIS 5   
6  1 Y 1 A HIS 89  ? A HIS 6   
7  1 Y 1 A HIS 90  ? A HIS 7   
8  1 Y 1 A HIS 91  ? A HIS 8   
9  1 Y 1 A HIS 92  ? A HIS 9   
10 1 Y 1 A HIS 93  ? A HIS 10  
11 1 Y 1 A SER 94  ? A SER 11  
12 1 Y 1 A SER 95  ? A SER 12  
13 1 Y 1 A GLY 96  ? A GLY 13  
14 1 Y 1 A LEU 97  ? A LEU 14  
15 1 Y 1 A VAL 98  ? A VAL 15  
16 1 Y 1 A PRO 99  ? A PRO 16  
17 1 Y 1 A ARG 100 ? A ARG 17  
18 1 Y 1 A GLY 101 ? A GLY 18  
19 1 Y 1 A SER 102 ? A SER 19  
20 1 Y 1 A HIS 103 ? A HIS 20  
21 1 Y 1 A MET 104 ? A MET 21  
22 1 Y 1 A ALA 105 ? A ALA 22  
23 1 Y 1 A SER 106 ? A SER 23  
24 1 Y 1 A MET 107 ? A MET 24  
25 1 Y 1 A THR 108 ? A THR 25  
26 1 Y 1 A GLY 109 ? A GLY 26  
27 1 Y 1 A GLY 110 ? A GLY 27  
28 1 Y 1 A GLN 111 ? A GLN 28  
29 1 Y 1 A GLN 112 ? A GLN 29  
30 1 Y 1 A MET 113 ? A MET 30  
31 1 Y 1 A GLY 114 ? A GLY 31  
32 1 Y 1 A ARG 115 ? A ARG 32  
33 1 Y 1 A GLY 116 ? A GLY 33  
34 1 Y 1 A SER 117 ? A SER 34  
35 1 Y 1 A ALA 118 ? A ALA 35  
36 1 Y 1 A PRO 119 ? A PRO 36  
37 1 Y 1 A THR 142 ? A THR 59  
38 1 Y 1 A ASP 143 ? A ASP 60  
39 1 Y 1 A ASN 144 ? A ASN 61  
40 1 Y 1 A GLY 145 ? A GLY 62  
41 1 Y 1 A THR 146 ? A THR 63  
42 1 Y 1 A GLY 147 ? A GLY 64  
43 1 Y 1 A THR 148 ? A THR 65  
44 1 Y 1 A ARG 292 ? A ARG 209 
45 1 Y 1 A ASN 293 ? A ASN 210 
# 
loop_
_chem_comp_atom.comp_id 
_chem_comp_atom.atom_id 
_chem_comp_atom.type_symbol 
_chem_comp_atom.pdbx_aromatic_flag 
_chem_comp_atom.pdbx_stereo_config 
_chem_comp_atom.pdbx_ordinal 
ALA N    N  N N 1   
ALA CA   C  N S 2   
ALA C    C  N N 3   
ALA O    O  N N 4   
ALA CB   C  N N 5   
ALA OXT  O  N N 6   
ALA H    H  N N 7   
ALA H2   H  N N 8   
ALA HA   H  N N 9   
ALA HB1  H  N N 10  
ALA HB2  H  N N 11  
ALA HB3  H  N N 12  
ALA HXT  H  N N 13  
ARG N    N  N N 14  
ARG CA   C  N S 15  
ARG C    C  N N 16  
ARG O    O  N N 17  
ARG CB   C  N N 18  
ARG CG   C  N N 19  
ARG CD   C  N N 20  
ARG NE   N  N N 21  
ARG CZ   C  N N 22  
ARG NH1  N  N N 23  
ARG NH2  N  N N 24  
ARG OXT  O  N N 25  
ARG H    H  N N 26  
ARG H2   H  N N 27  
ARG HA   H  N N 28  
ARG HB2  H  N N 29  
ARG HB3  H  N N 30  
ARG HG2  H  N N 31  
ARG HG3  H  N N 32  
ARG HD2  H  N N 33  
ARG HD3  H  N N 34  
ARG HE   H  N N 35  
ARG HH11 H  N N 36  
ARG HH12 H  N N 37  
ARG HH21 H  N N 38  
ARG HH22 H  N N 39  
ARG HXT  H  N N 40  
ASN N    N  N N 41  
ASN CA   C  N S 42  
ASN C    C  N N 43  
ASN O    O  N N 44  
ASN CB   C  N N 45  
ASN CG   C  N N 46  
ASN OD1  O  N N 47  
ASN ND2  N  N N 48  
ASN OXT  O  N N 49  
ASN H    H  N N 50  
ASN H2   H  N N 51  
ASN HA   H  N N 52  
ASN HB2  H  N N 53  
ASN HB3  H  N N 54  
ASN HD21 H  N N 55  
ASN HD22 H  N N 56  
ASN HXT  H  N N 57  
ASP N    N  N N 58  
ASP CA   C  N S 59  
ASP C    C  N N 60  
ASP O    O  N N 61  
ASP CB   C  N N 62  
ASP CG   C  N N 63  
ASP OD1  O  N N 64  
ASP OD2  O  N N 65  
ASP OXT  O  N N 66  
ASP H    H  N N 67  
ASP H2   H  N N 68  
ASP HA   H  N N 69  
ASP HB2  H  N N 70  
ASP HB3  H  N N 71  
ASP HD2  H  N N 72  
ASP HXT  H  N N 73  
CA  CA   CA N N 74  
GLN N    N  N N 75  
GLN CA   C  N S 76  
GLN C    C  N N 77  
GLN O    O  N N 78  
GLN CB   C  N N 79  
GLN CG   C  N N 80  
GLN CD   C  N N 81  
GLN OE1  O  N N 82  
GLN NE2  N  N N 83  
GLN OXT  O  N N 84  
GLN H    H  N N 85  
GLN H2   H  N N 86  
GLN HA   H  N N 87  
GLN HB2  H  N N 88  
GLN HB3  H  N N 89  
GLN HG2  H  N N 90  
GLN HG3  H  N N 91  
GLN HE21 H  N N 92  
GLN HE22 H  N N 93  
GLN HXT  H  N N 94  
GLU N    N  N N 95  
GLU CA   C  N S 96  
GLU C    C  N N 97  
GLU O    O  N N 98  
GLU CB   C  N N 99  
GLU CG   C  N N 100 
GLU CD   C  N N 101 
GLU OE1  O  N N 102 
GLU OE2  O  N N 103 
GLU OXT  O  N N 104 
GLU H    H  N N 105 
GLU H2   H  N N 106 
GLU HA   H  N N 107 
GLU HB2  H  N N 108 
GLU HB3  H  N N 109 
GLU HG2  H  N N 110 
GLU HG3  H  N N 111 
GLU HE2  H  N N 112 
GLU HXT  H  N N 113 
GLY N    N  N N 114 
GLY CA   C  N N 115 
GLY C    C  N N 116 
GLY O    O  N N 117 
GLY OXT  O  N N 118 
GLY H    H  N N 119 
GLY H2   H  N N 120 
GLY HA2  H  N N 121 
GLY HA3  H  N N 122 
GLY HXT  H  N N 123 
HIS N    N  N N 124 
HIS CA   C  N S 125 
HIS C    C  N N 126 
HIS O    O  N N 127 
HIS CB   C  N N 128 
HIS CG   C  Y N 129 
HIS ND1  N  Y N 130 
HIS CD2  C  Y N 131 
HIS CE1  C  Y N 132 
HIS NE2  N  Y N 133 
HIS OXT  O  N N 134 
HIS H    H  N N 135 
HIS H2   H  N N 136 
HIS HA   H  N N 137 
HIS HB2  H  N N 138 
HIS HB3  H  N N 139 
HIS HD1  H  N N 140 
HIS HD2  H  N N 141 
HIS HE1  H  N N 142 
HIS HE2  H  N N 143 
HIS HXT  H  N N 144 
HOH O    O  N N 145 
HOH H1   H  N N 146 
HOH H2   H  N N 147 
ILE N    N  N N 148 
ILE CA   C  N S 149 
ILE C    C  N N 150 
ILE O    O  N N 151 
ILE CB   C  N S 152 
ILE CG1  C  N N 153 
ILE CG2  C  N N 154 
ILE CD1  C  N N 155 
ILE OXT  O  N N 156 
ILE H    H  N N 157 
ILE H2   H  N N 158 
ILE HA   H  N N 159 
ILE HB   H  N N 160 
ILE HG12 H  N N 161 
ILE HG13 H  N N 162 
ILE HG21 H  N N 163 
ILE HG22 H  N N 164 
ILE HG23 H  N N 165 
ILE HD11 H  N N 166 
ILE HD12 H  N N 167 
ILE HD13 H  N N 168 
ILE HXT  H  N N 169 
LEU N    N  N N 170 
LEU CA   C  N S 171 
LEU C    C  N N 172 
LEU O    O  N N 173 
LEU CB   C  N N 174 
LEU CG   C  N N 175 
LEU CD1  C  N N 176 
LEU CD2  C  N N 177 
LEU OXT  O  N N 178 
LEU H    H  N N 179 
LEU H2   H  N N 180 
LEU HA   H  N N 181 
LEU HB2  H  N N 182 
LEU HB3  H  N N 183 
LEU HG   H  N N 184 
LEU HD11 H  N N 185 
LEU HD12 H  N N 186 
LEU HD13 H  N N 187 
LEU HD21 H  N N 188 
LEU HD22 H  N N 189 
LEU HD23 H  N N 190 
LEU HXT  H  N N 191 
LYS N    N  N N 192 
LYS CA   C  N S 193 
LYS C    C  N N 194 
LYS O    O  N N 195 
LYS CB   C  N N 196 
LYS CG   C  N N 197 
LYS CD   C  N N 198 
LYS CE   C  N N 199 
LYS NZ   N  N N 200 
LYS OXT  O  N N 201 
LYS H    H  N N 202 
LYS H2   H  N N 203 
LYS HA   H  N N 204 
LYS HB2  H  N N 205 
LYS HB3  H  N N 206 
LYS HG2  H  N N 207 
LYS HG3  H  N N 208 
LYS HD2  H  N N 209 
LYS HD3  H  N N 210 
LYS HE2  H  N N 211 
LYS HE3  H  N N 212 
LYS HZ1  H  N N 213 
LYS HZ2  H  N N 214 
LYS HZ3  H  N N 215 
LYS HXT  H  N N 216 
MET N    N  N N 217 
MET CA   C  N S 218 
MET C    C  N N 219 
MET O    O  N N 220 
MET CB   C  N N 221 
MET CG   C  N N 222 
MET SD   S  N N 223 
MET CE   C  N N 224 
MET OXT  O  N N 225 
MET H    H  N N 226 
MET H2   H  N N 227 
MET HA   H  N N 228 
MET HB2  H  N N 229 
MET HB3  H  N N 230 
MET HG2  H  N N 231 
MET HG3  H  N N 232 
MET HE1  H  N N 233 
MET HE2  H  N N 234 
MET HE3  H  N N 235 
MET HXT  H  N N 236 
PHE N    N  N N 237 
PHE CA   C  N S 238 
PHE C    C  N N 239 
PHE O    O  N N 240 
PHE CB   C  N N 241 
PHE CG   C  Y N 242 
PHE CD1  C  Y N 243 
PHE CD2  C  Y N 244 
PHE CE1  C  Y N 245 
PHE CE2  C  Y N 246 
PHE CZ   C  Y N 247 
PHE OXT  O  N N 248 
PHE H    H  N N 249 
PHE H2   H  N N 250 
PHE HA   H  N N 251 
PHE HB2  H  N N 252 
PHE HB3  H  N N 253 
PHE HD1  H  N N 254 
PHE HD2  H  N N 255 
PHE HE1  H  N N 256 
PHE HE2  H  N N 257 
PHE HZ   H  N N 258 
PHE HXT  H  N N 259 
PRO N    N  N N 260 
PRO CA   C  N S 261 
PRO C    C  N N 262 
PRO O    O  N N 263 
PRO CB   C  N N 264 
PRO CG   C  N N 265 
PRO CD   C  N N 266 
PRO OXT  O  N N 267 
PRO H    H  N N 268 
PRO HA   H  N N 269 
PRO HB2  H  N N 270 
PRO HB3  H  N N 271 
PRO HG2  H  N N 272 
PRO HG3  H  N N 273 
PRO HD2  H  N N 274 
PRO HD3  H  N N 275 
PRO HXT  H  N N 276 
SER N    N  N N 277 
SER CA   C  N S 278 
SER C    C  N N 279 
SER O    O  N N 280 
SER CB   C  N N 281 
SER OG   O  N N 282 
SER OXT  O  N N 283 
SER H    H  N N 284 
SER H2   H  N N 285 
SER HA   H  N N 286 
SER HB2  H  N N 287 
SER HB3  H  N N 288 
SER HG   H  N N 289 
SER HXT  H  N N 290 
THR N    N  N N 291 
THR CA   C  N S 292 
THR C    C  N N 293 
THR O    O  N N 294 
THR CB   C  N R 295 
THR OG1  O  N N 296 
THR CG2  C  N N 297 
THR OXT  O  N N 298 
THR H    H  N N 299 
THR H2   H  N N 300 
THR HA   H  N N 301 
THR HB   H  N N 302 
THR HG1  H  N N 303 
THR HG21 H  N N 304 
THR HG22 H  N N 305 
THR HG23 H  N N 306 
THR HXT  H  N N 307 
TYR N    N  N N 308 
TYR CA   C  N S 309 
TYR C    C  N N 310 
TYR O    O  N N 311 
TYR CB   C  N N 312 
TYR CG   C  Y N 313 
TYR CD1  C  Y N 314 
TYR CD2  C  Y N 315 
TYR CE1  C  Y N 316 
TYR CE2  C  Y N 317 
TYR CZ   C  Y N 318 
TYR OH   O  N N 319 
TYR OXT  O  N N 320 
TYR H    H  N N 321 
TYR H2   H  N N 322 
TYR HA   H  N N 323 
TYR HB2  H  N N 324 
TYR HB3  H  N N 325 
TYR HD1  H  N N 326 
TYR HD2  H  N N 327 
TYR HE1  H  N N 328 
TYR HE2  H  N N 329 
TYR HH   H  N N 330 
TYR HXT  H  N N 331 
VAL N    N  N N 332 
VAL CA   C  N S 333 
VAL C    C  N N 334 
VAL O    O  N N 335 
VAL CB   C  N N 336 
VAL CG1  C  N N 337 
VAL CG2  C  N N 338 
VAL OXT  O  N N 339 
VAL H    H  N N 340 
VAL H2   H  N N 341 
VAL HA   H  N N 342 
VAL HB   H  N N 343 
VAL HG11 H  N N 344 
VAL HG12 H  N N 345 
VAL HG13 H  N N 346 
VAL HG21 H  N N 347 
VAL HG22 H  N N 348 
VAL HG23 H  N N 349 
VAL HXT  H  N N 350 
# 
loop_
_chem_comp_bond.comp_id 
_chem_comp_bond.atom_id_1 
_chem_comp_bond.atom_id_2 
_chem_comp_bond.value_order 
_chem_comp_bond.pdbx_aromatic_flag 
_chem_comp_bond.pdbx_stereo_config 
_chem_comp_bond.pdbx_ordinal 
ALA N   CA   sing N N 1   
ALA N   H    sing N N 2   
ALA N   H2   sing N N 3   
ALA CA  C    sing N N 4   
ALA CA  CB   sing N N 5   
ALA CA  HA   sing N N 6   
ALA C   O    doub N N 7   
ALA C   OXT  sing N N 8   
ALA CB  HB1  sing N N 9   
ALA CB  HB2  sing N N 10  
ALA CB  HB3  sing N N 11  
ALA OXT HXT  sing N N 12  
ARG N   CA   sing N N 13  
ARG N   H    sing N N 14  
ARG N   H2   sing N N 15  
ARG CA  C    sing N N 16  
ARG CA  CB   sing N N 17  
ARG CA  HA   sing N N 18  
ARG C   O    doub N N 19  
ARG C   OXT  sing N N 20  
ARG CB  CG   sing N N 21  
ARG CB  HB2  sing N N 22  
ARG CB  HB3  sing N N 23  
ARG CG  CD   sing N N 24  
ARG CG  HG2  sing N N 25  
ARG CG  HG3  sing N N 26  
ARG CD  NE   sing N N 27  
ARG CD  HD2  sing N N 28  
ARG CD  HD3  sing N N 29  
ARG NE  CZ   sing N N 30  
ARG NE  HE   sing N N 31  
ARG CZ  NH1  sing N N 32  
ARG CZ  NH2  doub N N 33  
ARG NH1 HH11 sing N N 34  
ARG NH1 HH12 sing N N 35  
ARG NH2 HH21 sing N N 36  
ARG NH2 HH22 sing N N 37  
ARG OXT HXT  sing N N 38  
ASN N   CA   sing N N 39  
ASN N   H    sing N N 40  
ASN N   H2   sing N N 41  
ASN CA  C    sing N N 42  
ASN CA  CB   sing N N 43  
ASN CA  HA   sing N N 44  
ASN C   O    doub N N 45  
ASN C   OXT  sing N N 46  
ASN CB  CG   sing N N 47  
ASN CB  HB2  sing N N 48  
ASN CB  HB3  sing N N 49  
ASN CG  OD1  doub N N 50  
ASN CG  ND2  sing N N 51  
ASN ND2 HD21 sing N N 52  
ASN ND2 HD22 sing N N 53  
ASN OXT HXT  sing N N 54  
ASP N   CA   sing N N 55  
ASP N   H    sing N N 56  
ASP N   H2   sing N N 57  
ASP CA  C    sing N N 58  
ASP CA  CB   sing N N 59  
ASP CA  HA   sing N N 60  
ASP C   O    doub N N 61  
ASP C   OXT  sing N N 62  
ASP CB  CG   sing N N 63  
ASP CB  HB2  sing N N 64  
ASP CB  HB3  sing N N 65  
ASP CG  OD1  doub N N 66  
ASP CG  OD2  sing N N 67  
ASP OD2 HD2  sing N N 68  
ASP OXT HXT  sing N N 69  
GLN N   CA   sing N N 70  
GLN N   H    sing N N 71  
GLN N   H2   sing N N 72  
GLN CA  C    sing N N 73  
GLN CA  CB   sing N N 74  
GLN CA  HA   sing N N 75  
GLN C   O    doub N N 76  
GLN C   OXT  sing N N 77  
GLN CB  CG   sing N N 78  
GLN CB  HB2  sing N N 79  
GLN CB  HB3  sing N N 80  
GLN CG  CD   sing N N 81  
GLN CG  HG2  sing N N 82  
GLN CG  HG3  sing N N 83  
GLN CD  OE1  doub N N 84  
GLN CD  NE2  sing N N 85  
GLN NE2 HE21 sing N N 86  
GLN NE2 HE22 sing N N 87  
GLN OXT HXT  sing N N 88  
GLU N   CA   sing N N 89  
GLU N   H    sing N N 90  
GLU N   H2   sing N N 91  
GLU CA  C    sing N N 92  
GLU CA  CB   sing N N 93  
GLU CA  HA   sing N N 94  
GLU C   O    doub N N 95  
GLU C   OXT  sing N N 96  
GLU CB  CG   sing N N 97  
GLU CB  HB2  sing N N 98  
GLU CB  HB3  sing N N 99  
GLU CG  CD   sing N N 100 
GLU CG  HG2  sing N N 101 
GLU CG  HG3  sing N N 102 
GLU CD  OE1  doub N N 103 
GLU CD  OE2  sing N N 104 
GLU OE2 HE2  sing N N 105 
GLU OXT HXT  sing N N 106 
GLY N   CA   sing N N 107 
GLY N   H    sing N N 108 
GLY N   H2   sing N N 109 
GLY CA  C    sing N N 110 
GLY CA  HA2  sing N N 111 
GLY CA  HA3  sing N N 112 
GLY C   O    doub N N 113 
GLY C   OXT  sing N N 114 
GLY OXT HXT  sing N N 115 
HIS N   CA   sing N N 116 
HIS N   H    sing N N 117 
HIS N   H2   sing N N 118 
HIS CA  C    sing N N 119 
HIS CA  CB   sing N N 120 
HIS CA  HA   sing N N 121 
HIS C   O    doub N N 122 
HIS C   OXT  sing N N 123 
HIS CB  CG   sing N N 124 
HIS CB  HB2  sing N N 125 
HIS CB  HB3  sing N N 126 
HIS CG  ND1  sing Y N 127 
HIS CG  CD2  doub Y N 128 
HIS ND1 CE1  doub Y N 129 
HIS ND1 HD1  sing N N 130 
HIS CD2 NE2  sing Y N 131 
HIS CD2 HD2  sing N N 132 
HIS CE1 NE2  sing Y N 133 
HIS CE1 HE1  sing N N 134 
HIS NE2 HE2  sing N N 135 
HIS OXT HXT  sing N N 136 
HOH O   H1   sing N N 137 
HOH O   H2   sing N N 138 
ILE N   CA   sing N N 139 
ILE N   H    sing N N 140 
ILE N   H2   sing N N 141 
ILE CA  C    sing N N 142 
ILE CA  CB   sing N N 143 
ILE CA  HA   sing N N 144 
ILE C   O    doub N N 145 
ILE C   OXT  sing N N 146 
ILE CB  CG1  sing N N 147 
ILE CB  CG2  sing N N 148 
ILE CB  HB   sing N N 149 
ILE CG1 CD1  sing N N 150 
ILE CG1 HG12 sing N N 151 
ILE CG1 HG13 sing N N 152 
ILE CG2 HG21 sing N N 153 
ILE CG2 HG22 sing N N 154 
ILE CG2 HG23 sing N N 155 
ILE CD1 HD11 sing N N 156 
ILE CD1 HD12 sing N N 157 
ILE CD1 HD13 sing N N 158 
ILE OXT HXT  sing N N 159 
LEU N   CA   sing N N 160 
LEU N   H    sing N N 161 
LEU N   H2   sing N N 162 
LEU CA  C    sing N N 163 
LEU CA  CB   sing N N 164 
LEU CA  HA   sing N N 165 
LEU C   O    doub N N 166 
LEU C   OXT  sing N N 167 
LEU CB  CG   sing N N 168 
LEU CB  HB2  sing N N 169 
LEU CB  HB3  sing N N 170 
LEU CG  CD1  sing N N 171 
LEU CG  CD2  sing N N 172 
LEU CG  HG   sing N N 173 
LEU CD1 HD11 sing N N 174 
LEU CD1 HD12 sing N N 175 
LEU CD1 HD13 sing N N 176 
LEU CD2 HD21 sing N N 177 
LEU CD2 HD22 sing N N 178 
LEU CD2 HD23 sing N N 179 
LEU OXT HXT  sing N N 180 
LYS N   CA   sing N N 181 
LYS N   H    sing N N 182 
LYS N   H2   sing N N 183 
LYS CA  C    sing N N 184 
LYS CA  CB   sing N N 185 
LYS CA  HA   sing N N 186 
LYS C   O    doub N N 187 
LYS C   OXT  sing N N 188 
LYS CB  CG   sing N N 189 
LYS CB  HB2  sing N N 190 
LYS CB  HB3  sing N N 191 
LYS CG  CD   sing N N 192 
LYS CG  HG2  sing N N 193 
LYS CG  HG3  sing N N 194 
LYS CD  CE   sing N N 195 
LYS CD  HD2  sing N N 196 
LYS CD  HD3  sing N N 197 
LYS CE  NZ   sing N N 198 
LYS CE  HE2  sing N N 199 
LYS CE  HE3  sing N N 200 
LYS NZ  HZ1  sing N N 201 
LYS NZ  HZ2  sing N N 202 
LYS NZ  HZ3  sing N N 203 
LYS OXT HXT  sing N N 204 
MET N   CA   sing N N 205 
MET N   H    sing N N 206 
MET N   H2   sing N N 207 
MET CA  C    sing N N 208 
MET CA  CB   sing N N 209 
MET CA  HA   sing N N 210 
MET C   O    doub N N 211 
MET C   OXT  sing N N 212 
MET CB  CG   sing N N 213 
MET CB  HB2  sing N N 214 
MET CB  HB3  sing N N 215 
MET CG  SD   sing N N 216 
MET CG  HG2  sing N N 217 
MET CG  HG3  sing N N 218 
MET SD  CE   sing N N 219 
MET CE  HE1  sing N N 220 
MET CE  HE2  sing N N 221 
MET CE  HE3  sing N N 222 
MET OXT HXT  sing N N 223 
PHE N   CA   sing N N 224 
PHE N   H    sing N N 225 
PHE N   H2   sing N N 226 
PHE CA  C    sing N N 227 
PHE CA  CB   sing N N 228 
PHE CA  HA   sing N N 229 
PHE C   O    doub N N 230 
PHE C   OXT  sing N N 231 
PHE CB  CG   sing N N 232 
PHE CB  HB2  sing N N 233 
PHE CB  HB3  sing N N 234 
PHE CG  CD1  doub Y N 235 
PHE CG  CD2  sing Y N 236 
PHE CD1 CE1  sing Y N 237 
PHE CD1 HD1  sing N N 238 
PHE CD2 CE2  doub Y N 239 
PHE CD2 HD2  sing N N 240 
PHE CE1 CZ   doub Y N 241 
PHE CE1 HE1  sing N N 242 
PHE CE2 CZ   sing Y N 243 
PHE CE2 HE2  sing N N 244 
PHE CZ  HZ   sing N N 245 
PHE OXT HXT  sing N N 246 
PRO N   CA   sing N N 247 
PRO N   CD   sing N N 248 
PRO N   H    sing N N 249 
PRO CA  C    sing N N 250 
PRO CA  CB   sing N N 251 
PRO CA  HA   sing N N 252 
PRO C   O    doub N N 253 
PRO C   OXT  sing N N 254 
PRO CB  CG   sing N N 255 
PRO CB  HB2  sing N N 256 
PRO CB  HB3  sing N N 257 
PRO CG  CD   sing N N 258 
PRO CG  HG2  sing N N 259 
PRO CG  HG3  sing N N 260 
PRO CD  HD2  sing N N 261 
PRO CD  HD3  sing N N 262 
PRO OXT HXT  sing N N 263 
SER N   CA   sing N N 264 
SER N   H    sing N N 265 
SER N   H2   sing N N 266 
SER CA  C    sing N N 267 
SER CA  CB   sing N N 268 
SER CA  HA   sing N N 269 
SER C   O    doub N N 270 
SER C   OXT  sing N N 271 
SER CB  OG   sing N N 272 
SER CB  HB2  sing N N 273 
SER CB  HB3  sing N N 274 
SER OG  HG   sing N N 275 
SER OXT HXT  sing N N 276 
THR N   CA   sing N N 277 
THR N   H    sing N N 278 
THR N   H2   sing N N 279 
THR CA  C    sing N N 280 
THR CA  CB   sing N N 281 
THR CA  HA   sing N N 282 
THR C   O    doub N N 283 
THR C   OXT  sing N N 284 
THR CB  OG1  sing N N 285 
THR CB  CG2  sing N N 286 
THR CB  HB   sing N N 287 
THR OG1 HG1  sing N N 288 
THR CG2 HG21 sing N N 289 
THR CG2 HG22 sing N N 290 
THR CG2 HG23 sing N N 291 
THR OXT HXT  sing N N 292 
TYR N   CA   sing N N 293 
TYR N   H    sing N N 294 
TYR N   H2   sing N N 295 
TYR CA  C    sing N N 296 
TYR CA  CB   sing N N 297 
TYR CA  HA   sing N N 298 
TYR C   O    doub N N 299 
TYR C   OXT  sing N N 300 
TYR CB  CG   sing N N 301 
TYR CB  HB2  sing N N 302 
TYR CB  HB3  sing N N 303 
TYR CG  CD1  doub Y N 304 
TYR CG  CD2  sing Y N 305 
TYR CD1 CE1  sing Y N 306 
TYR CD1 HD1  sing N N 307 
TYR CD2 CE2  doub Y N 308 
TYR CD2 HD2  sing N N 309 
TYR CE1 CZ   doub Y N 310 
TYR CE1 HE1  sing N N 311 
TYR CE2 CZ   sing Y N 312 
TYR CE2 HE2  sing N N 313 
TYR CZ  OH   sing N N 314 
TYR OH  HH   sing N N 315 
TYR OXT HXT  sing N N 316 
VAL N   CA   sing N N 317 
VAL N   H    sing N N 318 
VAL N   H2   sing N N 319 
VAL CA  C    sing N N 320 
VAL CA  CB   sing N N 321 
VAL CA  HA   sing N N 322 
VAL C   O    doub N N 323 
VAL C   OXT  sing N N 324 
VAL CB  CG1  sing N N 325 
VAL CB  CG2  sing N N 326 
VAL CB  HB   sing N N 327 
VAL CG1 HG11 sing N N 328 
VAL CG1 HG12 sing N N 329 
VAL CG1 HG13 sing N N 330 
VAL CG2 HG21 sing N N 331 
VAL CG2 HG22 sing N N 332 
VAL CG2 HG23 sing N N 333 
VAL OXT HXT  sing N N 334 
# 
loop_
_pdbx_entity_nonpoly.entity_id 
_pdbx_entity_nonpoly.name 
_pdbx_entity_nonpoly.comp_id 
2 'CALCIUM ION' CA  
3 water         HOH 
# 
_pdbx_initial_refinement_model.id               1 
_pdbx_initial_refinement_model.entity_id_list   ? 
_pdbx_initial_refinement_model.type             'experimental model' 
_pdbx_initial_refinement_model.source_name      PDB 
_pdbx_initial_refinement_model.accession_code   4M02 
_pdbx_initial_refinement_model.details          ? 
# 
